data_3L46
# 
_entry.id   3L46 
# 
_audit_conform.dict_name       mmcif_pdbx.dic 
_audit_conform.dict_version    5.378 
_audit_conform.dict_location   http://mmcif.pdb.org/dictionaries/ascii/mmcif_pdbx.dic 
# 
loop_
_database_2.database_id 
_database_2.database_code 
_database_2.pdbx_database_accession 
_database_2.pdbx_DOI 
PDB   3L46         pdb_00003l46 10.2210/pdb3l46/pdb 
RCSB  RCSB056810   ?            ?                   
WWPDB D_1000056810 ?            ?                   
# 
_pdbx_database_status.entry_id                        3L46 
_pdbx_database_status.deposit_site                    RCSB 
_pdbx_database_status.process_site                    RCSB 
_pdbx_database_status.recvd_initial_deposition_date   2009-12-18 
_pdbx_database_status.status_code                     REL 
_pdbx_database_status.status_code_sf                  REL 
_pdbx_database_status.status_code_mr                  ? 
_pdbx_database_status.SG_entry                        Y 
_pdbx_database_status.status_code_cs                  ? 
_pdbx_database_status.methods_development_category    ? 
_pdbx_database_status.pdb_format_compatible           Y 
_pdbx_database_status.status_code_nmr_data            ? 
# 
loop_
_audit_author.name 
_audit_author.pdbx_ordinal 
'Nedyalkova, L.'                       1  
'Tempel, W.'                           2  
'Tong, Y.'                             3  
'Crombet, L.'                          4  
'Wang, H.'                             5  
'Guan, X.'                             6  
'Arrowsmith, C.H.'                     7  
'Edwards, A.M.'                        8  
'Bountra, C.'                          9  
'Weigelt, J.'                          10 
'Bochkarev, A.'                        11 
'Park, H.'                             12 
'Structural Genomics Consortium (SGC)' 13 
# 
_citation.id                        primary 
_citation.title                     'Crystal structure of the second BRCT domain of epithelial cell transforming 2 (ECT2)' 
_citation.journal_abbrev            'to be published' 
_citation.journal_volume            ? 
_citation.page_first                ? 
_citation.page_last                 ? 
_citation.year                      ? 
_citation.journal_id_ASTM           ? 
_citation.country                   ? 
_citation.journal_id_ISSN           ? 
_citation.journal_id_CSD            0353 
_citation.book_publisher            ? 
_citation.pdbx_database_id_PubMed   ? 
_citation.pdbx_database_id_DOI      ? 
# 
loop_
_citation_author.citation_id 
_citation_author.name 
_citation_author.ordinal 
_citation_author.identifier_ORCID 
primary 'Nedyalkova, L.'   1  ? 
primary 'Tempel, W.'       2  ? 
primary 'Tong, Y.'         3  ? 
primary 'Crombet, L.'      4  ? 
primary 'Wang, H.'         5  ? 
primary 'Guan, X.'         6  ? 
primary 'Arrowsmith, C.H.' 7  ? 
primary 'Edwards, A.M.'    8  ? 
primary 'Bountra, C.'      9  ? 
primary 'Weigelt, J.'      10 ? 
primary 'Bochkarev, A.'    11 ? 
primary 'Park, H.'         12 ? 
# 
_cell.entry_id           3L46 
_cell.length_a           42.158 
_cell.length_b           60.630 
_cell.length_c           74.004 
_cell.angle_alpha        90.000 
_cell.angle_beta         90.000 
_cell.angle_gamma        90.000 
_cell.pdbx_unique_axis   ? 
_cell.Z_PDB              8 
_cell.length_a_esd       ? 
_cell.length_b_esd       ? 
_cell.length_c_esd       ? 
_cell.angle_alpha_esd    ? 
_cell.angle_beta_esd     ? 
_cell.angle_gamma_esd    ? 
# 
_symmetry.entry_id                         3L46 
_symmetry.space_group_name_H-M             'P 21 21 21' 
_symmetry.Int_Tables_number                19 
_symmetry.pdbx_full_space_group_name_H-M   ? 
_symmetry.cell_setting                     ? 
_symmetry.space_group_name_Hall            ? 
# 
loop_
_entity.id 
_entity.type 
_entity.src_method 
_entity.pdbx_description 
_entity.formula_weight 
_entity.pdbx_number_of_molecules 
_entity.pdbx_ec 
_entity.pdbx_mutation 
_entity.pdbx_fragment 
_entity.details 
1 polymer     man 'Protein ECT2'        13138.763 2   ? ? ? ? 
2 non-polymer syn 'UNKNOWN ATOM OR ION' ?         3   ? ? ? ? 
3 water       nat water                 18.015    119 ? ? ? ? 
# 
_entity_name_com.entity_id   1 
_entity_name_com.name        'Epithelial cell-transforming sequence 2 oncogene' 
# 
_entity_poly.entity_id                      1 
_entity_poly.type                           'polypeptide(L)' 
_entity_poly.nstd_linkage                   no 
_entity_poly.nstd_monomer                   no 
_entity_poly.pdbx_seq_one_letter_code       
;MHHHHHHSSGRENLYFQGVPPFQDCILSFLGFSDEEKTNMEEMTEMQGGKYLPLGDERCTHLVVEENIVKDLPFEPSKKL
YVVKQEWFWGSIQMDARAGETMYLYEKANTPE
;
_entity_poly.pdbx_seq_one_letter_code_can   
;MHHHHHHSSGRENLYFQGVPPFQDCILSFLGFSDEEKTNMEEMTEMQGGKYLPLGDERCTHLVVEENIVKDLPFEPSKKL
YVVKQEWFWGSIQMDARAGETMYLYEKANTPE
;
_entity_poly.pdbx_strand_id                 A,B 
_entity_poly.pdbx_target_identifier         ? 
# 
loop_
_entity_poly_seq.entity_id 
_entity_poly_seq.num 
_entity_poly_seq.mon_id 
_entity_poly_seq.hetero 
1 1   MET n 
1 2   HIS n 
1 3   HIS n 
1 4   HIS n 
1 5   HIS n 
1 6   HIS n 
1 7   HIS n 
1 8   SER n 
1 9   SER n 
1 10  GLY n 
1 11  ARG n 
1 12  GLU n 
1 13  ASN n 
1 14  LEU n 
1 15  TYR n 
1 16  PHE n 
1 17  GLN n 
1 18  GLY n 
1 19  VAL n 
1 20  PRO n 
1 21  PRO n 
1 22  PHE n 
1 23  GLN n 
1 24  ASP n 
1 25  CYS n 
1 26  ILE n 
1 27  LEU n 
1 28  SER n 
1 29  PHE n 
1 30  LEU n 
1 31  GLY n 
1 32  PHE n 
1 33  SER n 
1 34  ASP n 
1 35  GLU n 
1 36  GLU n 
1 37  LYS n 
1 38  THR n 
1 39  ASN n 
1 40  MET n 
1 41  GLU n 
1 42  GLU n 
1 43  MET n 
1 44  THR n 
1 45  GLU n 
1 46  MET n 
1 47  GLN n 
1 48  GLY n 
1 49  GLY n 
1 50  LYS n 
1 51  TYR n 
1 52  LEU n 
1 53  PRO n 
1 54  LEU n 
1 55  GLY n 
1 56  ASP n 
1 57  GLU n 
1 58  ARG n 
1 59  CYS n 
1 60  THR n 
1 61  HIS n 
1 62  LEU n 
1 63  VAL n 
1 64  VAL n 
1 65  GLU n 
1 66  GLU n 
1 67  ASN n 
1 68  ILE n 
1 69  VAL n 
1 70  LYS n 
1 71  ASP n 
1 72  LEU n 
1 73  PRO n 
1 74  PHE n 
1 75  GLU n 
1 76  PRO n 
1 77  SER n 
1 78  LYS n 
1 79  LYS n 
1 80  LEU n 
1 81  TYR n 
1 82  VAL n 
1 83  VAL n 
1 84  LYS n 
1 85  GLN n 
1 86  GLU n 
1 87  TRP n 
1 88  PHE n 
1 89  TRP n 
1 90  GLY n 
1 91  SER n 
1 92  ILE n 
1 93  GLN n 
1 94  MET n 
1 95  ASP n 
1 96  ALA n 
1 97  ARG n 
1 98  ALA n 
1 99  GLY n 
1 100 GLU n 
1 101 THR n 
1 102 MET n 
1 103 TYR n 
1 104 LEU n 
1 105 TYR n 
1 106 GLU n 
1 107 LYS n 
1 108 ALA n 
1 109 ASN n 
1 110 THR n 
1 111 PRO n 
1 112 GLU n 
# 
_entity_src_gen.entity_id                          1 
_entity_src_gen.pdbx_src_id                        1 
_entity_src_gen.pdbx_alt_source_flag               sample 
_entity_src_gen.pdbx_seq_type                      ? 
_entity_src_gen.pdbx_beg_seq_num                   ? 
_entity_src_gen.pdbx_end_seq_num                   ? 
_entity_src_gen.gene_src_common_name               human 
_entity_src_gen.gene_src_genus                     ? 
_entity_src_gen.pdbx_gene_src_gene                 ECT2 
_entity_src_gen.gene_src_species                   ? 
_entity_src_gen.gene_src_strain                    ? 
_entity_src_gen.gene_src_tissue                    ? 
_entity_src_gen.gene_src_tissue_fraction           ? 
_entity_src_gen.gene_src_details                   ? 
_entity_src_gen.pdbx_gene_src_fragment             ? 
_entity_src_gen.pdbx_gene_src_scientific_name      'Homo sapiens' 
_entity_src_gen.pdbx_gene_src_ncbi_taxonomy_id     9606 
_entity_src_gen.pdbx_gene_src_variant              ? 
_entity_src_gen.pdbx_gene_src_cell_line            ? 
_entity_src_gen.pdbx_gene_src_atcc                 ? 
_entity_src_gen.pdbx_gene_src_organ                ? 
_entity_src_gen.pdbx_gene_src_organelle            ? 
_entity_src_gen.pdbx_gene_src_cell                 ? 
_entity_src_gen.pdbx_gene_src_cellular_location    ? 
_entity_src_gen.host_org_common_name               ? 
_entity_src_gen.pdbx_host_org_scientific_name      'Escherichia coli' 
_entity_src_gen.pdbx_host_org_ncbi_taxonomy_id     562 
_entity_src_gen.host_org_genus                     ? 
_entity_src_gen.pdbx_host_org_gene                 ? 
_entity_src_gen.pdbx_host_org_organ                ? 
_entity_src_gen.host_org_species                   ? 
_entity_src_gen.pdbx_host_org_tissue               ? 
_entity_src_gen.pdbx_host_org_tissue_fraction      ? 
_entity_src_gen.pdbx_host_org_strain               BL21-V2R-pRARE2 
_entity_src_gen.pdbx_host_org_variant              ? 
_entity_src_gen.pdbx_host_org_cell_line            ? 
_entity_src_gen.pdbx_host_org_atcc                 ? 
_entity_src_gen.pdbx_host_org_culture_collection   ? 
_entity_src_gen.pdbx_host_org_cell                 ? 
_entity_src_gen.pdbx_host_org_organelle            ? 
_entity_src_gen.pdbx_host_org_cellular_location    ? 
_entity_src_gen.pdbx_host_org_vector_type          plasmid 
_entity_src_gen.pdbx_host_org_vector               ? 
_entity_src_gen.host_org_details                   ? 
_entity_src_gen.expression_system_id               ? 
_entity_src_gen.plasmid_name                       pET28-MHL 
_entity_src_gen.plasmid_details                    ? 
_entity_src_gen.pdbx_description                   ? 
# 
_struct_ref.id                         1 
_struct_ref.db_name                    UNP 
_struct_ref.db_code                    ECT2_HUMAN 
_struct_ref.pdbx_db_accession          Q9H8V3 
_struct_ref.entity_id                  1 
_struct_ref.pdbx_seq_one_letter_code   
;VPPFQDCILSFLGFSDEEKTNMEEMTEMQGGKYLPLGDERCTHLVVEENIVKDLPFEPSKKLYVVKQEWFWGSIQMDARA
GETMYLYEKANTPE
;
_struct_ref.pdbx_align_begin           237 
_struct_ref.pdbx_db_isoform            ? 
# 
loop_
_struct_ref_seq.align_id 
_struct_ref_seq.ref_id 
_struct_ref_seq.pdbx_PDB_id_code 
_struct_ref_seq.pdbx_strand_id 
_struct_ref_seq.seq_align_beg 
_struct_ref_seq.pdbx_seq_align_beg_ins_code 
_struct_ref_seq.seq_align_end 
_struct_ref_seq.pdbx_seq_align_end_ins_code 
_struct_ref_seq.pdbx_db_accession 
_struct_ref_seq.db_align_beg 
_struct_ref_seq.pdbx_db_align_beg_ins_code 
_struct_ref_seq.db_align_end 
_struct_ref_seq.pdbx_db_align_end_ins_code 
_struct_ref_seq.pdbx_auth_seq_align_beg 
_struct_ref_seq.pdbx_auth_seq_align_end 
1 1 3L46 A 19 ? 112 ? Q9H8V3 237 ? 330 ? 237 330 
2 1 3L46 B 19 ? 112 ? Q9H8V3 237 ? 330 ? 237 330 
# 
loop_
_struct_ref_seq_dif.align_id 
_struct_ref_seq_dif.pdbx_pdb_id_code 
_struct_ref_seq_dif.mon_id 
_struct_ref_seq_dif.pdbx_pdb_strand_id 
_struct_ref_seq_dif.seq_num 
_struct_ref_seq_dif.pdbx_pdb_ins_code 
_struct_ref_seq_dif.pdbx_seq_db_name 
_struct_ref_seq_dif.pdbx_seq_db_accession_code 
_struct_ref_seq_dif.db_mon_id 
_struct_ref_seq_dif.pdbx_seq_db_seq_num 
_struct_ref_seq_dif.details 
_struct_ref_seq_dif.pdbx_auth_seq_num 
_struct_ref_seq_dif.pdbx_ordinal 
1 3L46 MET A 1  ? UNP Q9H8V3 ? ? 'expression tag' 219 1  
1 3L46 HIS A 2  ? UNP Q9H8V3 ? ? 'expression tag' 220 2  
1 3L46 HIS A 3  ? UNP Q9H8V3 ? ? 'expression tag' 221 3  
1 3L46 HIS A 4  ? UNP Q9H8V3 ? ? 'expression tag' 222 4  
1 3L46 HIS A 5  ? UNP Q9H8V3 ? ? 'expression tag' 223 5  
1 3L46 HIS A 6  ? UNP Q9H8V3 ? ? 'expression tag' 224 6  
1 3L46 HIS A 7  ? UNP Q9H8V3 ? ? 'expression tag' 225 7  
1 3L46 SER A 8  ? UNP Q9H8V3 ? ? 'expression tag' 226 8  
1 3L46 SER A 9  ? UNP Q9H8V3 ? ? 'expression tag' 227 9  
1 3L46 GLY A 10 ? UNP Q9H8V3 ? ? 'expression tag' 228 10 
1 3L46 ARG A 11 ? UNP Q9H8V3 ? ? 'expression tag' 229 11 
1 3L46 GLU A 12 ? UNP Q9H8V3 ? ? 'expression tag' 230 12 
1 3L46 ASN A 13 ? UNP Q9H8V3 ? ? 'expression tag' 231 13 
1 3L46 LEU A 14 ? UNP Q9H8V3 ? ? 'expression tag' 232 14 
1 3L46 TYR A 15 ? UNP Q9H8V3 ? ? 'expression tag' 233 15 
1 3L46 PHE A 16 ? UNP Q9H8V3 ? ? 'expression tag' 234 16 
1 3L46 GLN A 17 ? UNP Q9H8V3 ? ? 'expression tag' 235 17 
1 3L46 GLY A 18 ? UNP Q9H8V3 ? ? 'expression tag' 236 18 
2 3L46 MET B 1  ? UNP Q9H8V3 ? ? 'expression tag' 219 19 
2 3L46 HIS B 2  ? UNP Q9H8V3 ? ? 'expression tag' 220 20 
2 3L46 HIS B 3  ? UNP Q9H8V3 ? ? 'expression tag' 221 21 
2 3L46 HIS B 4  ? UNP Q9H8V3 ? ? 'expression tag' 222 22 
2 3L46 HIS B 5  ? UNP Q9H8V3 ? ? 'expression tag' 223 23 
2 3L46 HIS B 6  ? UNP Q9H8V3 ? ? 'expression tag' 224 24 
2 3L46 HIS B 7  ? UNP Q9H8V3 ? ? 'expression tag' 225 25 
2 3L46 SER B 8  ? UNP Q9H8V3 ? ? 'expression tag' 226 26 
2 3L46 SER B 9  ? UNP Q9H8V3 ? ? 'expression tag' 227 27 
2 3L46 GLY B 10 ? UNP Q9H8V3 ? ? 'expression tag' 228 28 
2 3L46 ARG B 11 ? UNP Q9H8V3 ? ? 'expression tag' 229 29 
2 3L46 GLU B 12 ? UNP Q9H8V3 ? ? 'expression tag' 230 30 
2 3L46 ASN B 13 ? UNP Q9H8V3 ? ? 'expression tag' 231 31 
2 3L46 LEU B 14 ? UNP Q9H8V3 ? ? 'expression tag' 232 32 
2 3L46 TYR B 15 ? UNP Q9H8V3 ? ? 'expression tag' 233 33 
2 3L46 PHE B 16 ? UNP Q9H8V3 ? ? 'expression tag' 234 34 
2 3L46 GLN B 17 ? UNP Q9H8V3 ? ? 'expression tag' 235 35 
2 3L46 GLY B 18 ? UNP Q9H8V3 ? ? 'expression tag' 236 36 
# 
loop_
_chem_comp.id 
_chem_comp.type 
_chem_comp.mon_nstd_flag 
_chem_comp.name 
_chem_comp.pdbx_synonyms 
_chem_comp.formula 
_chem_comp.formula_weight 
ALA 'L-peptide linking' y ALANINE               ? 'C3 H7 N O2'     89.093  
ARG 'L-peptide linking' y ARGININE              ? 'C6 H15 N4 O2 1' 175.209 
ASN 'L-peptide linking' y ASPARAGINE            ? 'C4 H8 N2 O3'    132.118 
ASP 'L-peptide linking' y 'ASPARTIC ACID'       ? 'C4 H7 N O4'     133.103 
CYS 'L-peptide linking' y CYSTEINE              ? 'C3 H7 N O2 S'   121.158 
GLN 'L-peptide linking' y GLUTAMINE             ? 'C5 H10 N2 O3'   146.144 
GLU 'L-peptide linking' y 'GLUTAMIC ACID'       ? 'C5 H9 N O4'     147.129 
GLY 'peptide linking'   y GLYCINE               ? 'C2 H5 N O2'     75.067  
HIS 'L-peptide linking' y HISTIDINE             ? 'C6 H10 N3 O2 1' 156.162 
HOH non-polymer         . WATER                 ? 'H2 O'           18.015  
ILE 'L-peptide linking' y ISOLEUCINE            ? 'C6 H13 N O2'    131.173 
LEU 'L-peptide linking' y LEUCINE               ? 'C6 H13 N O2'    131.173 
LYS 'L-peptide linking' y LYSINE                ? 'C6 H15 N2 O2 1' 147.195 
MET 'L-peptide linking' y METHIONINE            ? 'C5 H11 N O2 S'  149.211 
PHE 'L-peptide linking' y PHENYLALANINE         ? 'C9 H11 N O2'    165.189 
PRO 'L-peptide linking' y PROLINE               ? 'C5 H9 N O2'     115.130 
SER 'L-peptide linking' y SERINE                ? 'C3 H7 N O3'     105.093 
THR 'L-peptide linking' y THREONINE             ? 'C4 H9 N O3'     119.119 
TRP 'L-peptide linking' y TRYPTOPHAN            ? 'C11 H12 N2 O2'  204.225 
TYR 'L-peptide linking' y TYROSINE              ? 'C9 H11 N O3'    181.189 
UNX non-polymer         . 'UNKNOWN ATOM OR ION' ? ?                ?       
VAL 'L-peptide linking' y VALINE                ? 'C5 H11 N O2'    117.146 
# 
_exptl.crystals_number   1 
_exptl.entry_id          3L46 
_exptl.method            'X-RAY DIFFRACTION' 
# 
_exptl_crystal.id                    1 
_exptl_crystal.density_percent_sol   31.65 
_exptl_crystal.density_Matthews      1.80 
_exptl_crystal.density_meas          ? 
_exptl_crystal.description           ? 
_exptl_crystal.F_000                 ? 
_exptl_crystal.preparation           ? 
# 
_exptl_crystal_grow.crystal_id      1 
_exptl_crystal_grow.method          'VAPOR DIFFUSION, HANGING DROP' 
_exptl_crystal_grow.pH              7.5 
_exptl_crystal_grow.temp            291 
_exptl_crystal_grow.pdbx_details    
'1.5M sodium citrate, 0.1M TRIS, 1:100 (w/w) subtilisin, pH 7.5, vapor diffusion, hanging drop, temperature 291K' 
_exptl_crystal_grow.temp_details    ? 
_exptl_crystal_grow.pdbx_pH_range   ? 
# 
_diffrn.id                     1 
_diffrn.ambient_temp           100 
_diffrn.ambient_temp_details   ? 
_diffrn.crystal_id             1 
# 
_diffrn_detector.diffrn_id              1 
_diffrn_detector.detector               CCD 
_diffrn_detector.type                   'ADSC QUANTUM 315' 
_diffrn_detector.pdbx_collection_date   2009-12-16 
_diffrn_detector.details                ? 
# 
_diffrn_radiation.diffrn_id                        1 
_diffrn_radiation.pdbx_diffrn_protocol             'SINGLE WAVELENGTH' 
_diffrn_radiation.monochromator                    ? 
_diffrn_radiation.wavelength_id                    1 
_diffrn_radiation.pdbx_monochromatic_or_laue_m_l   M 
_diffrn_radiation.pdbx_scattering_type             x-ray 
# 
_diffrn_radiation_wavelength.id           1 
_diffrn_radiation_wavelength.wavelength   0.97934 
_diffrn_radiation_wavelength.wt           1.0 
# 
_diffrn_source.diffrn_id                   1 
_diffrn_source.source                      SYNCHROTRON 
_diffrn_source.type                        'APS BEAMLINE 19-ID' 
_diffrn_source.pdbx_wavelength_list        0.97934 
_diffrn_source.pdbx_wavelength             ? 
_diffrn_source.pdbx_synchrotron_site       APS 
_diffrn_source.pdbx_synchrotron_beamline   19-ID 
# 
_reflns.entry_id                     3L46 
_reflns.d_resolution_high            1.480 
_reflns.d_resolution_low             30.000 
_reflns.number_obs                   32244 
_reflns.pdbx_Rmerge_I_obs            0.088 
_reflns.pdbx_netI_over_sigmaI        9.100 
_reflns.pdbx_chi_squared             1.504 
_reflns.pdbx_redundancy              8.500 
_reflns.percent_possible_obs         100.000 
_reflns.observed_criterion_sigma_F   ? 
_reflns.observed_criterion_sigma_I   ? 
_reflns.number_all                   ? 
_reflns.pdbx_Rsym_value              ? 
_reflns.B_iso_Wilson_estimate        ? 
_reflns.R_free_details               ? 
_reflns.limit_h_max                  ? 
_reflns.limit_h_min                  ? 
_reflns.limit_k_max                  ? 
_reflns.limit_k_min                  ? 
_reflns.limit_l_max                  ? 
_reflns.limit_l_min                  ? 
_reflns.observed_criterion_F_max     ? 
_reflns.observed_criterion_F_min     ? 
_reflns.pdbx_scaling_rejects         ? 
_reflns.pdbx_ordinal                 1 
_reflns.pdbx_diffrn_id               1 
# 
loop_
_reflns_shell.d_res_high 
_reflns_shell.d_res_low 
_reflns_shell.number_measured_obs 
_reflns_shell.number_measured_all 
_reflns_shell.number_unique_obs 
_reflns_shell.Rmerge_I_obs 
_reflns_shell.meanI_over_sigI_obs 
_reflns_shell.pdbx_Rsym_value 
_reflns_shell.pdbx_chi_squared 
_reflns_shell.pdbx_redundancy 
_reflns_shell.percent_possible_obs 
_reflns_shell.number_unique_all 
_reflns_shell.percent_possible_all 
_reflns_shell.pdbx_ordinal 
_reflns_shell.pdbx_diffrn_id 
1.48 1.51  ? ? ? 0.928 ? ? 1.632 8.40 ? 1600 100.00 1  1 
1.51 1.53  ? ? ? 0.778 ? ? 1.527 8.50 ? 1550 99.90  2  1 
1.53 1.56  ? ? ? 0.674 ? ? 1.470 8.50 ? 1581 100.00 3  1 
1.56 1.59  ? ? ? 0.581 ? ? 1.474 8.60 ? 1597 100.00 4  1 
1.59 1.63  ? ? ? 0.490 ? ? 1.383 8.60 ? 1600 100.00 5  1 
1.63 1.67  ? ? ? 0.437 ? ? 1.334 8.60 ? 1579 100.00 6  1 
1.67 1.71  ? ? ? 0.370 ? ? 1.352 8.60 ? 1586 100.00 7  1 
1.71 1.75  ? ? ? 0.314 ? ? 1.328 8.60 ? 1601 100.00 8  1 
1.75 1.81  ? ? ? 0.259 ? ? 1.280 8.60 ? 1591 100.00 9  1 
1.81 1.86  ? ? ? 0.200 ? ? 1.287 8.60 ? 1590 100.00 10 1 
1.86 1.93  ? ? ? 0.162 ? ? 1.362 8.60 ? 1605 100.00 11 1 
1.93 2.01  ? ? ? 0.126 ? ? 1.399 8.60 ? 1602 100.00 12 1 
2.01 2.10  ? ? ? 0.110 ? ? 1.524 8.60 ? 1601 100.00 13 1 
2.10 2.21  ? ? ? 0.097 ? ? 1.705 8.60 ? 1610 100.00 14 1 
2.21 2.35  ? ? ? 0.087 ? ? 1.792 8.50 ? 1612 100.00 15 1 
2.35 2.53  ? ? ? 0.074 ? ? 1.674 8.50 ? 1627 100.00 16 1 
2.53 2.78  ? ? ? 0.061 ? ? 1.579 8.40 ? 1633 100.00 17 1 
2.78 3.19  ? ? ? 0.047 ? ? 1.723 8.30 ? 1648 100.00 18 1 
3.19 4.01  ? ? ? 0.035 ? ? 1.714 8.50 ? 1662 100.00 19 1 
4.01 30.00 ? ? ? 0.032 ? ? 1.547 8.10 ? 1769 99.90  20 1 
# 
_refine.entry_id                                 3L46 
_refine.ls_d_res_high                            1.482 
_refine.ls_d_res_low                             25.000 
_refine.pdbx_ls_sigma_F                          0.00 
_refine.ls_percent_reflns_obs                    99.929 
_refine.ls_number_reflns_obs                     32180 
_refine.pdbx_ls_cross_valid_method               THROUGHOUT 
_refine.pdbx_R_Free_selection_details            'thin shells (sftools)' 
_refine.details                                  
;HYDROGENS HAVE BEEN ADDED IN THE RIDING POSITIONS. U VALUES REFINED INDIVIDUALLY. ARP/WARP, COOT and the MOLPROBITY server were also used for refinement.
;
_refine.ls_R_factor_obs                          0.182 
_refine.ls_R_factor_R_work                       0.181 
_refine.ls_wR_factor_R_work                      0.173 
_refine.ls_R_factor_R_free                       0.205 
_refine.ls_wR_factor_R_free                      0.192 
_refine.ls_percent_reflns_R_free                 4.879 
_refine.ls_number_reflns_R_free                  1570 
_refine.B_iso_mean                               10.175 
_refine.aniso_B[1][1]                            -0.296 
_refine.aniso_B[2][2]                            -0.163 
_refine.aniso_B[3][3]                            0.459 
_refine.aniso_B[1][2]                            0.000 
_refine.aniso_B[1][3]                            0.000 
_refine.aniso_B[2][3]                            0.000 
_refine.correlation_coeff_Fo_to_Fc               0.959 
_refine.correlation_coeff_Fo_to_Fc_free          0.950 
_refine.pdbx_overall_ESU_R                       0.070 
_refine.pdbx_overall_ESU_R_Free                  0.071 
_refine.overall_SU_ML                            0.043 
_refine.overall_SU_B                             1.098 
_refine.solvent_model_details                    'MASK BULK SOLVENT' 
_refine.pdbx_solvent_vdw_probe_radii             1.400 
_refine.pdbx_solvent_ion_probe_radii             0.800 
_refine.pdbx_solvent_shrinkage_radii             0.800 
_refine.pdbx_method_to_determine_struct          'MOLECULAR REPLACEMENT' 
_refine.pdbx_stereochemistry_target_values       'MAXIMUM LIKELIHOOD' 
_refine.pdbx_ls_sigma_I                          ? 
_refine.ls_number_reflns_all                     ? 
_refine.ls_R_factor_all                          ? 
_refine.ls_redundancy_reflns_obs                 ? 
_refine.pdbx_data_cutoff_high_absF               ? 
_refine.pdbx_data_cutoff_low_absF                ? 
_refine.ls_number_parameters                     ? 
_refine.ls_number_restraints                     ? 
_refine.ls_R_factor_R_free_error                 ? 
_refine.ls_R_factor_R_free_error_details         ? 
_refine.pdbx_starting_model                      'pdb entry 2COU' 
_refine.pdbx_stereochem_target_val_spec_case     ? 
_refine.solvent_model_param_bsol                 ? 
_refine.solvent_model_param_ksol                 ? 
_refine.occupancy_max                            ? 
_refine.occupancy_min                            ? 
_refine.pdbx_isotropic_thermal_model             ? 
_refine.B_iso_min                                ? 
_refine.B_iso_max                                ? 
_refine.overall_SU_R_Cruickshank_DPI             ? 
_refine.overall_SU_R_free                        ? 
_refine.pdbx_data_cutoff_high_rms_absF           ? 
_refine.overall_FOM_free_R_set                   ? 
_refine.overall_FOM_work_R_set                   ? 
_refine.pdbx_overall_phase_error                 ? 
_refine.pdbx_refine_id                           'X-RAY DIFFRACTION' 
_refine.pdbx_diffrn_id                           1 
_refine.pdbx_TLS_residual_ADP_flag               ? 
_refine.pdbx_overall_SU_R_free_Cruickshank_DPI   ? 
_refine.pdbx_overall_SU_R_Blow_DPI               ? 
_refine.pdbx_overall_SU_R_free_Blow_DPI          ? 
# 
_refine_hist.pdbx_refine_id                   'X-RAY DIFFRACTION' 
_refine_hist.cycle_id                         LAST 
_refine_hist.pdbx_number_atoms_protein        1463 
_refine_hist.pdbx_number_atoms_nucleic_acid   0 
_refine_hist.pdbx_number_atoms_ligand         3 
_refine_hist.number_atoms_solvent             119 
_refine_hist.number_atoms_total               1585 
_refine_hist.d_res_high                       1.482 
_refine_hist.d_res_low                        25.000 
# 
loop_
_refine_ls_restr.type 
_refine_ls_restr.number 
_refine_ls_restr.dev_ideal 
_refine_ls_restr.dev_ideal_target 
_refine_ls_restr.weight 
_refine_ls_restr.pdbx_refine_id 
_refine_ls_restr.pdbx_restraint_function 
r_bond_refined_d       1538 0.016  0.022  ? 'X-RAY DIFFRACTION' ? 
r_bond_other_d         1032 0.001  0.020  ? 'X-RAY DIFFRACTION' ? 
r_angle_refined_deg    2096 1.551  1.967  ? 'X-RAY DIFFRACTION' ? 
r_angle_other_deg      2537 0.885  3.000  ? 'X-RAY DIFFRACTION' ? 
r_dihedral_angle_1_deg 197  6.028  5.000  ? 'X-RAY DIFFRACTION' ? 
r_dihedral_angle_2_deg 73   30.905 25.616 ? 'X-RAY DIFFRACTION' ? 
r_dihedral_angle_3_deg 261  12.018 15.000 ? 'X-RAY DIFFRACTION' ? 
r_dihedral_angle_4_deg 4    13.130 15.000 ? 'X-RAY DIFFRACTION' ? 
r_chiral_restr         224  0.087  0.200  ? 'X-RAY DIFFRACTION' ? 
r_gen_planes_refined   1727 0.007  0.021  ? 'X-RAY DIFFRACTION' ? 
r_gen_planes_other     301  0.001  0.020  ? 'X-RAY DIFFRACTION' ? 
r_mcbond_it            941  0.941  1.500  ? 'X-RAY DIFFRACTION' ? 
r_mcbond_other         378  0.260  1.500  ? 'X-RAY DIFFRACTION' ? 
r_mcangle_it           1526 1.665  2.000  ? 'X-RAY DIFFRACTION' ? 
r_scbond_it            597  2.604  3.000  ? 'X-RAY DIFFRACTION' ? 
r_scangle_it           563  4.148  4.500  ? 'X-RAY DIFFRACTION' ? 
# 
loop_
_refine_ls_shell.pdbx_total_number_of_bins_used 
_refine_ls_shell.d_res_low 
_refine_ls_shell.d_res_high 
_refine_ls_shell.number_reflns_all 
_refine_ls_shell.percent_reflns_obs 
_refine_ls_shell.number_reflns_R_work 
_refine_ls_shell.R_factor_R_work 
_refine_ls_shell.number_reflns_R_free 
_refine_ls_shell.R_factor_R_free 
_refine_ls_shell.number_reflns_obs 
_refine_ls_shell.R_factor_R_free_error 
_refine_ls_shell.percent_reflns_R_free 
_refine_ls_shell.redundancy_reflns_obs 
_refine_ls_shell.R_factor_all 
_refine_ls_shell.pdbx_refine_id 
20 1.520  1.482 2324 99.182  2169 0.234 136 0.293 . . . . . 'X-RAY DIFFRACTION' 
20 1.562  1.520 2276 99.956  2159 0.212 116 0.208 . . . . . 'X-RAY DIFFRACTION' 
20 1.607  1.562 2226 100.000 2125 0.213 101 0.245 . . . . . 'X-RAY DIFFRACTION' 
20 1.656  1.607 2129 99.953  2022 0.188 106 0.223 . . . . . 'X-RAY DIFFRACTION' 
20 1.710  1.656 2107 100.000 2000 0.174 107 0.178 . . . . . 'X-RAY DIFFRACTION' 
20 1.770  1.710 2037 99.951  1921 0.179 115 0.202 . . . . . 'X-RAY DIFFRACTION' 
20 1.836  1.770 1969 100.000 1865 0.175 104 0.228 . . . . . 'X-RAY DIFFRACTION' 
20 1.911  1.836 1866 100.000 1754 0.173 112 0.188 . . . . . 'X-RAY DIFFRACTION' 
20 1.995  1.911 1828 100.000 1713 0.171 115 0.189 . . . . . 'X-RAY DIFFRACTION' 
20 2.092  1.995 1748 100.000 1712 0.174 36  0.242 . . . . . 'X-RAY DIFFRACTION' 
20 2.204  2.092 1650 100.000 1558 0.171 92  0.205 . . . . . 'X-RAY DIFFRACTION' 
20 2.337  2.204 1589 100.000 1533 0.171 56  0.222 . . . . . 'X-RAY DIFFRACTION' 
20 2.496  2.337 1479 100.000 1425 0.178 54  0.203 . . . . . 'X-RAY DIFFRACTION' 
20 2.694  2.496 1383 100.000 1308 0.184 75  0.233 . . . . . 'X-RAY DIFFRACTION' 
20 2.948  2.694 1288 100.000 1233 0.210 55  0.237 . . . . . 'X-RAY DIFFRACTION' 
20 3.290  2.948 1183 100.000 1131 0.185 52  0.239 . . . . . 'X-RAY DIFFRACTION' 
20 3.788  3.290 1039 100.000 987  0.166 52  0.160 . . . . . 'X-RAY DIFFRACTION' 
20 4.613  3.788 906  100.000 877  0.144 29  0.131 . . . . . 'X-RAY DIFFRACTION' 
20 6.416  4.613 719  100.000 688  0.189 31  0.156 . . . . . 'X-RAY DIFFRACTION' 
20 25.000 6.416 457  99.781  430  0.199 26  0.247 . . . . . 'X-RAY DIFFRACTION' 
# 
_struct.entry_id                  3L46 
_struct.title                     'Crystal structure of the second BRCT domain of epithelial cell transforming 2 (ECT2)' 
_struct.pdbx_model_details        ? 
_struct.pdbx_CASP_flag            ? 
_struct.pdbx_model_type_details   ? 
# 
_struct_keywords.entry_id        3L46 
_struct_keywords.pdbx_keywords   'SIGNALING PROTEIN' 
_struct_keywords.text            
;Guanine-nucleotide releasing factor, Phosphoprotein, Proto-oncogene, Structural Genomics, Structural Genomics Consortium, SGC, SIGNALING PROTEIN
;
# 
loop_
_struct_asym.id 
_struct_asym.pdbx_blank_PDB_chainid_flag 
_struct_asym.pdbx_modified 
_struct_asym.entity_id 
_struct_asym.details 
A N N 1 ? 
B N N 1 ? 
C N N 2 ? 
D N N 2 ? 
E N N 2 ? 
F N N 3 ? 
G N N 3 ? 
# 
_struct_biol.id        1 
_struct_biol.details   'Authors state that the biological unit of this fragment is not known.' 
# 
loop_
_struct_conf.conf_type_id 
_struct_conf.id 
_struct_conf.pdbx_PDB_helix_id 
_struct_conf.beg_label_comp_id 
_struct_conf.beg_label_asym_id 
_struct_conf.beg_label_seq_id 
_struct_conf.pdbx_beg_PDB_ins_code 
_struct_conf.end_label_comp_id 
_struct_conf.end_label_asym_id 
_struct_conf.end_label_seq_id 
_struct_conf.pdbx_end_PDB_ins_code 
_struct_conf.beg_auth_comp_id 
_struct_conf.beg_auth_asym_id 
_struct_conf.beg_auth_seq_id 
_struct_conf.end_auth_comp_id 
_struct_conf.end_auth_asym_id 
_struct_conf.end_auth_seq_id 
_struct_conf.pdbx_PDB_helix_class 
_struct_conf.details 
_struct_conf.pdbx_PDB_helix_length 
HELX_P HELX_P1 1 SER A 33 ? GLN A 47  ? SER A 251 GLN A 265 1 ? 15 
HELX_P HELX_P2 2 GLN A 85 ? ASP A 95  ? GLN A 303 ASP A 313 1 ? 11 
HELX_P HELX_P3 3 GLY A 99 ? TYR A 103 ? GLY A 317 TYR A 321 5 ? 5  
HELX_P HELX_P4 4 SER B 33 ? GLN B 47  ? SER B 251 GLN B 265 1 ? 15 
HELX_P HELX_P5 5 GLN B 85 ? ASP B 95  ? GLN B 303 ASP B 313 1 ? 11 
# 
_struct_conf_type.id          HELX_P 
_struct_conf_type.criteria    ? 
_struct_conf_type.reference   ? 
# 
loop_
_struct_sheet.id 
_struct_sheet.type 
_struct_sheet.number_strands 
_struct_sheet.details 
A ? 2 ? 
B ? 3 ? 
C ? 2 ? 
D ? 3 ? 
# 
loop_
_struct_sheet_order.sheet_id 
_struct_sheet_order.range_id_1 
_struct_sheet_order.range_id_2 
_struct_sheet_order.offset 
_struct_sheet_order.sense 
A 1 2 ? parallel 
B 1 2 ? parallel 
B 2 3 ? parallel 
C 1 2 ? parallel 
D 1 2 ? parallel 
D 2 3 ? parallel 
# 
loop_
_struct_sheet_range.sheet_id 
_struct_sheet_range.id 
_struct_sheet_range.beg_label_comp_id 
_struct_sheet_range.beg_label_asym_id 
_struct_sheet_range.beg_label_seq_id 
_struct_sheet_range.pdbx_beg_PDB_ins_code 
_struct_sheet_range.end_label_comp_id 
_struct_sheet_range.end_label_asym_id 
_struct_sheet_range.end_label_seq_id 
_struct_sheet_range.pdbx_end_PDB_ins_code 
_struct_sheet_range.beg_auth_comp_id 
_struct_sheet_range.beg_auth_asym_id 
_struct_sheet_range.beg_auth_seq_id 
_struct_sheet_range.end_auth_comp_id 
_struct_sheet_range.end_auth_asym_id 
_struct_sheet_range.end_auth_seq_id 
A 1 ILE A 26 ? LEU A 27 ? ILE A 244 LEU A 245 
A 2 LYS A 50 ? TYR A 51 ? LYS A 268 TYR A 269 
B 1 PHE A 29 ? LEU A 30 ? PHE A 247 LEU A 248 
B 2 HIS A 61 ? VAL A 64 ? HIS A 279 VAL A 282 
B 3 TYR A 81 ? LYS A 84 ? TYR A 299 LYS A 302 
C 1 ILE B 26 ? LEU B 27 ? ILE B 244 LEU B 245 
C 2 LYS B 50 ? TYR B 51 ? LYS B 268 TYR B 269 
D 1 PHE B 29 ? LEU B 30 ? PHE B 247 LEU B 248 
D 2 HIS B 61 ? VAL B 64 ? HIS B 279 VAL B 282 
D 3 TYR B 81 ? LYS B 84 ? TYR B 299 LYS B 302 
# 
loop_
_pdbx_struct_sheet_hbond.sheet_id 
_pdbx_struct_sheet_hbond.range_id_1 
_pdbx_struct_sheet_hbond.range_id_2 
_pdbx_struct_sheet_hbond.range_1_label_atom_id 
_pdbx_struct_sheet_hbond.range_1_label_comp_id 
_pdbx_struct_sheet_hbond.range_1_label_asym_id 
_pdbx_struct_sheet_hbond.range_1_label_seq_id 
_pdbx_struct_sheet_hbond.range_1_PDB_ins_code 
_pdbx_struct_sheet_hbond.range_1_auth_atom_id 
_pdbx_struct_sheet_hbond.range_1_auth_comp_id 
_pdbx_struct_sheet_hbond.range_1_auth_asym_id 
_pdbx_struct_sheet_hbond.range_1_auth_seq_id 
_pdbx_struct_sheet_hbond.range_2_label_atom_id 
_pdbx_struct_sheet_hbond.range_2_label_comp_id 
_pdbx_struct_sheet_hbond.range_2_label_asym_id 
_pdbx_struct_sheet_hbond.range_2_label_seq_id 
_pdbx_struct_sheet_hbond.range_2_PDB_ins_code 
_pdbx_struct_sheet_hbond.range_2_auth_atom_id 
_pdbx_struct_sheet_hbond.range_2_auth_comp_id 
_pdbx_struct_sheet_hbond.range_2_auth_asym_id 
_pdbx_struct_sheet_hbond.range_2_auth_seq_id 
A 1 2 N LEU A 27 ? N LEU A 245 O LYS A 50 ? O LYS A 268 
B 1 2 N LEU A 30 ? N LEU A 248 O VAL A 63 ? O VAL A 281 
B 2 3 N LEU A 62 ? N LEU A 280 O VAL A 83 ? O VAL A 301 
C 1 2 N LEU B 27 ? N LEU B 245 O LYS B 50 ? O LYS B 268 
D 1 2 N LEU B 30 ? N LEU B 248 O VAL B 63 ? O VAL B 281 
D 2 3 N VAL B 64 ? N VAL B 282 O VAL B 83 ? O VAL B 301 
# 
_atom_sites.entry_id                    3L46 
_atom_sites.fract_transf_matrix[1][1]   0.01919188 
_atom_sites.fract_transf_matrix[1][2]   0.01366537 
_atom_sites.fract_transf_matrix[1][3]   -0.00275096 
_atom_sites.fract_transf_matrix[2][1]   0.00402489 
_atom_sites.fract_transf_matrix[2][2]   -0.00839346 
_atom_sites.fract_transf_matrix[2][3]   -0.01361504 
_atom_sites.fract_transf_matrix[3][1]   -0.00722410 
_atom_sites.fract_transf_matrix[3][2]   0.00864310 
_atom_sites.fract_transf_matrix[3][3]   -0.00746393 
_atom_sites.fract_transf_vector[1]      0.696428 
_atom_sites.fract_transf_vector[2]      1.009571 
_atom_sites.fract_transf_vector[3]      0.015381 
# 
loop_
_atom_type.symbol 
C 
N 
O 
S 
X 
# 
loop_
_atom_site.group_PDB 
_atom_site.id 
_atom_site.type_symbol 
_atom_site.label_atom_id 
_atom_site.label_alt_id 
_atom_site.label_comp_id 
_atom_site.label_asym_id 
_atom_site.label_entity_id 
_atom_site.label_seq_id 
_atom_site.pdbx_PDB_ins_code 
_atom_site.Cartn_x 
_atom_site.Cartn_y 
_atom_site.Cartn_z 
_atom_site.occupancy 
_atom_site.B_iso_or_equiv 
_atom_site.pdbx_formal_charge 
_atom_site.auth_seq_id 
_atom_site.auth_comp_id 
_atom_site.auth_asym_id 
_atom_site.auth_atom_id 
_atom_site.pdbx_PDB_model_num 
ATOM   1    N N   . GLY A 1 18  ? 17.742  26.001  9.588   1.00  21.67 ? 236 GLY A N   1 
ATOM   2    C CA  . GLY A 1 18  ? 16.581  26.764  9.102   1.00  20.62 ? 236 GLY A CA  1 
ATOM   3    C C   . GLY A 1 18  ? 15.348  25.966  9.435   1.00  20.43 ? 236 GLY A C   1 
ATOM   4    O O   . GLY A 1 18  ? 15.322  25.235  10.438  1.00  21.03 ? 236 GLY A O   1 
ATOM   5    N N   . VAL A 1 19  ? 14.335  26.091  8.587   1.00  19.78 ? 237 VAL A N   1 
ATOM   6    C CA  . VAL A 1 19  ? 13.099  25.337  8.736   1.00  19.05 ? 237 VAL A CA  1 
ATOM   7    C C   . VAL A 1 19  ? 13.293  24.033  7.997   1.00  17.53 ? 237 VAL A C   1 
ATOM   8    O O   . VAL A 1 19  ? 13.550  24.039  6.802   1.00  17.75 ? 237 VAL A O   1 
ATOM   9    C CB  . VAL A 1 19  ? 11.911  26.089  8.144   1.00  19.49 ? 237 VAL A CB  1 
ATOM   10   C CG1 . VAL A 1 19  ? 10.607  25.295  8.392   1.00  19.58 ? 237 VAL A CG1 1 
ATOM   11   C CG2 . VAL A 1 19  ? 11.830  27.497  8.761   1.00  22.06 ? 237 VAL A CG2 1 
ATOM   12   N N   . PRO A 1 20  ? 13.217  22.892  8.722   1.00  15.17 ? 238 PRO A N   1 
ATOM   13   C CA  . PRO A 1 20  ? 13.467  21.662  7.996   1.00  14.72 ? 238 PRO A CA  1 
ATOM   14   C C   . PRO A 1 20  ? 12.351  21.433  6.938   1.00  13.40 ? 238 PRO A C   1 
ATOM   15   O O   . PRO A 1 20  ? 11.245  21.984  7.084   1.00  12.90 ? 238 PRO A O   1 
ATOM   16   C CB  . PRO A 1 20  ? 13.455  20.592  9.088   1.00  15.02 ? 238 PRO A CB  1 
ATOM   17   C CG  . PRO A 1 20  ? 13.098  21.230  10.332  1.00  16.43 ? 238 PRO A CG  1 
ATOM   18   C CD  . PRO A 1 20  ? 12.970  22.682  10.154  1.00  15.08 ? 238 PRO A CD  1 
ATOM   19   N N   . PRO A 1 21  ? 12.650  20.634  5.908   1.00  12.83 ? 239 PRO A N   1 
ATOM   20   C CA  . PRO A 1 21  ? 11.749  20.540  4.767   1.00  13.68 ? 239 PRO A CA  1 
ATOM   21   C C   . PRO A 1 21  ? 10.319  20.132  5.118   1.00  12.70 ? 239 PRO A C   1 
ATOM   22   O O   . PRO A 1 21  ? 9.369   20.641  4.499   1.00  14.24 ? 239 PRO A O   1 
ATOM   23   C CB  . PRO A 1 21  ? 12.424  19.496  3.917   1.00  13.68 ? 239 PRO A CB  1 
ATOM   24   C CG  . PRO A 1 21  ? 13.870  19.644  4.224   1.00  15.55 ? 239 PRO A CG  1 
ATOM   25   C CD  . PRO A 1 21  ? 13.915  19.929  5.665   1.00  13.16 ? 239 PRO A CD  1 
ATOM   26   N N   . PHE A 1 22  ? 10.159  19.243  6.085   1.00  11.05 ? 240 PHE A N   1 
ATOM   27   C CA  . PHE A 1 22  ? 8.848   18.750  6.419   1.00  9.48  ? 240 PHE A CA  1 
ATOM   28   C C   . PHE A 1 22  ? 8.308   19.257  7.752   1.00  9.77  ? 240 PHE A C   1 
ATOM   29   O O   . PHE A 1 22  ? 7.403   18.677  8.302   1.00  9.41  ? 240 PHE A O   1 
ATOM   30   C CB  . PHE A 1 22  ? 8.818   17.196  6.349   1.00  9.40  ? 240 PHE A CB  1 
ATOM   31   C CG  . PHE A 1 22  ? 9.286   16.631  5.023   1.00  9.27  ? 240 PHE A CG  1 
ATOM   32   C CD1 . PHE A 1 22  ? 8.843   17.168  3.826   1.00  10.03 ? 240 PHE A CD1 1 
ATOM   33   C CD2 . PHE A 1 22  ? 10.167  15.569  4.979   1.00  9.27  ? 240 PHE A CD2 1 
ATOM   34   C CE1 . PHE A 1 22  ? 9.287   16.639  2.576   1.00  9.21  ? 240 PHE A CE1 1 
ATOM   35   C CE2 . PHE A 1 22  ? 10.596  15.051  3.757   1.00  10.49 ? 240 PHE A CE2 1 
ATOM   36   C CZ  . PHE A 1 22  ? 10.152  15.600  2.554   1.00  9.52  ? 240 PHE A CZ  1 
ATOM   37   N N   . GLN A 1 23  ? 8.853   20.373  8.265   1.00  10.13 ? 241 GLN A N   1 
ATOM   38   C CA  . GLN A 1 23  ? 8.282   21.001  9.428   1.00  11.28 ? 241 GLN A CA  1 
ATOM   39   C C   . GLN A 1 23  ? 6.762   21.178  9.246   1.00  11.34 ? 241 GLN A C   1 
ATOM   40   O O   . GLN A 1 23  ? 6.340   21.683  8.204   1.00  12.31 ? 241 GLN A O   1 
ATOM   41   C CB  . GLN A 1 23  ? 8.917   22.383  9.651   1.00  11.49 ? 241 GLN A CB  1 
ATOM   42   C CG  . GLN A 1 23  ? 8.403   23.118  10.904  1.00  12.47 ? 241 GLN A CG  1 
ATOM   43   C CD  . GLN A 1 23  ? 8.908   22.472  12.202  1.00  15.42 ? 241 GLN A CD  1 
ATOM   44   O OE1 . GLN A 1 23  ? 10.085  22.151  12.313  1.00  19.05 ? 241 GLN A OE1 1 
ATOM   45   N NE2 . GLN A 1 23  ? 8.011   22.270  13.189  1.00  16.47 ? 241 GLN A NE2 1 
ATOM   46   N N   . ASP A 1 24  ? 6.002   20.753  10.266  1.00  13.13 ? 242 ASP A N   1 
ATOM   47   C CA  . ASP A 1 24  ? 4.527   20.904  10.352  1.00  14.11 ? 242 ASP A CA  1 
ATOM   48   C C   . ASP A 1 24  ? 3.783   20.071  9.294   1.00  15.18 ? 242 ASP A C   1 
ATOM   49   O O   . ASP A 1 24  ? 2.556   20.261  9.067   1.00  16.73 ? 242 ASP A O   1 
ATOM   50   C CB  . ASP A 1 24  ? 4.077   22.372  10.231  1.00  15.20 ? 242 ASP A CB  1 
ATOM   51   C CG  . ASP A 1 24  ? 4.614   23.261  11.335  1.00  16.45 ? 242 ASP A CG  1 
ATOM   52   O OD1 . ASP A 1 24  ? 4.932   22.802  12.460  1.00  15.91 ? 242 ASP A OD1 1 
ATOM   53   O OD2 . ASP A 1 24  ? 4.720   24.455  11.046  1.00  22.33 ? 242 ASP A OD2 1 
ATOM   54   N N   . CYS A 1 25  ? 4.512   19.175  8.617   1.00  12.18 ? 243 CYS A N   1 
ATOM   55   C CA  . CYS A 1 25  ? 3.910   18.240  7.619   1.00  11.09 ? 243 CYS A CA  1 
ATOM   56   C C   . CYS A 1 25  ? 3.682   16.892  8.294   1.00  9.86  ? 243 CYS A C   1 
ATOM   57   O O   . CYS A 1 25  ? 4.497   16.427  9.099   1.00  8.92  ? 243 CYS A O   1 
ATOM   58   C CB  . CYS A 1 25  ? 4.801   18.043  6.421   1.00  10.11 ? 243 CYS A CB  1 
ATOM   59   S SG  . CYS A 1 25  ? 5.045   19.591  5.535   1.00  13.07 ? 243 CYS A SG  1 
ATOM   60   N N   . ILE A 1 26  ? 2.566   16.267  7.962   1.00  9.13  ? 244 ILE A N   1 
ATOM   61   C CA  . ILE A 1 26  ? 2.249   14.912  8.398   1.00  8.45  ? 244 ILE A CA  1 
ATOM   62   C C   . ILE A 1 26  ? 2.034   14.106  7.097   1.00  7.84  ? 244 ILE A C   1 
ATOM   63   O O   . ILE A 1 26  ? 1.029   14.266  6.421   1.00  8.19  ? 244 ILE A O   1 
ATOM   64   C CB  . ILE A 1 26  ? 1.023   14.820  9.330   1.00  8.77  ? 244 ILE A CB  1 
ATOM   65   C CG1 . ILE A 1 26  ? 1.230   15.764  10.522  1.00  10.86 ? 244 ILE A CG1 1 
ATOM   66   C CG2 . ILE A 1 26  ? 0.857   13.370  9.806   1.00  11.01 ? 244 ILE A CG2 1 
ATOM   67   C CD1 . ILE A 1 26  ? 0.070   15.771  11.528  1.00  13.49 ? 244 ILE A CD1 1 
ATOM   68   N N   . LEU A 1 27  ? 3.035   13.298  6.738   1.00  7.52  ? 245 LEU A N   1 
ATOM   69   C CA  A LEU A 1 27  ? 3.054   12.569  5.471   0.50  7.04  ? 245 LEU A CA  1 
ATOM   70   C CA  B LEU A 1 27  ? 3.051   12.580  5.464   0.50  7.35  ? 245 LEU A CA  1 
ATOM   71   C C   . LEU A 1 27  ? 2.430   11.194  5.576   1.00  8.16  ? 245 LEU A C   1 
ATOM   72   O O   . LEU A 1 27  ? 2.218   10.669  6.659   1.00  9.96  ? 245 LEU A O   1 
ATOM   73   C CB  A LEU A 1 27  ? 4.487   12.446  4.952   0.50  6.91  ? 245 LEU A CB  1 
ATOM   74   C CB  B LEU A 1 27  ? 4.483   12.485  4.905   0.50  7.48  ? 245 LEU A CB  1 
ATOM   75   C CG  A LEU A 1 27  ? 5.037   13.668  4.207   0.50  6.45  ? 245 LEU A CG  1 
ATOM   76   C CG  B LEU A 1 27  ? 5.267   13.805  4.713   0.50  8.06  ? 245 LEU A CG  1 
ATOM   77   C CD1 A LEU A 1 27  ? 4.932   14.975  4.978   0.50  7.49  ? 245 LEU A CD1 1 
ATOM   78   C CD1 B LEU A 1 27  ? 6.603   13.524  4.031   0.50  10.58 ? 245 LEU A CD1 1 
ATOM   79   C CD2 A LEU A 1 27  ? 6.489   13.377  3.838   0.50  7.24  ? 245 LEU A CD2 1 
ATOM   80   C CD2 B LEU A 1 27  ? 4.510   14.855  3.935   0.50  10.30 ? 245 LEU A CD2 1 
ATOM   81   N N   . SER A 1 28  ? 2.113   10.639  4.436   1.00  7.32  ? 246 SER A N   1 
ATOM   82   C CA  . SER A 1 28  ? 1.637   9.275   4.272   1.00  6.93  ? 246 SER A CA  1 
ATOM   83   C C   . SER A 1 28  ? 2.111   8.856   2.890   1.00  5.32  ? 246 SER A C   1 
ATOM   84   O O   . SER A 1 28  ? 2.488   9.680   2.079   1.00  6.14  ? 246 SER A O   1 
ATOM   85   C CB  . SER A 1 28  ? 0.125   9.141   4.418   1.00  6.60  ? 246 SER A CB  1 
ATOM   86   O OG  . SER A 1 28  ? -0.515  10.067  3.542   1.00  6.96  ? 246 SER A OG  1 
ATOM   87   N N   . PHE A 1 29  ? 2.082   7.536   2.618   1.00  6.82  ? 247 PHE A N   1 
ATOM   88   C CA  . PHE A 1 29  ? 2.689   6.957   1.429   1.00  7.29  ? 247 PHE A CA  1 
ATOM   89   C C   . PHE A 1 29  ? 1.799   5.874   0.843   1.00  7.97  ? 247 PHE A C   1 
ATOM   90   O O   . PHE A 1 29  ? 1.215   5.063   1.555   1.00  9.62  ? 247 PHE A O   1 
ATOM   91   C CB  . PHE A 1 29  ? 4.045   6.345   1.809   1.00  7.66  ? 247 PHE A CB  1 
ATOM   92   C CG  . PHE A 1 29  ? 4.969   7.342   2.431   1.00  7.04  ? 247 PHE A CG  1 
ATOM   93   C CD1 . PHE A 1 29  ? 5.715   8.198   1.638   1.00  6.44  ? 247 PHE A CD1 1 
ATOM   94   C CD2 . PHE A 1 29  ? 4.995   7.527   3.795   1.00  8.65  ? 247 PHE A CD2 1 
ATOM   95   C CE1 . PHE A 1 29  ? 6.488   9.199   2.193   1.00  8.08  ? 247 PHE A CE1 1 
ATOM   96   C CE2 . PHE A 1 29  ? 5.818   8.540   4.351   1.00  7.60  ? 247 PHE A CE2 1 
ATOM   97   C CZ  . PHE A 1 29  ? 6.526   9.362   3.529   1.00  8.33  ? 247 PHE A CZ  1 
ATOM   98   N N   . LEU A 1 30  ? 1.726   5.874   -0.471  1.00  7.23  ? 248 LEU A N   1 
ATOM   99   C CA  . LEU A 1 30  ? 0.953   4.867   -1.228  1.00  8.09  ? 248 LEU A CA  1 
ATOM   100  C C   . LEU A 1 30  ? 1.707   4.425   -2.478  1.00  8.25  ? 248 LEU A C   1 
ATOM   101  O O   . LEU A 1 30  ? 2.103   5.245   -3.246  1.00  7.91  ? 248 LEU A O   1 
ATOM   102  C CB  . LEU A 1 30  ? -0.409  5.452   -1.645  1.00  9.19  ? 248 LEU A CB  1 
ATOM   103  C CG  . LEU A 1 30  ? -1.264  4.601   -2.607  1.00  10.05 ? 248 LEU A CG  1 
ATOM   104  C CD1 . LEU A 1 30  ? -1.604  3.254   -2.000  1.00  13.15 ? 248 LEU A CD1 1 
ATOM   105  C CD2 . LEU A 1 30  ? -2.535  5.367   -3.004  1.00  14.80 ? 248 LEU A CD2 1 
ATOM   106  N N   . GLY A 1 31  ? 1.878   3.123   -2.678  1.00  10.26 ? 249 GLY A N   1 
ATOM   107  C CA  . GLY A 1 31  ? 2.560   2.634   -3.878  1.00  10.93 ? 249 GLY A CA  1 
ATOM   108  C C   . GLY A 1 31  ? 3.989   2.154   -3.631  1.00  10.77 ? 249 GLY A C   1 
ATOM   109  O O   . GLY A 1 31  ? 4.796   1.999   -4.572  1.00  12.96 ? 249 GLY A O   1 
ATOM   110  N N   . PHE A 1 32  ? 4.331   1.952   -2.358  1.00  9.59  ? 250 PHE A N   1 
ATOM   111  C CA  . PHE A 1 32  ? 5.651   1.551   -1.944  1.00  8.96  ? 250 PHE A CA  1 
ATOM   112  C C   . PHE A 1 32  ? 5.631   0.233   -1.193  1.00  8.36  ? 250 PHE A C   1 
ATOM   113  O O   . PHE A 1 32  ? 4.667   -0.094  -0.524  1.00  9.82  ? 250 PHE A O   1 
ATOM   114  C CB  . PHE A 1 32  ? 6.279   2.652   -1.056  1.00  8.08  ? 250 PHE A CB  1 
ATOM   115  C CG  . PHE A 1 32  ? 6.355   3.984   -1.740  1.00  7.76  ? 250 PHE A CG  1 
ATOM   116  C CD1 . PHE A 1 32  ? 7.377   4.301   -2.610  1.00  9.72  ? 250 PHE A CD1 1 
ATOM   117  C CD2 . PHE A 1 32  ? 5.350   4.900   -1.572  1.00  8.83  ? 250 PHE A CD2 1 
ATOM   118  C CE1 . PHE A 1 32  ? 7.408   5.529   -3.273  1.00  9.65  ? 250 PHE A CE1 1 
ATOM   119  C CE2 . PHE A 1 32  ? 5.388   6.137   -2.224  1.00  10.41 ? 250 PHE A CE2 1 
ATOM   120  C CZ  . PHE A 1 32  ? 6.420   6.447   -3.052  1.00  8.85  ? 250 PHE A CZ  1 
ATOM   121  N N   . SER A 1 33  ? 6.715   -0.516  -1.299  1.00  8.64  ? 251 SER A N   1 
ATOM   122  C CA  . SER A 1 33  ? 6.832   -1.717  -0.491  1.00  9.24  ? 251 SER A CA  1 
ATOM   123  C C   . SER A 1 33  ? 7.001   -1.334  0.958   1.00  9.74  ? 251 SER A C   1 
ATOM   124  O O   . SER A 1 33  ? 7.287   -0.179  1.285   1.00  9.48  ? 251 SER A O   1 
ATOM   125  C CB  . SER A 1 33  ? 8.011   -2.528  -0.897  1.00  9.32  ? 251 SER A CB  1 
ATOM   126  O OG  . SER A 1 33  ? 9.214   -1.844  -0.580  1.00  11.27 ? 251 SER A OG  1 
ATOM   127  N N   . ASP A 1 34  ? 6.837   -2.282  1.866   1.00  9.53  ? 252 ASP A N   1 
ATOM   128  C CA  . ASP A 1 34  ? 7.023   -1.937  3.257   1.00  10.19 ? 252 ASP A CA  1 
ATOM   129  C C   . ASP A 1 34  ? 8.458   -1.450  3.507   1.00  10.31 ? 252 ASP A C   1 
ATOM   130  O O   . ASP A 1 34  ? 8.668   -0.512  4.264   1.00  9.33  ? 252 ASP A O   1 
ATOM   131  C CB  . ASP A 1 34  ? 6.698   -3.098  4.172   1.00  11.00 ? 252 ASP A CB  1 
ATOM   132  C CG  . ASP A 1 34  ? 6.689   -2.685  5.643   1.00  12.23 ? 252 ASP A CG  1 
ATOM   133  O OD1 . ASP A 1 34  ? 5.831   -1.864  6.010   1.00  16.99 ? 252 ASP A OD1 1 
ATOM   134  O OD2 . ASP A 1 34  ? 7.555   -3.206  6.394   1.00  16.05 ? 252 ASP A OD2 1 
ATOM   135  N N   . GLU A 1 35  ? 9.446   -2.045  2.855   1.00  9.72  ? 253 GLU A N   1 
ATOM   136  C CA  . GLU A 1 35  ? 10.862  -1.637  3.026   1.00  10.29 ? 253 GLU A CA  1 
ATOM   137  C C   . GLU A 1 35  ? 11.022  -0.195  2.585   1.00  10.50 ? 253 GLU A C   1 
ATOM   138  O O   . GLU A 1 35  ? 11.659  0.629   3.301   1.00  10.72 ? 253 GLU A O   1 
ATOM   139  C CB  . GLU A 1 35  ? 11.780  -2.553  2.210   1.00  12.83 ? 253 GLU A CB  1 
ATOM   140  N N   . GLU A 1 36  ? 10.478  0.135   1.415   1.00  9.50  ? 254 GLU A N   1 
ATOM   141  C CA  . GLU A 1 36  ? 10.553  1.507   0.908   1.00  8.64  ? 254 GLU A CA  1 
ATOM   142  C C   . GLU A 1 36  ? 9.824   2.502   1.821   1.00  8.22  ? 254 GLU A C   1 
ATOM   143  O O   . GLU A 1 36  ? 10.318  3.584   2.128   1.00  8.15  ? 254 GLU A O   1 
ATOM   144  C CB  . GLU A 1 36  ? 9.960   1.602   -0.490  1.00  10.19 ? 254 GLU A CB  1 
ATOM   145  C CG  . GLU A 1 36  ? 10.790  0.926   -1.557  1.00  12.88 ? 254 GLU A CG  1 
ATOM   146  C CD  . GLU A 1 36  ? 10.068  0.711   -2.905  1.00  14.84 ? 254 GLU A CD  1 
ATOM   147  O OE1 . GLU A 1 36  ? 8.794   0.718   -3.002  1.00  13.05 ? 254 GLU A OE1 1 
ATOM   148  O OE2 . GLU A 1 36  ? 10.815  0.491   -3.904  1.00  16.89 ? 254 GLU A OE2 1 
ATOM   149  N N   . LYS A 1 37  ? 8.613   2.144   2.203   1.00  7.70  ? 255 LYS A N   1 
ATOM   150  C CA  . LYS A 1 37  ? 7.842   3.021   3.087   1.00  7.66  ? 255 LYS A CA  1 
ATOM   151  C C   . LYS A 1 37  ? 8.576   3.288   4.397   1.00  8.46  ? 255 LYS A C   1 
ATOM   152  O O   . LYS A 1 37  ? 8.613   4.438   4.879   1.00  7.96  ? 255 LYS A O   1 
ATOM   153  C CB  . LYS A 1 37  ? 6.473   2.405   3.322   1.00  9.73  ? 255 LYS A CB  1 
ATOM   154  C CG  . LYS A 1 37  ? 5.602   3.242   4.253   1.00  11.86 ? 255 LYS A CG  1 
ATOM   155  C CD  . LYS A 1 37  ? 4.149   2.691   4.306   1.00  17.16 ? 255 LYS A CD  1 
ATOM   156  C CE  . LYS A 1 37  ? 3.521   2.507   5.691   1.00  20.42 ? 255 LYS A CE  1 
ATOM   157  N NZ  . LYS A 1 37  ? 4.335   1.965   6.799   1.00  21.16 ? 255 LYS A NZ  1 
ATOM   158  N N   . THR A 1 38  ? 9.151   2.262   4.995   1.00  8.51  ? 256 THR A N   1 
ATOM   159  C CA  . THR A 1 38  ? 9.928   2.439   6.216   1.00  8.72  ? 256 THR A CA  1 
ATOM   160  C C   . THR A 1 38  ? 11.087  3.423   5.994   1.00  8.92  ? 256 THR A C   1 
ATOM   161  O O   . THR A 1 38  ? 11.312  4.325   6.804   1.00  8.47  ? 256 THR A O   1 
ATOM   162  C CB  . THR A 1 38  ? 10.421  1.102   6.726   1.00  9.52  ? 256 THR A CB  1 
ATOM   163  O OG1 . THR A 1 38  ? 9.281   0.298   7.079   1.00  14.04 ? 256 THR A OG1 1 
ATOM   164  C CG2 . THR A 1 38  ? 11.288  1.318   7.958   1.00  11.49 ? 256 THR A CG2 1 
ATOM   165  N N   . ASN A 1 39  ? 11.796  3.271   4.890   1.00  8.09  ? 257 ASN A N   1 
ATOM   166  C CA  . ASN A 1 39  ? 12.848  4.185   4.556   1.00  7.91  ? 257 ASN A CA  1 
ATOM   167  C C   . ASN A 1 39  ? 12.353  5.626   4.425   1.00  8.00  ? 257 ASN A C   1 
ATOM   168  O O   . ASN A 1 39  ? 13.003  6.547   4.914   1.00  8.34  ? 257 ASN A O   1 
ATOM   169  C CB  . ASN A 1 39  ? 13.538  3.734   3.256   1.00  8.49  ? 257 ASN A CB  1 
ATOM   170  C CG  . ASN A 1 39  ? 14.821  4.478   3.001   1.00  12.07 ? 257 ASN A CG  1 
ATOM   171  O OD1 . ASN A 1 39  ? 15.692  4.516   3.867   1.00  15.09 ? 257 ASN A OD1 1 
ATOM   172  N ND2 . ASN A 1 39  ? 14.948  5.072   1.820   1.00  15.22 ? 257 ASN A ND2 1 
ATOM   173  N N   . MET A 1 40  ? 11.220  5.818   3.774   1.00  7.28  ? 258 MET A N   1 
ATOM   174  C CA  . MET A 1 40  ? 10.671  7.158   3.602   1.00  7.25  ? 258 MET A CA  1 
ATOM   175  C C   . MET A 1 40  ? 10.133  7.726   4.905   1.00  7.38  ? 258 MET A C   1 
ATOM   176  O O   . MET A 1 40  ? 10.257  8.926   5.111   1.00  7.28  ? 258 MET A O   1 
ATOM   177  C CB  . MET A 1 40  ? 9.569   7.141   2.544   1.00  7.80  ? 258 MET A CB  1 
ATOM   178  C CG  . MET A 1 40  ? 10.134  6.750   1.177   1.00  10.83 ? 258 MET A CG  1 
ATOM   179  S SD  . MET A 1 40  ? 8.907   6.509   -0.126  1.00  11.55 ? 258 MET A SD  1 
ATOM   180  C CE  . MET A 1 40  ? 8.804   8.175   -0.718  1.00  11.18 ? 258 MET A CE  1 
ATOM   181  N N   . GLU A 1 41  ? 9.560   6.893   5.776   1.00  7.51  ? 259 GLU A N   1 
ATOM   182  C CA  . GLU A 1 41  ? 9.090   7.354   7.112   1.00  8.50  ? 259 GLU A CA  1 
ATOM   183  C C   . GLU A 1 41  ? 10.304  7.818   7.921   1.00  9.34  ? 259 GLU A C   1 
ATOM   184  O O   . GLU A 1 41  ? 10.277  8.884   8.582   1.00  9.62  ? 259 GLU A O   1 
ATOM   185  C CB  . GLU A 1 41  ? 8.330   6.220   7.831   1.00  9.02  ? 259 GLU A CB  1 
ATOM   186  C CG  . GLU A 1 41  ? 7.014   5.936   7.206   1.00  9.25  ? 259 GLU A CG  1 
ATOM   187  C CD  . GLU A 1 41  ? 6.276   4.706   7.739   1.00  13.78 ? 259 GLU A CD  1 
ATOM   188  O OE1 . GLU A 1 41  ? 6.908   3.815   8.374   1.00  15.55 ? 259 GLU A OE1 1 
ATOM   189  O OE2 . GLU A 1 41  ? 5.049   4.694   7.490   1.00  16.27 ? 259 GLU A OE2 1 
ATOM   190  N N   . GLU A 1 42  ? 11.368  7.049   7.898   1.00  9.50  ? 260 GLU A N   1 
ATOM   191  C CA  . GLU A 1 42  ? 12.577  7.426   8.653   1.00  10.55 ? 260 GLU A CA  1 
ATOM   192  C C   . GLU A 1 42  ? 13.179  8.719   8.097   1.00  10.09 ? 260 GLU A C   1 
ATOM   193  O O   . GLU A 1 42  ? 13.563  9.616   8.873   1.00  10.93 ? 260 GLU A O   1 
ATOM   194  C CB  . GLU A 1 42  ? 13.587  6.269   8.649   1.00  11.99 ? 260 GLU A CB  1 
ATOM   195  C CG  . GLU A 1 42  ? 13.097  5.037   9.434   1.00  15.32 ? 260 GLU A CG  1 
ATOM   196  C CD  . GLU A 1 42  ? 14.041  3.839   9.341   1.00  22.86 ? 260 GLU A CD  1 
ATOM   197  O OE1 . GLU A 1 42  ? 14.988  3.872   8.522   1.00  26.92 ? 260 GLU A OE1 1 
ATOM   198  O OE2 . GLU A 1 42  ? 13.822  2.862   10.092  1.00  27.36 ? 260 GLU A OE2 1 
ATOM   199  N N   . MET A 1 43  ? 13.220  8.883   6.782   1.00  9.15  ? 261 MET A N   1 
ATOM   200  C CA  . MET A 1 43  ? 13.677  10.115  6.163   1.00  8.71  ? 261 MET A CA  1 
ATOM   201  C C   . MET A 1 43  ? 12.765  11.307  6.490   1.00  8.58  ? 261 MET A C   1 
ATOM   202  O O   . MET A 1 43  ? 13.226  12.416  6.643   1.00  8.41  ? 261 MET A O   1 
ATOM   203  C CB  . MET A 1 43  ? 13.765  9.917   4.650   1.00  9.82  ? 261 MET A CB  1 
ATOM   204  C CG  . MET A 1 43  ? 14.281  11.088  3.862   1.00  10.36 ? 261 MET A CG  1 
ATOM   205  S SD  . MET A 1 43  ? 15.890  11.668  4.356   1.00  13.35 ? 261 MET A SD  1 
ATOM   206  C CE  . MET A 1 43  ? 16.912  10.293  3.810   1.00  14.46 ? 261 MET A CE  1 
ATOM   207  N N   . THR A 1 44  ? 11.465  11.084  6.548   1.00  7.67  ? 262 THR A N   1 
ATOM   208  C CA  . THR A 1 44  ? 10.518  12.122  6.944   1.00  7.87  ? 262 THR A CA  1 
ATOM   209  C C   . THR A 1 44  ? 10.851  12.688  8.303   1.00  8.06  ? 262 THR A C   1 
ATOM   210  O O   . THR A 1 44  ? 10.910  13.894  8.460   1.00  8.43  ? 262 THR A O   1 
ATOM   211  C CB  . THR A 1 44  ? 9.084   11.576  6.970   1.00  6.34  ? 262 THR A CB  1 
ATOM   212  O OG1 . THR A 1 44  ? 8.702   11.143  5.639   1.00  7.36  ? 262 THR A OG1 1 
ATOM   213  C CG2 . THR A 1 44  ? 8.092   12.661  7.438   1.00  7.97  ? 262 THR A CG2 1 
ATOM   214  N N   . GLU A 1 45  ? 11.073  11.805  9.270   1.00  8.93  ? 263 GLU A N   1 
ATOM   215  C CA  . GLU A 1 45  ? 11.479  12.256  10.614  1.00  9.66  ? 263 GLU A CA  1 
ATOM   216  C C   . GLU A 1 45  ? 12.832  12.914  10.612  1.00  10.42 ? 263 GLU A C   1 
ATOM   217  O O   . GLU A 1 45  ? 13.009  13.947  11.279  1.00  10.72 ? 263 GLU A O   1 
ATOM   218  C CB  . GLU A 1 45  ? 11.360  11.118  11.614  1.00  11.69 ? 263 GLU A CB  1 
ATOM   219  C CG  . GLU A 1 45  ? 9.915   10.703  11.853  1.00  16.07 ? 263 GLU A CG  1 
ATOM   220  C CD  . GLU A 1 45  ? 9.733   9.778   13.041  1.00  19.46 ? 263 GLU A CD  1 
ATOM   221  O OE1 . GLU A 1 45  ? 10.720  9.112   13.442  1.00  23.70 ? 263 GLU A OE1 1 
ATOM   222  O OE2 . GLU A 1 45  ? 8.588   9.719   13.573  1.00  24.08 ? 263 GLU A OE2 1 
ATOM   223  N N   . MET A 1 46  ? 13.771  12.401  9.831   1.00  9.46  ? 264 MET A N   1 
ATOM   224  C CA  . MET A 1 46  ? 15.092  13.032  9.719   1.00  11.75 ? 264 MET A CA  1 
ATOM   225  C C   . MET A 1 46  ? 14.922  14.472  9.303   1.00  10.54 ? 264 MET A C   1 
ATOM   226  O O   . MET A 1 46  ? 15.598  15.364  9.835   1.00  11.38 ? 264 MET A O   1 
ATOM   227  C CB  . MET A 1 46  ? 15.998  12.325  8.703   1.00  12.60 ? 264 MET A CB  1 
ATOM   228  C CG  . MET A 1 46  ? 17.363  13.082  8.495   1.00  16.37 ? 264 MET A CG  1 
ATOM   229  S SD  . MET A 1 46  ? 18.425  12.525  7.147   1.00  22.55 ? 264 MET A SD  1 
ATOM   230  C CE  . MET A 1 46  ? 19.799  13.745  7.326   1.00  23.84 ? 264 MET A CE  1 
ATOM   231  N N   . GLN A 1 47  ? 14.007  14.718  8.344   1.00  9.78  ? 265 GLN A N   1 
ATOM   232  C CA  . GLN A 1 47  ? 13.782  15.994  7.725   1.00  9.89  ? 265 GLN A CA  1 
ATOM   233  C C   . GLN A 1 47  ? 12.669  16.844  8.388   1.00  8.91  ? 265 GLN A C   1 
ATOM   234  O O   . GLN A 1 47  ? 12.144  17.764  7.778   1.00  9.74  ? 265 GLN A O   1 
ATOM   235  C CB  . GLN A 1 47  ? 13.510  15.795  6.237   1.00  10.79 ? 265 GLN A CB  1 
ATOM   236  C CG  . GLN A 1 47  ? 14.651  15.113  5.530   1.00  13.02 ? 265 GLN A CG  1 
ATOM   237  C CD  . GLN A 1 47  ? 15.882  15.968  5.449   1.00  17.56 ? 265 GLN A CD  1 
ATOM   238  O OE1 . GLN A 1 47  ? 15.791  17.203  5.370   1.00  20.20 ? 265 GLN A OE1 1 
ATOM   239  N NE2 . GLN A 1 47  ? 17.052  15.326  5.431   1.00  19.68 ? 265 GLN A NE2 1 
ATOM   240  N N   . GLY A 1 48  ? 12.350  16.512  9.628   1.00  8.06  ? 266 GLY A N   1 
ATOM   241  C CA  . GLY A 1 48  ? 11.564  17.390  10.471  1.00  8.79  ? 266 GLY A CA  1 
ATOM   242  C C   . GLY A 1 48  ? 10.076  17.180  10.458  1.00  9.24  ? 266 GLY A C   1 
ATOM   243  O O   . GLY A 1 48  ? 9.350   17.963  11.060  1.00  10.00 ? 266 GLY A O   1 
ATOM   244  N N   . GLY A 1 49  ? 9.588   16.160  9.749   1.00  7.82  ? 267 GLY A N   1 
ATOM   245  C CA  . GLY A 1 49  ? 8.169   15.904  9.715   1.00  8.51  ? 267 GLY A CA  1 
ATOM   246  C C   . GLY A 1 49  ? 7.737   14.732  10.542  1.00  7.80  ? 267 GLY A C   1 
ATOM   247  O O   . GLY A 1 49  ? 8.526   14.114  11.277  1.00  8.99  ? 267 GLY A O   1 
ATOM   248  N N   . LYS A 1 50  ? 6.469   14.412  10.360  1.00  7.71  ? 268 LYS A N   1 
ATOM   249  C CA  . LYS A 1 50  ? 5.781   13.328  10.974  1.00  8.87  ? 268 LYS A CA  1 
ATOM   250  C C   . LYS A 1 50  ? 5.122   12.520  9.874   1.00  7.10  ? 268 LYS A C   1 
ATOM   251  O O   . LYS A 1 50  ? 4.981   12.968  8.726   1.00  7.53  ? 268 LYS A O   1 
ATOM   252  C CB  . LYS A 1 50  ? 4.723   13.851  11.962  1.00  9.15  ? 268 LYS A CB  1 
ATOM   253  C CG  . LYS A 1 50  ? 5.365   14.478  13.170  1.00  11.35 ? 268 LYS A CG  1 
ATOM   254  C CD  . LYS A 1 50  ? 4.371   14.905  14.255  1.00  14.52 ? 268 LYS A CD  1 
ATOM   255  C CE  . LYS A 1 50  ? 5.097   15.751  15.313  1.00  16.51 ? 268 LYS A CE  1 
ATOM   256  N NZ  . LYS A 1 50  ? 4.181   16.082  16.452  1.00  18.77 ? 268 LYS A NZ  1 
ATOM   257  N N   . TYR A 1 51  ? 4.766   11.296  10.209  1.00  8.26  ? 269 TYR A N   1 
ATOM   258  C CA  . TYR A 1 51  ? 4.041   10.423  9.267   1.00  8.73  ? 269 TYR A CA  1 
ATOM   259  C C   . TYR A 1 51  ? 2.900   9.704   9.987   1.00  8.28  ? 269 TYR A C   1 
ATOM   260  O O   . TYR A 1 51  ? 2.953   9.524   11.241  1.00  9.50  ? 269 TYR A O   1 
ATOM   261  C CB  . TYR A 1 51  ? 4.988   9.421   8.582   1.00  9.21  ? 269 TYR A CB  1 
ATOM   262  C CG  . TYR A 1 51  ? 5.689   8.511   9.506   1.00  9.80  ? 269 TYR A CG  1 
ATOM   263  C CD1 . TYR A 1 51  ? 5.092   7.339   9.937   1.00  11.02 ? 269 TYR A CD1 1 
ATOM   264  C CD2 . TYR A 1 51  ? 6.963   8.797   9.967   1.00  11.60 ? 269 TYR A CD2 1 
ATOM   265  C CE1 . TYR A 1 51  ? 5.733   6.484   10.785  1.00  12.87 ? 269 TYR A CE1 1 
ATOM   266  C CE2 . TYR A 1 51  ? 7.601   7.933   10.854  1.00  13.86 ? 269 TYR A CE2 1 
ATOM   267  C CZ  . TYR A 1 51  ? 6.997   6.789   11.235  1.00  13.41 ? 269 TYR A CZ  1 
ATOM   268  O OH  . TYR A 1 51  ? 7.619   5.919   12.101  1.00  22.40 ? 269 TYR A OH  1 
ATOM   269  N N   . LEU A 1 52  ? 1.864   9.327   9.235   1.00  8.06  ? 270 LEU A N   1 
ATOM   270  C CA  . LEU A 1 52  ? 0.724   8.578   9.761   1.00  7.91  ? 270 LEU A CA  1 
ATOM   271  C C   . LEU A 1 52  ? 0.292   7.574   8.696   1.00  7.80  ? 270 LEU A C   1 
ATOM   272  O O   . LEU A 1 52  ? 0.714   7.674   7.537   1.00  8.05  ? 270 LEU A O   1 
ATOM   273  C CB  . LEU A 1 52  ? -0.432  9.504   10.113  1.00  8.69  ? 270 LEU A CB  1 
ATOM   274  C CG  . LEU A 1 52  ? -0.224  10.361  11.350  1.00  9.85  ? 270 LEU A CG  1 
ATOM   275  C CD1 . LEU A 1 52  ? -1.394  11.340  11.505  1.00  9.79  ? 270 LEU A CD1 1 
ATOM   276  C CD2 . LEU A 1 52  ? -0.174  9.424   12.536  1.00  10.97 ? 270 LEU A CD2 1 
ATOM   277  N N   . PRO A 1 53  ? -0.571  6.630   9.080   1.00  8.66  ? 271 PRO A N   1 
ATOM   278  C CA  . PRO A 1 53  ? -1.007  5.622   8.113   1.00  8.02  ? 271 PRO A CA  1 
ATOM   279  C C   . PRO A 1 53  ? -1.867  6.235   7.000   1.00  7.41  ? 271 PRO A C   1 
ATOM   280  O O   . PRO A 1 53  ? -2.462  7.303   7.154   1.00  8.33  ? 271 PRO A O   1 
ATOM   281  C CB  . PRO A 1 53  ? -1.832  4.664   8.970   1.00  8.84  ? 271 PRO A CB  1 
ATOM   282  C CG  . PRO A 1 53  ? -1.299  4.846   10.321  1.00  9.49  ? 271 PRO A CG  1 
ATOM   283  C CD  . PRO A 1 53  ? -0.926  6.255   10.449  1.00  9.68  ? 271 PRO A CD  1 
ATOM   284  N N   . LEU A 1 54  ? -1.914  5.528   5.881   1.00  8.13  ? 272 LEU A N   1 
ATOM   285  C CA  . LEU A 1 54  ? -2.610  5.896   4.684   1.00  8.97  ? 272 LEU A CA  1 
ATOM   286  C C   . LEU A 1 54  ? -4.081  6.126   4.971   1.00  7.65  ? 272 LEU A C   1 
ATOM   287  O O   . LEU A 1 54  ? -4.765  5.235   5.458   1.00  9.05  ? 272 LEU A O   1 
ATOM   288  C CB  . LEU A 1 54  ? -2.446  4.783   3.637   1.00  8.60  ? 272 LEU A CB  1 
ATOM   289  C CG  . LEU A 1 54  ? -3.125  5.032   2.302   1.00  8.67  ? 272 LEU A CG  1 
ATOM   290  C CD1 . LEU A 1 54  ? -2.545  6.294   1.672   1.00  9.88  ? 272 LEU A CD1 1 
ATOM   291  C CD2 . LEU A 1 54  ? -2.972  3.823   1.351   1.00  11.06 ? 272 LEU A CD2 1 
ATOM   292  N N   . GLY A 1 55  ? -4.574  7.308   4.615   1.00  8.14  ? 273 GLY A N   1 
ATOM   293  C CA  . GLY A 1 55  ? -5.963  7.694   4.830   1.00  8.41  ? 273 GLY A CA  1 
ATOM   294  C C   . GLY A 1 55  ? -6.264  8.375   6.144   1.00  8.60  ? 273 GLY A C   1 
ATOM   295  O O   . GLY A 1 55  ? -7.393  8.781   6.375   1.00  10.39 ? 273 GLY A O   1 
ATOM   296  N N   . ASP A 1 56  ? -5.256  8.533   7.001   1.00  8.89  ? 274 ASP A N   1 
ATOM   297  C CA  . ASP A 1 56  ? -5.480  9.194   8.300   1.00  9.04  ? 274 ASP A CA  1 
ATOM   298  C C   . ASP A 1 56  ? -5.883  10.626  8.023   1.00  9.18  ? 274 ASP A C   1 
ATOM   299  O O   . ASP A 1 56  ? -5.178  11.345  7.309   1.00  8.76  ? 274 ASP A O   1 
ATOM   300  C CB  . ASP A 1 56  ? -4.214  9.107   9.146   1.00  9.22  ? 274 ASP A CB  1 
ATOM   301  C CG  . ASP A 1 56  ? -4.431  9.532   10.565  1.00  11.44 ? 274 ASP A CG  1 
ATOM   302  O OD1 . ASP A 1 56  ? -4.911  10.670  10.809  1.00  10.32 ? 274 ASP A OD1 1 
ATOM   303  O OD2 . ASP A 1 56  ? -4.151  8.697   11.435  1.00  12.41 ? 274 ASP A OD2 1 
ATOM   304  N N   . GLU A 1 57  ? -7.010  11.063  8.608   1.00  9.94  ? 275 GLU A N   1 
ATOM   305  C CA  . GLU A 1 57  ? -7.514  12.399  8.342   1.00  10.78 ? 275 GLU A CA  1 
ATOM   306  C C   . GLU A 1 57  ? -6.557  13.525  8.813   1.00  10.21 ? 275 GLU A C   1 
ATOM   307  O O   . GLU A 1 57  ? -6.649  14.651  8.317   1.00  11.12 ? 275 GLU A O   1 
ATOM   308  C CB  . GLU A 1 57  ? -8.930  12.613  8.958   1.00  11.03 ? 275 GLU A CB  1 
ATOM   309  C CG  . GLU A 1 57  ? -9.508  14.025  8.756   1.00  16.59 ? 275 GLU A CG  1 
ATOM   310  N N   . ARG A 1 58  ? -5.632  13.209  9.716   1.00  10.09 ? 276 ARG A N   1 
ATOM   311  C CA  . ARG A 1 58  ? -4.608  14.199  10.174  1.00  9.44  ? 276 ARG A CA  1 
ATOM   312  C C   . ARG A 1 58  ? -3.536  14.533  9.114   1.00  9.69  ? 276 ARG A C   1 
ATOM   313  O O   . ARG A 1 58  ? -2.854  15.541  9.219   1.00  10.24 ? 276 ARG A O   1 
ATOM   314  C CB  . ARG A 1 58  ? -3.938  13.741  11.443  1.00  10.52 ? 276 ARG A CB  1 
ATOM   315  C CG  . ARG A 1 58  ? -4.908  13.598  12.614  1.00  11.01 ? 276 ARG A CG  1 
ATOM   316  C CD  . ARG A 1 58  ? -4.307  12.761  13.699  1.00  12.75 ? 276 ARG A CD  1 
ATOM   317  N NE  . ARG A 1 58  ? -3.103  13.363  14.259  1.00  13.13 ? 276 ARG A NE  1 
ATOM   318  C CZ  . ARG A 1 58  ? -2.199  12.728  15.002  1.00  13.99 ? 276 ARG A CZ  1 
ATOM   319  N NH1 . ARG A 1 58  ? -2.280  11.409  15.256  1.00  14.67 ? 276 ARG A NH1 1 
ATOM   320  N NH2 . ARG A 1 58  ? -1.164  13.424  15.478  1.00  17.36 ? 276 ARG A NH2 1 
ATOM   321  N N   . CYS A 1 59  ? -3.401  13.703  8.093   1.00  8.81  ? 277 CYS A N   1 
ATOM   322  C CA  . CYS A 1 59  ? -2.326  13.921  7.135   1.00  8.14  ? 277 CYS A CA  1 
ATOM   323  C C   . CYS A 1 59  ? -2.442  15.218  6.375   1.00  8.08  ? 277 CYS A C   1 
ATOM   324  O O   . CYS A 1 59  ? -3.531  15.616  5.960   1.00  9.92  ? 277 CYS A O   1 
ATOM   325  C CB  . CYS A 1 59  ? -2.259  12.781  6.119   1.00  7.81  ? 277 CYS A CB  1 
ATOM   326  S SG  . CYS A 1 59  ? -1.739  11.204  6.838   1.00  9.79  ? 277 CYS A SG  1 
ATOM   327  N N   . THR A 1 60  ? -1.301  15.857  6.168   1.00  8.67  ? 278 THR A N   1 
ATOM   328  C CA  . THR A 1 60  ? -1.213  17.020  5.299   1.00  8.34  ? 278 THR A CA  1 
ATOM   329  C C   . THR A 1 60  ? -0.858  16.640  3.869   1.00  8.16  ? 278 THR A C   1 
ATOM   330  O O   . THR A 1 60  ? -1.216  17.348  2.907   1.00  9.34  ? 278 THR A O   1 
ATOM   331  C CB  . THR A 1 60  ? -0.177  18.065  5.847   1.00  8.80  ? 278 THR A CB  1 
ATOM   332  O OG1 . THR A 1 60  ? 1.099   17.474  5.913   1.00  8.99  ? 278 THR A OG1 1 
ATOM   333  C CG2 . THR A 1 60  ? -0.581  18.556  7.228   1.00  9.59  ? 278 THR A CG2 1 
ATOM   334  N N   . HIS A 1 61  ? -0.133  15.521  3.724   1.00  7.36  ? 279 HIS A N   1 
ATOM   335  C CA  . HIS A 1 61  ? 0.368   15.069  2.427   1.00  8.13  ? 279 HIS A CA  1 
ATOM   336  C C   . HIS A 1 61  ? 0.181   13.578  2.284   1.00  7.63  ? 279 HIS A C   1 
ATOM   337  O O   . HIS A 1 61  ? 0.337   12.830  3.248   1.00  8.52  ? 279 HIS A O   1 
ATOM   338  C CB  . HIS A 1 61  ? 1.864   15.363  2.263   1.00  7.47  ? 279 HIS A CB  1 
ATOM   339  C CG  . HIS A 1 61  ? 2.211   16.822  2.291   1.00  7.83  ? 279 HIS A CG  1 
ATOM   340  N ND1 . HIS A 1 61  ? 2.195   17.581  3.441   1.00  8.43  ? 279 HIS A ND1 1 
ATOM   341  C CD2 . HIS A 1 61  ? 2.570   17.652  1.292   1.00  8.77  ? 279 HIS A CD2 1 
ATOM   342  C CE1 . HIS A 1 61  ? 2.509   18.837  3.128   1.00  8.06  ? 279 HIS A CE1 1 
ATOM   343  N NE2 . HIS A 1 61  ? 2.765   18.896  1.840   1.00  9.12  ? 279 HIS A NE2 1 
ATOM   344  N N   . LEU A 1 62  ? -0.085  13.152  1.062   1.00  6.66  ? 280 LEU A N   1 
ATOM   345  C CA  . LEU A 1 62  ? 0.021   11.750  0.631   1.00  7.09  ? 280 LEU A CA  1 
ATOM   346  C C   . LEU A 1 62  ? 0.999   11.744  -0.545  1.00  6.72  ? 280 LEU A C   1 
ATOM   347  O O   . LEU A 1 62  ? 0.770   12.395  -1.572  1.00  7.43  ? 280 LEU A O   1 
ATOM   348  C CB  . LEU A 1 62  ? -1.336  11.219  0.205   1.00  7.34  ? 280 LEU A CB  1 
ATOM   349  C CG  . LEU A 1 62  ? -1.335  9.854   -0.463  1.00  8.73  ? 280 LEU A CG  1 
ATOM   350  C CD1 . LEU A 1 62  ? -0.592  8.824   0.373   1.00  8.01  ? 280 LEU A CD1 1 
ATOM   351  C CD2 . LEU A 1 62  ? -2.746  9.372   -0.767  1.00  9.26  ? 280 LEU A CD2 1 
ATOM   352  N N   . VAL A 1 63  ? 2.102   11.009  -0.374  1.00  6.44  ? 281 VAL A N   1 
ATOM   353  C CA  . VAL A 1 63  ? 3.127   10.853  -1.399  1.00  6.58  ? 281 VAL A CA  1 
ATOM   354  C C   . VAL A 1 63  ? 2.882   9.526   -2.132  1.00  7.37  ? 281 VAL A C   1 
ATOM   355  O O   . VAL A 1 63  ? 2.806   8.494   -1.484  1.00  6.81  ? 281 VAL A O   1 
ATOM   356  C CB  . VAL A 1 63  ? 4.533   10.812  -0.796  1.00  6.80  ? 281 VAL A CB  1 
ATOM   357  C CG1 . VAL A 1 63  ? 5.593   10.560  -1.885  1.00  8.66  ? 281 VAL A CG1 1 
ATOM   358  C CG2 . VAL A 1 63  ? 4.784   12.115  0.033   1.00  7.07  ? 281 VAL A CG2 1 
ATOM   359  N N   . VAL A 1 64  ? 2.718   9.595   -3.452  1.00  8.41  ? 282 VAL A N   1 
ATOM   360  C CA  A VAL A 1 64  ? 2.327   8.438   -4.262  0.50  8.63  ? 282 VAL A CA  1 
ATOM   361  C CA  B VAL A 1 64  ? 2.373   8.406   -4.233  0.50  8.74  ? 282 VAL A CA  1 
ATOM   362  C C   . VAL A 1 64  ? 3.460   8.013   -5.212  1.00  9.00  ? 282 VAL A C   1 
ATOM   363  O O   . VAL A 1 64  ? 4.173   8.855   -5.742  1.00  10.35 ? 282 VAL A O   1 
ATOM   364  C CB  A VAL A 1 64  ? 1.034   8.793   -5.066  0.50  8.77  ? 282 VAL A CB  1 
ATOM   365  C CB  B VAL A 1 64  ? 1.056   8.588   -5.014  0.50  8.88  ? 282 VAL A CB  1 
ATOM   366  C CG1 A VAL A 1 64  ? 0.446   7.596   -5.801  0.50  8.63  ? 282 VAL A CG1 1 
ATOM   367  C CG1 B VAL A 1 64  ? -0.061  9.061   -4.082  0.50  10.01 ? 282 VAL A CG1 1 
ATOM   368  C CG2 A VAL A 1 64  ? -0.023  9.370   -4.131  0.50  9.66  ? 282 VAL A CG2 1 
ATOM   369  C CG2 B VAL A 1 64  ? 1.241   9.542   -6.193  0.50  9.09  ? 282 VAL A CG2 1 
ATOM   370  N N   . GLU A 1 65  ? 3.619   6.695   -5.435  1.00  9.29  ? 283 GLU A N   1 
ATOM   371  C CA  . GLU A 1 65  ? 4.430   6.192   -6.566  1.00  10.89 ? 283 GLU A CA  1 
ATOM   372  C C   . GLU A 1 65  ? 3.444   6.128   -7.726  1.00  10.73 ? 283 GLU A C   1 
ATOM   373  O O   . GLU A 1 65  ? 2.680   5.164   -7.869  1.00  10.85 ? 283 GLU A O   1 
ATOM   374  C CB  . GLU A 1 65  ? 5.055   4.819   -6.272  1.00  11.96 ? 283 GLU A CB  1 
ATOM   375  C CG  . GLU A 1 65  ? 5.642   4.073   -7.551  1.00  13.77 ? 283 GLU A CG  1 
ATOM   376  C CD  . GLU A 1 65  ? 6.595   4.889   -8.380  1.00  16.16 ? 283 GLU A CD  1 
ATOM   377  O OE1 . GLU A 1 65  ? 7.843   4.707   -8.225  1.00  18.19 ? 283 GLU A OE1 1 
ATOM   378  O OE2 . GLU A 1 65  ? 6.154   5.679   -9.224  1.00  16.38 ? 283 GLU A OE2 1 
ATOM   379  N N   . GLU A 1 66  ? 3.433   7.170   -8.539  1.00  11.01 ? 284 GLU A N   1 
ATOM   380  C CA  . GLU A 1 66  ? 2.430   7.316   -9.584  1.00  11.99 ? 284 GLU A CA  1 
ATOM   381  C C   . GLU A 1 66  ? 2.557   6.270   -10.697 1.00  13.47 ? 284 GLU A C   1 
ATOM   382  O O   . GLU A 1 66  ? 1.648   6.122   -11.500 1.00  13.97 ? 284 GLU A O   1 
ATOM   383  C CB  . GLU A 1 66  ? 2.469   8.732   -10.158 1.00  12.74 ? 284 GLU A CB  1 
ATOM   384  C CG  . GLU A 1 66  ? 3.739   9.123   -10.930 1.00  15.19 ? 284 GLU A CG  1 
ATOM   385  C CD  . GLU A 1 66  ? 4.927   9.637   -10.091 1.00  16.99 ? 284 GLU A CD  1 
ATOM   386  O OE1 . GLU A 1 66  ? 4.969   9.497   -8.862  1.00  16.51 ? 284 GLU A OE1 1 
ATOM   387  O OE2 . GLU A 1 66  ? 5.868   10.187  -10.732 1.00  19.65 ? 284 GLU A OE2 1 
ATOM   388  N N   . ASN A 1 67  ? 3.677   5.546   -10.760 1.00  14.13 ? 285 ASN A N   1 
ATOM   389  C CA  . ASN A 1 67  ? 3.799   4.442   -11.716 1.00  14.98 ? 285 ASN A CA  1 
ATOM   390  C C   . ASN A 1 67  ? 3.019   3.205   -11.288 1.00  15.28 ? 285 ASN A C   1 
ATOM   391  O O   . ASN A 1 67  ? 2.827   2.297   -12.098 1.00  17.22 ? 285 ASN A O   1 
ATOM   392  C CB  . ASN A 1 67  ? 5.282   4.097   -11.940 1.00  15.22 ? 285 ASN A CB  1 
ATOM   393  C CG  . ASN A 1 67  ? 6.025   5.195   -12.650 1.00  16.27 ? 285 ASN A CG  1 
ATOM   394  O OD1 . ASN A 1 67  ? 5.833   5.404   -13.846 1.00  20.06 ? 285 ASN A OD1 1 
ATOM   395  N ND2 . ASN A 1 67  ? 6.866   5.915   -11.931 1.00  16.34 ? 285 ASN A ND2 1 
ATOM   396  N N   . ILE A 1 68  ? 2.581   3.165   -10.032 1.00  14.65 ? 286 ILE A N   1 
ATOM   397  C CA  A ILE A 1 68  ? 1.854   2.040   -9.463  0.50  14.76 ? 286 ILE A CA  1 
ATOM   398  C CA  B ILE A 1 68  ? 1.833   2.028   -9.459  0.50  15.25 ? 286 ILE A CA  1 
ATOM   399  C C   . ILE A 1 68  ? 0.370   2.366   -9.216  1.00  14.41 ? 286 ILE A C   1 
ATOM   400  O O   . ILE A 1 68  ? -0.486  1.503   -9.322  1.00  14.49 ? 286 ILE A O   1 
ATOM   401  C CB  A ILE A 1 68  ? 2.552   1.609   -8.163  0.50  15.15 ? 286 ILE A CB  1 
ATOM   402  C CB  B ILE A 1 68  ? 2.425   1.545   -8.101  0.50  15.57 ? 286 ILE A CB  1 
ATOM   403  C CG1 A ILE A 1 68  ? 3.706   0.661   -8.522  0.50  15.90 ? 286 ILE A CG1 1 
ATOM   404  C CG1 B ILE A 1 68  ? 1.595   0.430   -7.483  0.50  17.70 ? 286 ILE A CG1 1 
ATOM   405  C CG2 A ILE A 1 68  ? 1.621   0.973   -7.180  0.50  14.16 ? 286 ILE A CG2 1 
ATOM   406  C CG2 B ILE A 1 68  ? 2.483   2.638   -7.109  0.50  17.15 ? 286 ILE A CG2 1 
ATOM   407  C CD1 A ILE A 1 68  ? 4.587   0.405   -7.406  0.50  14.64 ? 286 ILE A CD1 1 
ATOM   408  C CD1 B ILE A 1 68  ? 2.299   -0.265  -6.434  0.50  17.49 ? 286 ILE A CD1 1 
ATOM   409  N N   . VAL A 1 69  ? 0.104   3.612   -8.860  1.00  12.94 ? 287 VAL A N   1 
ATOM   410  C CA  . VAL A 1 69  ? -1.205  4.024   -8.344  1.00  13.43 ? 287 VAL A CA  1 
ATOM   411  C C   . VAL A 1 69  ? -2.058  4.590   -9.457  1.00  12.67 ? 287 VAL A C   1 
ATOM   412  O O   . VAL A 1 69  ? -1.652  5.546   -10.117 1.00  14.10 ? 287 VAL A O   1 
ATOM   413  C CB  . VAL A 1 69  ? -0.977  5.075   -7.235  1.00  12.17 ? 287 VAL A CB  1 
ATOM   414  C CG1 . VAL A 1 69  ? -2.277  5.627   -6.692  1.00  13.40 ? 287 VAL A CG1 1 
ATOM   415  C CG2 . VAL A 1 69  ? -0.132  4.476   -6.147  1.00  14.33 ? 287 VAL A CG2 1 
ATOM   416  N N   . LYS A 1 70  ? -3.262  4.052   -9.614  1.00  12.59 ? 288 LYS A N   1 
ATOM   417  C CA  . LYS A 1 70  ? -4.215  4.631   -10.588 1.00  14.04 ? 288 LYS A CA  1 
ATOM   418  C C   . LYS A 1 70  ? -5.386  5.367   -9.974  1.00  13.42 ? 288 LYS A C   1 
ATOM   419  O O   . LYS A 1 70  ? -6.094  6.078   -10.692 1.00  13.91 ? 288 LYS A O   1 
ATOM   420  C CB  . LYS A 1 70  ? -4.679  3.611   -11.607 1.00  15.93 ? 288 LYS A CB  1 
ATOM   421  C CG  . LYS A 1 70  ? -5.279  2.407   -11.086 1.00  18.85 ? 288 LYS A CG  1 
ATOM   422  C CD  . LYS A 1 70  ? -5.535  1.445   -12.261 1.00  20.99 ? 288 LYS A CD  1 
ATOM   423  C CE  . LYS A 1 70  ? -6.270  0.262   -11.828 1.00  21.26 ? 288 LYS A CE  1 
ATOM   424  N NZ  . LYS A 1 70  ? -6.688  -0.572  -12.982 1.00  23.20 ? 288 LYS A NZ  1 
ATOM   425  N N   . ASP A 1 71  ? -5.620  5.194   -8.668  1.00  11.73 ? 289 ASP A N   1 
ATOM   426  C CA  . ASP A 1 71  ? -6.688  5.896   -7.958  1.00  12.95 ? 289 ASP A CA  1 
ATOM   427  C C   . ASP A 1 71  ? -6.362  5.827   -6.488  1.00  11.62 ? 289 ASP A C   1 
ATOM   428  O O   . ASP A 1 71  ? -5.440  5.097   -6.089  1.00  10.83 ? 289 ASP A O   1 
ATOM   429  C CB  . ASP A 1 71  ? -8.010  5.216   -8.278  1.00  13.19 ? 289 ASP A CB  1 
ATOM   430  C CG  . ASP A 1 71  ? -9.234  6.057   -7.935  1.00  17.71 ? 289 ASP A CG  1 
ATOM   431  O OD1 . ASP A 1 71  ? -9.109  7.233   -7.524  1.00  19.50 ? 289 ASP A OD1 1 
ATOM   432  O OD2 . ASP A 1 71  ? -10.348 5.484   -8.103  1.00  23.11 ? 289 ASP A OD2 1 
ATOM   433  N N   . LEU A 1 72  ? -7.074  6.580   -5.663  1.00  11.86 ? 290 LEU A N   1 
ATOM   434  C CA  . LEU A 1 72  ? -6.908  6.527   -4.233  1.00  11.71 ? 290 LEU A CA  1 
ATOM   435  C C   . LEU A 1 72  ? -7.951  5.660   -3.544  1.00  11.57 ? 290 LEU A C   1 
ATOM   436  O O   . LEU A 1 72  ? -9.133  5.688   -3.915  1.00  11.46 ? 290 LEU A O   1 
ATOM   437  C CB  . LEU A 1 72  ? -6.966  7.947   -3.637  1.00  12.80 ? 290 LEU A CB  1 
ATOM   438  C CG  . LEU A 1 72  ? -6.056  8.983   -4.290  1.00  13.59 ? 290 LEU A CG  1 
ATOM   439  C CD1 . LEU A 1 72  ? -6.297  10.320  -3.609  1.00  16.59 ? 290 LEU A CD1 1 
ATOM   440  C CD2 . LEU A 1 72  ? -4.591  8.584   -4.168  1.00  15.46 ? 290 LEU A CD2 1 
ATOM   441  N N   . PRO A 1 73  ? -7.535  4.911   -2.508  1.00  11.72 ? 291 PRO A N   1 
ATOM   442  C CA  . PRO A 1 73  ? -8.464  4.020   -1.830  1.00  12.32 ? 291 PRO A CA  1 
ATOM   443  C C   . PRO A 1 73  ? -9.304  4.671   -0.713  1.00  12.36 ? 291 PRO A C   1 
ATOM   444  O O   . PRO A 1 73  ? -9.908  3.952   0.103   1.00  14.46 ? 291 PRO A O   1 
ATOM   445  C CB  . PRO A 1 73  ? -7.526  2.965   -1.247  1.00  12.63 ? 291 PRO A CB  1 
ATOM   446  C CG  . PRO A 1 73  ? -6.296  3.742   -0.912  1.00  12.66 ? 291 PRO A CG  1 
ATOM   447  C CD  . PRO A 1 73  ? -6.155  4.760   -1.987  1.00  10.63 ? 291 PRO A CD  1 
ATOM   448  N N   . PHE A 1 74  ? -9.331  6.008   -0.671  1.00  11.98 ? 292 PHE A N   1 
ATOM   449  C CA  . PHE A 1 74  ? -10.161 6.744   0.264   1.00  12.14 ? 292 PHE A CA  1 
ATOM   450  C C   . PHE A 1 74  ? -10.421 8.120   -0.370  1.00  12.57 ? 292 PHE A C   1 
ATOM   451  O O   . PHE A 1 74  ? -9.818  8.473   -1.390  1.00  12.24 ? 292 PHE A O   1 
ATOM   452  C CB  . PHE A 1 74  ? -9.475  6.891   1.629   1.00  12.13 ? 292 PHE A CB  1 
ATOM   453  C CG  . PHE A 1 74  ? -8.231  7.724   1.584   1.00  10.47 ? 292 PHE A CG  1 
ATOM   454  C CD1 . PHE A 1 74  ? -8.255  9.080   1.893   1.00  9.19  ? 292 PHE A CD1 1 
ATOM   455  C CD2 . PHE A 1 74  ? -7.031  7.178   1.194   1.00  10.92 ? 292 PHE A CD2 1 
ATOM   456  C CE1 . PHE A 1 74  ? -7.081  9.855   1.824   1.00  10.17 ? 292 PHE A CE1 1 
ATOM   457  C CE2 . PHE A 1 74  ? -5.885  7.937   1.130   1.00  11.68 ? 292 PHE A CE2 1 
ATOM   458  C CZ  . PHE A 1 74  ? -5.908  9.275   1.419   1.00  10.65 ? 292 PHE A CZ  1 
ATOM   459  N N   . GLU A 1 75  ? -11.331 8.895   0.241   1.00  14.03 ? 293 GLU A N   1 
ATOM   460  C CA  . GLU A 1 75  ? -11.661 10.237  -0.248  1.00  15.18 ? 293 GLU A CA  1 
ATOM   461  C C   . GLU A 1 75  ? -10.791 11.247  0.532   1.00  14.39 ? 293 GLU A C   1 
ATOM   462  O O   . GLU A 1 75  ? -10.891 11.343  1.760   1.00  15.78 ? 293 GLU A O   1 
ATOM   463  C CB  . GLU A 1 75  ? -13.173 10.535  -0.075  1.00  16.57 ? 293 GLU A CB  1 
ATOM   464  C CG  . GLU A 1 75  ? -13.607 11.868  -0.658  1.00  19.13 ? 293 GLU A CG  1 
ATOM   465  N N   . PRO A 1 76  ? -9.896  11.940  -0.165  1.00  15.47 ? 294 PRO A N   1 
ATOM   466  C CA  . PRO A 1 76  ? -9.020  12.884  0.513   1.00  15.64 ? 294 PRO A CA  1 
ATOM   467  C C   . PRO A 1 76  ? -9.794  14.013  1.165   1.00  15.45 ? 294 PRO A C   1 
ATOM   468  O O   . PRO A 1 76  ? -10.830 14.455  0.634   1.00  15.93 ? 294 PRO A O   1 
ATOM   469  C CB  . PRO A 1 76  ? -8.167  13.464  -0.601  1.00  16.48 ? 294 PRO A CB  1 
ATOM   470  C CG  . PRO A 1 76  ? -8.548  12.836  -1.812  1.00  17.80 ? 294 PRO A CG  1 
ATOM   471  C CD  . PRO A 1 76  ? -9.648  11.889  -1.604  1.00  15.93 ? 294 PRO A CD  1 
ATOM   472  N N   . SER A 1 77  ? -9.310  14.471  2.311   1.00  13.82 ? 295 SER A N   1 
ATOM   473  C CA  . SER A 1 77  ? -9.780  15.739  2.858   1.00  14.51 ? 295 SER A CA  1 
ATOM   474  C C   . SER A 1 77  ? -9.468  16.896  1.903   1.00  15.87 ? 295 SER A C   1 
ATOM   475  O O   . SER A 1 77  ? -8.602  16.799  1.024   1.00  14.92 ? 295 SER A O   1 
ATOM   476  C CB  . SER A 1 77  ? -9.102  15.960  4.196   1.00  13.91 ? 295 SER A CB  1 
ATOM   477  O OG  . SER A 1 77  ? -7.738  16.334  3.997   1.00  14.66 ? 295 SER A OG  1 
ATOM   478  N N   . LYS A 1 78  ? -10.153 18.021  2.077   1.00  17.07 ? 296 LYS A N   1 
ATOM   479  C CA  . LYS A 1 78  ? -9.838  19.178  1.240   1.00  18.17 ? 296 LYS A CA  1 
ATOM   480  C C   . LYS A 1 78  ? -8.386  19.676  1.467   1.00  17.89 ? 296 LYS A C   1 
ATOM   481  O O   . LYS A 1 78  ? -7.737  20.163  0.525   1.00  18.35 ? 296 LYS A O   1 
ATOM   482  C CB  . LYS A 1 78  ? -10.840 20.319  1.491   1.00  19.19 ? 296 LYS A CB  1 
ATOM   483  N N   . LYS A 1 79  ? -7.881  19.557  2.691   1.00  17.55 ? 297 LYS A N   1 
ATOM   484  C CA  . LYS A 1 79  ? -6.521  20.060  3.017   1.00  17.57 ? 297 LYS A CA  1 
ATOM   485  C C   . LYS A 1 79  ? -5.419  19.199  2.379   1.00  16.21 ? 297 LYS A C   1 
ATOM   486  O O   . LYS A 1 79  ? -4.349  19.723  2.046   1.00  16.96 ? 297 LYS A O   1 
ATOM   487  C CB  . LYS A 1 79  ? -6.268  20.186  4.547   1.00  19.01 ? 297 LYS A CB  1 
ATOM   488  C CG  . LYS A 1 79  ? -6.177  18.892  5.333   1.00  21.35 ? 297 LYS A CG  1 
ATOM   489  C CD  . LYS A 1 79  ? -5.926  19.148  6.868   1.00  23.87 ? 297 LYS A CD  1 
ATOM   490  N N   . LEU A 1 80  ? -5.682  17.913  2.165   1.00  13.44 ? 298 LEU A N   1 
ATOM   491  C CA  . LEU A 1 80  ? -4.637  16.957  1.721   1.00  11.35 ? 298 LEU A CA  1 
ATOM   492  C C   . LEU A 1 80  ? -4.014  17.294  0.386   1.00  10.69 ? 298 LEU A C   1 
ATOM   493  O O   . LEU A 1 80  ? -4.696  17.477  -0.600  1.00  12.21 ? 298 LEU A O   1 
ATOM   494  C CB  . LEU A 1 80  ? -5.208  15.538  1.634   1.00  10.40 ? 298 LEU A CB  1 
ATOM   495  C CG  . LEU A 1 80  ? -4.201  14.369  1.538   1.00  7.88  ? 298 LEU A CG  1 
ATOM   496  C CD1 . LEU A 1 80  ? -3.323  14.180  2.781   1.00  10.07 ? 298 LEU A CD1 1 
ATOM   497  C CD2 . LEU A 1 80  ? -4.862  13.041  1.180   1.00  9.01  ? 298 LEU A CD2 1 
ATOM   498  N N   . TYR A 1 81  ? -2.701  17.376  0.368   1.00  8.55  ? 299 TYR A N   1 
ATOM   499  C CA  . TYR A 1 81  ? -1.956  17.472  -0.884  1.00  8.77  ? 299 TYR A CA  1 
ATOM   500  C C   . TYR A 1 81  ? -1.533  16.063  -1.297  1.00  9.88  ? 299 TYR A C   1 
ATOM   501  O O   . TYR A 1 81  ? -0.821  15.419  -0.555  1.00  9.48  ? 299 TYR A O   1 
ATOM   502  C CB  . TYR A 1 81  ? -0.685  18.277  -0.698  1.00  9.51  ? 299 TYR A CB  1 
ATOM   503  C CG  . TYR A 1 81  ? -0.883  19.754  -0.495  1.00  10.52 ? 299 TYR A CG  1 
ATOM   504  C CD1 . TYR A 1 81  ? -1.310  20.550  -1.555  1.00  13.75 ? 299 TYR A CD1 1 
ATOM   505  C CD2 . TYR A 1 81  ? -0.601  20.347  0.715   1.00  13.98 ? 299 TYR A CD2 1 
ATOM   506  C CE1 . TYR A 1 81  ? -1.482  21.923  -1.391  1.00  14.21 ? 299 TYR A CE1 1 
ATOM   507  C CE2 . TYR A 1 81  ? -0.767  21.713  0.893   1.00  14.66 ? 299 TYR A CE2 1 
ATOM   508  C CZ  . TYR A 1 81  ? -1.206  22.475  -0.166  1.00  15.93 ? 299 TYR A CZ  1 
ATOM   509  O OH  . TYR A 1 81  ? -1.351  23.843  0.030   1.00  23.27 ? 299 TYR A OH  1 
ATOM   510  N N   . VAL A 1 82  ? -2.010  15.598  -2.444  1.00  7.35  ? 300 VAL A N   1 
ATOM   511  C CA  . VAL A 1 82  ? -1.666  14.273  -2.989  1.00  8.13  ? 300 VAL A CA  1 
ATOM   512  C C   . VAL A 1 82  ? -0.671  14.533  -4.096  1.00  7.16  ? 300 VAL A C   1 
ATOM   513  O O   . VAL A 1 82  ? -1.001  15.105  -5.140  1.00  8.61  ? 300 VAL A O   1 
ATOM   514  C CB  . VAL A 1 82  ? -2.905  13.532  -3.484  1.00  7.86  ? 300 VAL A CB  1 
ATOM   515  C CG1 . VAL A 1 82  ? -2.525  12.122  -3.941  1.00  10.13 ? 300 VAL A CG1 1 
ATOM   516  C CG2 . VAL A 1 82  ? -3.979  13.434  -2.415  1.00  9.10  ? 300 VAL A CG2 1 
ATOM   517  N N   . VAL A 1 83  ? 0.582   14.159  -3.824  1.00  7.52  ? 301 VAL A N   1 
ATOM   518  C CA  . VAL A 1 83  ? 1.724   14.540  -4.632  1.00  7.51  ? 301 VAL A CA  1 
ATOM   519  C C   . VAL A 1 83  ? 2.508   13.339  -5.154  1.00  9.05  ? 301 VAL A C   1 
ATOM   520  O O   . VAL A 1 83  ? 2.560   12.297  -4.518  1.00  8.71  ? 301 VAL A O   1 
ATOM   521  C CB  . VAL A 1 83  ? 2.732   15.461  -3.840  1.00  8.17  ? 301 VAL A CB  1 
ATOM   522  C CG1 . VAL A 1 83  ? 2.072   16.841  -3.518  1.00  9.08  ? 301 VAL A CG1 1 
ATOM   523  C CG2 . VAL A 1 83  ? 3.199   14.751  -2.569  1.00  8.12  ? 301 VAL A CG2 1 
ATOM   524  N N   . LYS A 1 84  ? 3.083   13.514  -6.321  1.00  9.90  ? 302 LYS A N   1 
ATOM   525  C CA  . LYS A 1 84  ? 4.018   12.540  -6.878  1.00  10.39 ? 302 LYS A CA  1 
ATOM   526  C C   . LYS A 1 84  ? 5.264   12.464  -6.026  1.00  10.62 ? 302 LYS A C   1 
ATOM   527  O O   . LYS A 1 84  ? 5.612   13.398  -5.291  1.00  10.58 ? 302 LYS A O   1 
ATOM   528  C CB  . LYS A 1 84  ? 4.396   12.930  -8.306  1.00  11.44 ? 302 LYS A CB  1 
ATOM   529  C CG  . LYS A 1 84  ? 3.202   12.886  -9.245  1.00  13.75 ? 302 LYS A CG  1 
ATOM   530  C CD  . LYS A 1 84  ? 3.559   13.218  -10.676 1.00  16.64 ? 302 LYS A CD  1 
ATOM   531  C CE  . LYS A 1 84  ? 3.658   14.690  -10.874 1.00  21.24 ? 302 LYS A CE  1 
ATOM   532  N NZ  . LYS A 1 84  ? 3.803   15.004  -12.331 1.00  23.14 ? 302 LYS A NZ  1 
ATOM   533  N N   . GLN A 1 85  ? 5.956   11.339  -6.149  1.00  11.65 ? 303 GLN A N   1 
ATOM   534  C CA  . GLN A 1 85  ? 7.142   11.044  -5.375  1.00  12.06 ? 303 GLN A CA  1 
ATOM   535  C C   . GLN A 1 85  ? 8.220   12.126  -5.456  1.00  11.14 ? 303 GLN A C   1 
ATOM   536  O O   . GLN A 1 85  ? 8.932   12.369  -4.491  1.00  9.80  ? 303 GLN A O   1 
ATOM   537  C CB  . GLN A 1 85  ? 7.737   9.701   -5.882  1.00  13.65 ? 303 GLN A CB  1 
ATOM   538  C CG  . GLN A 1 85  ? 8.716   9.199   -4.964  1.00  16.76 ? 303 GLN A CG  1 
ATOM   539  C CD  . GLN A 1 85  ? 9.340   7.866   -5.324  1.00  14.59 ? 303 GLN A CD  1 
ATOM   540  O OE1 . GLN A 1 85  ? 10.240  7.431   -4.617  1.00  17.27 ? 303 GLN A OE1 1 
ATOM   541  N NE2 . GLN A 1 85  ? 8.905   7.225   -6.426  1.00  14.17 ? 303 GLN A NE2 1 
ATOM   542  N N   . GLU A 1 86  ? 8.331   12.767  -6.612  1.00  11.18 ? 304 GLU A N   1 
ATOM   543  C CA  . GLU A 1 86  ? 9.344   13.796  -6.836  1.00  11.52 ? 304 GLU A CA  1 
ATOM   544  C C   . GLU A 1 86  ? 9.237   14.932  -5.819  1.00  10.88 ? 304 GLU A C   1 
ATOM   545  O O   . GLU A 1 86  ? 10.244  15.533  -5.462  1.00  10.75 ? 304 GLU A O   1 
ATOM   546  C CB  . GLU A 1 86  ? 9.255   14.343  -8.275  1.00  12.99 ? 304 GLU A CB  1 
ATOM   547  C CG  . GLU A 1 86  ? 10.339  15.343  -8.642  1.00  17.29 ? 304 GLU A CG  1 
ATOM   548  C CD  . GLU A 1 86  ? 10.150  15.988  -10.017 1.00  22.03 ? 304 GLU A CD  1 
ATOM   549  O OE1 . GLU A 1 86  ? 9.143   15.700  -10.730 1.00  24.33 ? 304 GLU A OE1 1 
ATOM   550  O OE2 . GLU A 1 86  ? 11.022  16.830  -10.366 1.00  26.34 ? 304 GLU A OE2 1 
ATOM   551  N N   . TRP A 1 87  ? 8.033   15.229  -5.343  1.00  9.90  ? 305 TRP A N   1 
ATOM   552  C CA  . TRP A 1 87  ? 7.897   16.301  -4.324  1.00  9.38  ? 305 TRP A CA  1 
ATOM   553  C C   . TRP A 1 87  ? 8.710   15.984  -3.085  1.00  9.66  ? 305 TRP A C   1 
ATOM   554  O O   . TRP A 1 87  ? 9.314   16.875  -2.462  1.00  9.65  ? 305 TRP A O   1 
ATOM   555  C CB  . TRP A 1 87  ? 6.423   16.496  -3.939  1.00  8.60  ? 305 TRP A CB  1 
ATOM   556  C CG  . TRP A 1 87  ? 6.252   17.448  -2.801  1.00  8.87  ? 305 TRP A CG  1 
ATOM   557  C CD1 . TRP A 1 87  ? 6.159   18.812  -2.874  1.00  9.07  ? 305 TRP A CD1 1 
ATOM   558  C CD2 . TRP A 1 87  ? 6.176   17.132  -1.380  1.00  8.42  ? 305 TRP A CD2 1 
ATOM   559  N NE1 . TRP A 1 87  ? 6.046   19.340  -1.645  1.00  9.51  ? 305 TRP A NE1 1 
ATOM   560  C CE2 . TRP A 1 87  ? 6.082   18.349  -0.694  1.00  8.82  ? 305 TRP A CE2 1 
ATOM   561  C CE3 . TRP A 1 87  ? 6.190   15.945  -0.640  1.00  7.92  ? 305 TRP A CE3 1 
ATOM   562  C CZ2 . TRP A 1 87  ? 5.936   18.423  0.689   1.00  10.16 ? 305 TRP A CZ2 1 
ATOM   563  C CZ3 . TRP A 1 87  ? 6.065   16.011  0.739   1.00  7.97  ? 305 TRP A CZ3 1 
ATOM   564  C CH2 . TRP A 1 87  ? 5.966   17.256  1.400   1.00  6.67  ? 305 TRP A CH2 1 
ATOM   565  N N   . PHE A 1 88  ? 8.705   14.709  -2.717  1.00  9.29  ? 306 PHE A N   1 
ATOM   566  C CA  . PHE A 1 88  ? 9.359   14.265  -1.501  1.00  8.63  ? 306 PHE A CA  1 
ATOM   567  C C   . PHE A 1 88  ? 10.853  14.350  -1.654  1.00  9.69  ? 306 PHE A C   1 
ATOM   568  O O   . PHE A 1 88  ? 11.523  15.038  -0.889  1.00  9.35  ? 306 PHE A O   1 
ATOM   569  C CB  . PHE A 1 88  ? 8.904   12.837  -1.179  1.00  8.29  ? 306 PHE A CB  1 
ATOM   570  C CG  . PHE A 1 88  ? 9.512   12.242  0.038   1.00  7.16  ? 306 PHE A CG  1 
ATOM   571  C CD1 . PHE A 1 88  ? 8.978   12.499  1.280   1.00  8.13  ? 306 PHE A CD1 1 
ATOM   572  C CD2 . PHE A 1 88  ? 10.606  11.354  -0.050  1.00  8.82  ? 306 PHE A CD2 1 
ATOM   573  C CE1 . PHE A 1 88  ? 9.512   11.918  2.400   1.00  7.93  ? 306 PHE A CE1 1 
ATOM   574  C CE2 . PHE A 1 88  ? 11.150  10.786  1.079   1.00  9.16  ? 306 PHE A CE2 1 
ATOM   575  C CZ  . PHE A 1 88  ? 10.620  11.059  2.287   1.00  8.36  ? 306 PHE A CZ  1 
ATOM   576  N N   . TRP A 1 89  ? 11.384  13.682  -2.662  1.00  9.45  ? 307 TRP A N   1 
ATOM   577  C CA  . TRP A 1 89  ? 12.848  13.682  -2.804  1.00  10.59 ? 307 TRP A CA  1 
ATOM   578  C C   . TRP A 1 89  ? 13.338  15.065  -3.250  1.00  10.45 ? 307 TRP A C   1 
ATOM   579  O O   . TRP A 1 89  ? 14.461  15.458  -2.907  1.00  11.08 ? 307 TRP A O   1 
ATOM   580  C CB  . TRP A 1 89  ? 13.295  12.590  -3.746  1.00  10.39 ? 307 TRP A CB  1 
ATOM   581  C CG  . TRP A 1 89  ? 12.874  11.241  -3.324  1.00  9.74  ? 307 TRP A CG  1 
ATOM   582  C CD1 . TRP A 1 89  ? 11.878  10.506  -3.881  1.00  11.13 ? 307 TRP A CD1 1 
ATOM   583  C CD2 . TRP A 1 89  ? 13.385  10.449  -2.235  1.00  9.18  ? 307 TRP A CD2 1 
ATOM   584  N NE1 . TRP A 1 89  ? 11.766  9.289   -3.245  1.00  10.73 ? 307 TRP A NE1 1 
ATOM   585  C CE2 . TRP A 1 89  ? 12.652  9.243   -2.224  1.00  9.38  ? 307 TRP A CE2 1 
ATOM   586  C CE3 . TRP A 1 89  ? 14.371  10.638  -1.271  1.00  11.61 ? 307 TRP A CE3 1 
ATOM   587  C CZ2 . TRP A 1 89  ? 12.899  8.212   -1.296  1.00  9.91  ? 307 TRP A CZ2 1 
ATOM   588  C CZ3 . TRP A 1 89  ? 14.614  9.593   -0.356  1.00  10.27 ? 307 TRP A CZ3 1 
ATOM   589  C CH2 . TRP A 1 89  ? 13.864  8.436   -0.367  1.00  9.87  ? 307 TRP A CH2 1 
ATOM   590  N N   . GLY A 1 90  ? 12.528  15.798  -4.019  1.00  11.31 ? 308 GLY A N   1 
ATOM   591  C CA  . GLY A 1 90  ? 12.883  17.156  -4.391  1.00  11.36 ? 308 GLY A CA  1 
ATOM   592  C C   . GLY A 1 90  ? 13.001  18.108  -3.212  1.00  11.16 ? 308 GLY A C   1 
ATOM   593  O O   . GLY A 1 90  ? 13.939  18.914  -3.145  1.00  12.06 ? 308 GLY A O   1 
ATOM   594  N N   . SER A 1 91  ? 12.080  18.039  -2.259  1.00  10.97 ? 309 SER A N   1 
ATOM   595  C CA  . SER A 1 91  ? 12.158  18.826  -1.044  1.00  11.25 ? 309 SER A CA  1 
ATOM   596  C C   . SER A 1 91  ? 13.457  18.537  -0.274  1.00  11.08 ? 309 SER A C   1 
ATOM   597  O O   . SER A 1 91  ? 14.077  19.448  0.285   1.00  11.23 ? 309 SER A O   1 
ATOM   598  C CB  . SER A 1 91  ? 10.981  18.513  -0.117  1.00  11.24 ? 309 SER A CB  1 
ATOM   599  O OG  . SER A 1 91  ? 9.776   18.946  -0.692  1.00  10.27 ? 309 SER A OG  1 
ATOM   600  N N   . ILE A 1 92  ? 13.824  17.271  -0.197  1.00  10.72 ? 310 ILE A N   1 
ATOM   601  C CA  . ILE A 1 92  ? 15.052  16.856  0.511   1.00  11.34 ? 310 ILE A CA  1 
ATOM   602  C C   . ILE A 1 92  ? 16.282  17.425  -0.225  1.00  11.99 ? 310 ILE A C   1 
ATOM   603  O O   . ILE A 1 92  ? 17.175  18.025  0.422   1.00  11.66 ? 310 ILE A O   1 
ATOM   604  C CB  . ILE A 1 92  ? 15.134  15.364  0.645   1.00  11.70 ? 310 ILE A CB  1 
ATOM   605  C CG1 . ILE A 1 92  ? 14.015  14.878  1.564   1.00  11.32 ? 310 ILE A CG1 1 
ATOM   606  C CG2 . ILE A 1 92  ? 16.464  14.971  1.284   1.00  13.89 ? 310 ILE A CG2 1 
ATOM   607  C CD1 . ILE A 1 92  ? 13.770  13.419  1.498   1.00  14.42 ? 310 ILE A CD1 1 
ATOM   608  N N   . GLN A 1 93  ? 16.324  17.263  -1.544  1.00  11.59 ? 311 GLN A N   1 
ATOM   609  C CA  . GLN A 1 93  ? 17.463  17.781  -2.320  1.00  12.93 ? 311 GLN A CA  1 
ATOM   610  C C   . GLN A 1 93  ? 17.618  19.298  -2.129  1.00  13.59 ? 311 GLN A C   1 
ATOM   611  O O   . GLN A 1 93  ? 18.739  19.801  -2.007  1.00  15.04 ? 311 GLN A O   1 
ATOM   612  C CB  . GLN A 1 93  ? 17.294  17.453  -3.796  1.00  13.60 ? 311 GLN A CB  1 
ATOM   613  C CG  . GLN A 1 93  ? 18.344  18.078  -4.723  1.00  15.20 ? 311 GLN A CG  1 
ATOM   614  C CD  . GLN A 1 93  ? 18.263  17.560  -6.147  1.00  20.79 ? 311 GLN A CD  1 
ATOM   615  O OE1 . GLN A 1 93  ? 17.521  16.611  -6.460  1.00  22.43 ? 311 GLN A OE1 1 
ATOM   616  N NE2 . GLN A 1 93  ? 19.042  18.183  -7.033  1.00  21.61 ? 311 GLN A NE2 1 
ATOM   617  N N   . MET A 1 94  ? 16.495  20.029  -2.113  1.00  13.37 ? 312 MET A N   1 
ATOM   618  C CA  . MET A 1 94  ? 16.485  21.507  -2.003  1.00  14.77 ? 312 MET A CA  1 
ATOM   619  C C   . MET A 1 94  ? 16.651  22.009  -0.574  1.00  13.66 ? 312 MET A C   1 
ATOM   620  O O   . MET A 1 94  ? 16.818  23.208  -0.350  1.00  15.05 ? 312 MET A O   1 
ATOM   621  C CB  . MET A 1 94  ? 15.146  22.089  -2.510  1.00  16.25 ? 312 MET A CB  1 
ATOM   622  C CG  . MET A 1 94  ? 14.810  21.919  -3.971  1.00  21.77 ? 312 MET A CG  1 
ATOM   623  S SD  . MET A 1 94  ? 12.998  22.209  -4.346  1.00  33.99 ? 312 MET A SD  1 
ATOM   624  C CE  . MET A 1 94  ? 12.393  23.090  -2.909  1.00  23.24 ? 312 MET A CE  1 
ATOM   625  N N   . ASP A 1 95  ? 16.567  21.109  0.404   1.00  12.66 ? 313 ASP A N   1 
ATOM   626  C CA  . ASP A 1 95  ? 16.511  21.465  1.839   1.00  12.99 ? 313 ASP A CA  1 
ATOM   627  C C   . ASP A 1 95  ? 15.441  22.531  2.117   1.00  13.76 ? 313 ASP A C   1 
ATOM   628  O O   . ASP A 1 95  ? 15.630  23.511  2.864   1.00  14.06 ? 313 ASP A O   1 
ATOM   629  C CB  . ASP A 1 95  ? 17.918  21.856  2.382   1.00  13.47 ? 313 ASP A CB  1 
ATOM   630  C CG  . ASP A 1 95  ? 17.932  22.034  3.893   1.00  16.76 ? 313 ASP A CG  1 
ATOM   631  O OD1 . ASP A 1 95  ? 17.190  21.312  4.614   1.00  18.35 ? 313 ASP A OD1 1 
ATOM   632  O OD2 . ASP A 1 95  ? 18.662  22.939  4.389   1.00  18.29 ? 313 ASP A OD2 1 
ATOM   633  N N   . ALA A 1 96  ? 14.277  22.331  1.497   1.00  13.52 ? 314 ALA A N   1 
ATOM   634  C CA  . ALA A 1 96  ? 13.151  23.259  1.612   1.00  14.20 ? 314 ALA A CA  1 
ATOM   635  C C   . ALA A 1 96  ? 11.895  22.531  1.159   1.00  14.21 ? 314 ALA A C   1 
ATOM   636  O O   . ALA A 1 96  ? 11.946  21.701  0.260   1.00  15.61 ? 314 ALA A O   1 
ATOM   637  C CB  . ALA A 1 96  ? 13.370  24.522  0.738   1.00  14.74 ? 314 ALA A CB  1 
ATOM   638  N N   . ARG A 1 97  ? 10.765  22.873  1.736   1.00  14.35 ? 315 ARG A N   1 
ATOM   639  C CA  . ARG A 1 97  ? 9.505   22.300  1.272   1.00  14.12 ? 315 ARG A CA  1 
ATOM   640  C C   . ARG A 1 97  ? 9.239   22.731  -0.158  1.00  14.05 ? 315 ARG A C   1 
ATOM   641  O O   . ARG A 1 97  ? 9.112   23.929  -0.449  1.00  15.24 ? 315 ARG A O   1 
ATOM   642  C CB  . ARG A 1 97  ? 8.392   22.753  2.180   1.00  13.67 ? 315 ARG A CB  1 
ATOM   643  C CG  . ARG A 1 97  ? 7.044   22.132  1.970   1.00  15.32 ? 315 ARG A CG  1 
ATOM   644  C CD  . ARG A 1 97  ? 6.088   22.669  3.042   1.00  17.50 ? 315 ARG A CD  1 
ATOM   645  N NE  . ARG A 1 97  ? 4.695   22.446  2.745   1.00  20.59 ? 315 ARG A NE  1 
ATOM   646  C CZ  . ARG A 1 97  ? 3.688   22.611  3.601   1.00  21.32 ? 315 ARG A CZ  1 
ATOM   647  N NH1 . ARG A 1 97  ? 3.907   23.026  4.862   1.00  24.31 ? 315 ARG A NH1 1 
ATOM   648  N NH2 . ARG A 1 97  ? 2.446   22.368  3.195   1.00  22.73 ? 315 ARG A NH2 1 
ATOM   649  N N   . ALA A 1 98  ? 9.153   21.759  -1.063  1.00  13.16 ? 316 ALA A N   1 
ATOM   650  C CA  . ALA A 1 98  ? 8.805   22.067  -2.436  1.00  13.10 ? 316 ALA A CA  1 
ATOM   651  C C   . ALA A 1 98  ? 7.325   22.487  -2.556  1.00  13.01 ? 316 ALA A C   1 
ATOM   652  O O   . ALA A 1 98  ? 6.495   22.143  -1.722  1.00  11.43 ? 316 ALA A O   1 
ATOM   653  C CB  . ALA A 1 98  ? 9.108   20.942  -3.323  1.00  12.87 ? 316 ALA A CB  1 
ATOM   654  N N   . GLY A 1 99  ? 7.013   23.293  -3.579  1.00  14.12 ? 317 GLY A N   1 
ATOM   655  C CA  . GLY A 1 99  ? 5.622   23.659  -3.815  1.00  13.25 ? 317 GLY A CA  1 
ATOM   656  C C   . GLY A 1 99  ? 4.798   22.481  -4.303  1.00  12.65 ? 317 GLY A C   1 
ATOM   657  O O   . GLY A 1 99  ? 5.008   21.991  -5.364  1.00  13.34 ? 317 GLY A O   1 
ATOM   658  N N   . GLU A 1 100 ? 3.846   22.047  -3.486  1.00  11.97 ? 318 GLU A N   1 
ATOM   659  C CA  . GLU A 1 100 ? 3.018   20.854  -3.783  1.00  11.16 ? 318 GLU A CA  1 
ATOM   660  C C   . GLU A 1 100 ? 2.269   20.965  -5.116  1.00  11.99 ? 318 GLU A C   1 
ATOM   661  O O   . GLU A 1 100 ? 2.095   19.976  -5.856  1.00  11.97 ? 318 GLU A O   1 
ATOM   662  C CB  . GLU A 1 100 ? 1.989   20.662  -2.669  1.00  10.79 ? 318 GLU A CB  1 
ATOM   663  C CG  . GLU A 1 100 ? 2.562   20.290  -1.298  1.00  9.41  ? 318 GLU A CG  1 
ATOM   664  C CD  . GLU A 1 100 ? 3.026   21.493  -0.446  1.00  11.20 ? 318 GLU A CD  1 
ATOM   665  O OE1 . GLU A 1 100 ? 2.973   22.652  -0.948  1.00  14.32 ? 318 GLU A OE1 1 
ATOM   666  O OE2 . GLU A 1 100 ? 3.446   21.256  0.706   1.00  12.36 ? 318 GLU A OE2 1 
ATOM   667  N N   . THR A 1 101 ? 1.826   22.187  -5.404  1.00  13.28 ? 319 THR A N   1 
ATOM   668  C CA  . THR A 1 101 ? 1.003   22.423  -6.568  1.00  13.40 ? 319 THR A CA  1 
ATOM   669  C C   . THR A 1 101 ? 1.751   22.176  -7.882  1.00  14.09 ? 319 THR A C   1 
ATOM   670  O O   . THR A 1 101 ? 1.123   22.071  -8.929  1.00  15.26 ? 319 THR A O   1 
ATOM   671  C CB  . THR A 1 101 ? 0.413   23.859  -6.576  1.00  14.41 ? 319 THR A CB  1 
ATOM   672  O OG1 . THR A 1 101 ? 1.464   24.813  -6.438  1.00  16.40 ? 319 THR A OG1 1 
ATOM   673  C CG2 . THR A 1 101 ? -0.590  24.040  -5.485  1.00  14.76 ? 319 THR A CG2 1 
ATOM   674  N N   . MET A 1 102 ? 3.067   22.040  -7.835  1.00  13.58 ? 320 MET A N   1 
ATOM   675  C CA  . MET A 1 102 ? 3.852   21.706  -9.013  1.00  14.02 ? 320 MET A CA  1 
ATOM   676  C C   . MET A 1 102 ? 4.005   20.193  -9.219  1.00  14.54 ? 320 MET A C   1 
ATOM   677  O O   . MET A 1 102 ? 4.538   19.746  -10.228 1.00  15.03 ? 320 MET A O   1 
ATOM   678  C CB  . MET A 1 102 ? 5.198   22.406  -8.947  1.00  15.54 ? 320 MET A CB  1 
ATOM   679  C CG  . MET A 1 102 ? 5.040   23.940  -8.785  1.00  17.19 ? 320 MET A CG  1 
ATOM   680  S SD  . MET A 1 102 ? 4.308   24.801  -10.251 1.00  20.16 ? 320 MET A SD  1 
ATOM   681  C CE  . MET A 1 102 ? 2.429   24.822  -10.035 1.00  16.14 ? 320 MET A CE  1 
ATOM   682  N N   . TYR A 1 103 ? 3.483   19.403  -8.279  1.00  13.50 ? 321 TYR A N   1 
ATOM   683  C CA  . TYR A 1 103 ? 3.732   17.958  -8.255  1.00  14.31 ? 321 TYR A CA  1 
ATOM   684  C C   . TYR A 1 103 ? 2.487   17.163  -7.946  1.00  13.33 ? 321 TYR A C   1 
ATOM   685  O O   . TYR A 1 103 ? 2.597   16.018  -7.506  1.00  12.73 ? 321 TYR A O   1 
ATOM   686  C CB  . TYR A 1 103 ? 4.802   17.594  -7.199  1.00  13.78 ? 321 TYR A CB  1 
ATOM   687  C CG  . TYR A 1 103 ? 6.122   18.290  -7.387  1.00  16.82 ? 321 TYR A CG  1 
ATOM   688  C CD1 . TYR A 1 103 ? 6.429   19.437  -6.672  1.00  17.00 ? 321 TYR A CD1 1 
ATOM   689  C CD2 . TYR A 1 103 ? 7.037   17.822  -8.308  1.00  20.95 ? 321 TYR A CD2 1 
ATOM   690  C CE1 . TYR A 1 103 ? 7.614   20.101  -6.852  1.00  19.66 ? 321 TYR A CE1 1 
ATOM   691  C CE2 . TYR A 1 103 ? 8.257   18.493  -8.499  1.00  22.79 ? 321 TYR A CE2 1 
ATOM   692  C CZ  . TYR A 1 103 ? 8.527   19.613  -7.757  1.00  21.97 ? 321 TYR A CZ  1 
ATOM   693  O OH  . TYR A 1 103 ? 9.722   20.271  -7.949  1.00  28.15 ? 321 TYR A OH  1 
ATOM   694  N N   . LEU A 1 104 ? 1.294   17.720  -8.161  1.00  12.14 ? 322 LEU A N   1 
ATOM   695  C CA  . LEU A 1 104 ? 0.080   16.978  -7.782  1.00  12.08 ? 322 LEU A CA  1 
ATOM   696  C C   . LEU A 1 104 ? -0.024  15.700  -8.592  1.00  12.22 ? 322 LEU A C   1 
ATOM   697  O O   . LEU A 1 104 ? 0.294   15.648  -9.811  1.00  14.51 ? 322 LEU A O   1 
ATOM   698  C CB  . LEU A 1 104 ? -1.219  17.808  -7.869  1.00  12.62 ? 322 LEU A CB  1 
ATOM   699  C CG  . LEU A 1 104 ? -1.328  19.045  -6.968  1.00  12.63 ? 322 LEU A CG  1 
ATOM   700  C CD1 . LEU A 1 104 ? -2.778  19.627  -6.981  1.00  13.39 ? 322 LEU A CD1 1 
ATOM   701  C CD2 . LEU A 1 104 ? -0.906  18.740  -5.527  1.00  15.07 ? 322 LEU A CD2 1 
ATOM   702  N N   . TYR A 1 105 ? -0.433  14.649  -7.891  1.00  13.35 ? 323 TYR A N   1 
ATOM   703  C CA  . TYR A 1 105 ? -0.793  13.398  -8.530  1.00  13.40 ? 323 TYR A CA  1 
ATOM   704  C C   . TYR A 1 105 ? -2.093  13.580  -9.326  1.00  15.66 ? 323 TYR A C   1 
ATOM   705  O O   . TYR A 1 105 ? -3.022  14.217  -8.827  1.00  15.14 ? 323 TYR A O   1 
ATOM   706  C CB  . TYR A 1 105 ? -0.926  12.299  -7.452  1.00  12.59 ? 323 TYR A CB  1 
ATOM   707  C CG  . TYR A 1 105 ? -1.572  11.052  -7.963  1.00  12.76 ? 323 TYR A CG  1 
ATOM   708  C CD1 . TYR A 1 105 ? -0.871  10.248  -8.851  1.00  15.36 ? 323 TYR A CD1 1 
ATOM   709  C CD2 . TYR A 1 105 ? -2.862  10.719  -7.642  1.00  12.69 ? 323 TYR A CD2 1 
ATOM   710  C CE1 . TYR A 1 105 ? -1.430  9.133   -9.365  1.00  14.23 ? 323 TYR A CE1 1 
ATOM   711  C CE2 . TYR A 1 105 ? -3.438  9.572   -8.146  1.00  14.11 ? 323 TYR A CE2 1 
ATOM   712  C CZ  . TYR A 1 105 ? -2.710  8.789   -9.017  1.00  13.25 ? 323 TYR A CZ  1 
ATOM   713  O OH  . TYR A 1 105 ? -3.268  7.645   -9.548  1.00  15.83 ? 323 TYR A OH  1 
ATOM   714  N N   . GLU A 1 106 ? -2.141  13.023  -10.554 1.00  18.67 ? 324 GLU A N   1 
ATOM   715  C CA  A GLU A 1 106 ? -3.362  13.039  -11.382 0.50  21.00 ? 324 GLU A CA  1 
ATOM   716  C CA  B GLU A 1 106 ? -3.346  13.070  -11.386 0.50  20.97 ? 324 GLU A CA  1 
ATOM   717  C C   . GLU A 1 106 ? -3.864  11.649  -11.785 1.00  22.30 ? 324 GLU A C   1 
ATOM   718  O O   . GLU A 1 106 ? -3.079  10.710  -12.023 1.00  23.99 ? 324 GLU A O   1 
ATOM   719  C CB  A GLU A 1 106 ? -3.161  13.855  -12.657 0.50  20.96 ? 324 GLU A CB  1 
ATOM   720  C CB  B GLU A 1 106 ? -3.100  13.976  -12.625 0.50  20.88 ? 324 GLU A CB  1 
ATOM   721  C CG  A GLU A 1 106 ? -4.485  14.078  -13.435 0.50  21.54 ? 324 GLU A CG  1 
ATOM   722  C CG  B GLU A 1 106 ? -2.952  15.509  -12.284 0.50  21.33 ? 324 GLU A CG  1 
ATOM   723  C CD  A GLU A 1 106 ? -5.558  14.702  -12.546 0.50  22.13 ? 324 GLU A CD  1 
ATOM   724  C CD  B GLU A 1 106 ? -2.857  16.451  -13.511 0.50  21.86 ? 324 GLU A CD  1 
ATOM   725  O OE1 A GLU A 1 106 ? -5.208  15.612  -11.775 0.50  21.88 ? 324 GLU A OE1 1 
ATOM   726  O OE1 B GLU A 1 106 ? -3.798  16.479  -14.326 0.50  23.70 ? 324 GLU A OE1 1 
ATOM   727  O OE2 A GLU A 1 106 ? -6.737  14.281  -12.598 0.50  22.70 ? 324 GLU A OE2 1 
ATOM   728  O OE2 B GLU A 1 106 ? -1.854  17.190  -13.628 0.50  23.23 ? 324 GLU A OE2 1 
ATOM   729  N N   . LYS A 1 107 ? -5.187  11.522  -11.851 1.00  25.36 ? 325 LYS A N   1 
ATOM   730  C CA  . LYS A 1 107 ? -5.913  10.336  -12.361 1.00  26.88 ? 325 LYS A CA  1 
ATOM   731  C C   . LYS A 1 107 ? -5.930  9.271   -11.276 1.00  27.56 ? 325 LYS A C   1 
ATOM   732  O O   . LYS A 1 107 ? -6.723  9.370   -10.327 1.00  28.92 ? 325 LYS A O   1 
ATOM   733  C CB  . LYS A 1 107 ? -5.340  9.830   -13.690 1.00  27.27 ? 325 LYS A CB  1 
ATOM   734  N N   . GLY B 1 18  ? -15.095 -26.312 7.296   1.00  31.97 ? 236 GLY B N   1 
ATOM   735  C CA  . GLY B 1 18  ? -14.134 -27.325 7.824   1.00  31.27 ? 236 GLY B CA  1 
ATOM   736  C C   . GLY B 1 18  ? -12.808 -26.715 8.250   1.00  30.62 ? 236 GLY B C   1 
ATOM   737  O O   . GLY B 1 18  ? -12.696 -26.147 9.343   1.00  31.28 ? 236 GLY B O   1 
ATOM   738  N N   . VAL B 1 19  ? -11.799 -26.855 7.390   1.00  29.28 ? 237 VAL B N   1 
ATOM   739  C CA  . VAL B 1 19  ? -10.510 -26.217 7.604   1.00  27.56 ? 237 VAL B CA  1 
ATOM   740  C C   . VAL B 1 19  ? -10.752 -24.714 7.446   1.00  25.10 ? 237 VAL B C   1 
ATOM   741  O O   . VAL B 1 19  ? -11.559 -24.303 6.600   1.00  25.59 ? 237 VAL B O   1 
ATOM   742  C CB  . VAL B 1 19  ? -9.445  -26.704 6.579   1.00  28.11 ? 237 VAL B CB  1 
ATOM   743  C CG1 . VAL B 1 19  ? -8.096  -26.071 6.848   1.00  27.95 ? 237 VAL B CG1 1 
ATOM   744  C CG2 . VAL B 1 19  ? -9.309  -28.233 6.616   1.00  29.91 ? 237 VAL B CG2 1 
ATOM   745  N N   . PRO B 1 20  ? -10.104 -23.886 8.290   1.00  22.08 ? 238 PRO B N   1 
ATOM   746  C CA  . PRO B 1 20  ? -10.270 -22.445 8.094   1.00  20.61 ? 238 PRO B CA  1 
ATOM   747  C C   . PRO B 1 20  ? -9.821  -22.010 6.703   1.00  18.64 ? 238 PRO B C   1 
ATOM   748  O O   . PRO B 1 20  ? -8.869  -22.548 6.186   1.00  17.27 ? 238 PRO B O   1 
ATOM   749  C CB  . PRO B 1 20  ? -9.363  -21.846 9.159   1.00  20.84 ? 238 PRO B CB  1 
ATOM   750  C CG  . PRO B 1 20  ? -9.279  -22.866 10.214  1.00  21.67 ? 238 PRO B CG  1 
ATOM   751  C CD  . PRO B 1 20  ? -9.361  -24.189 9.525   1.00  22.18 ? 238 PRO B CD  1 
ATOM   752  N N   . PRO B 1 21  ? -10.511 -21.023 6.093   1.00  16.61 ? 239 PRO B N   1 
ATOM   753  C CA  . PRO B 1 21  ? -10.188 -20.680 4.709   1.00  15.26 ? 239 PRO B CA  1 
ATOM   754  C C   . PRO B 1 21  ? -8.721  -20.271 4.493   1.00  12.96 ? 239 PRO B C   1 
ATOM   755  O O   . PRO B 1 21  ? -8.146  -20.570 3.444   1.00  12.77 ? 239 PRO B O   1 
ATOM   756  C CB  . PRO B 1 21  ? -11.146 -19.522 4.411   1.00  15.71 ? 239 PRO B CB  1 
ATOM   757  C CG  . PRO B 1 21  ? -12.297 -19.727 5.367   1.00  16.76 ? 239 PRO B CG  1 
ATOM   758  C CD  . PRO B 1 21  ? -11.703 -20.280 6.581   1.00  16.73 ? 239 PRO B CD  1 
ATOM   759  N N   . PHE B 1 22  ? -8.127  -19.577 5.455   1.00  11.61 ? 240 PHE B N   1 
ATOM   760  C CA  . PHE B 1 22  ? -6.746  -19.110 5.299   1.00  10.23 ? 240 PHE B CA  1 
ATOM   761  C C   . PHE B 1 22  ? -5.702  -19.889 6.082   1.00  10.61 ? 240 PHE B C   1 
ATOM   762  O O   . PHE B 1 22  ? -4.596  -19.434 6.240   1.00  10.20 ? 240 PHE B O   1 
ATOM   763  C CB  . PHE B 1 22  ? -6.657  -17.609 5.629   1.00  9.29  ? 240 PHE B CB  1 
ATOM   764  C CG  . PHE B 1 22  ? -7.569  -16.752 4.781   1.00  9.74  ? 240 PHE B CG  1 
ATOM   765  C CD1 . PHE B 1 22  ? -7.765  -16.986 3.412   1.00  10.08 ? 240 PHE B CD1 1 
ATOM   766  C CD2 . PHE B 1 22  ? -8.208  -15.672 5.347   1.00  9.26  ? 240 PHE B CD2 1 
ATOM   767  C CE1 . PHE B 1 22  ? -8.622  -16.183 2.677   1.00  9.49  ? 240 PHE B CE1 1 
ATOM   768  C CE2 . PHE B 1 22  ? -9.063  -14.887 4.609   1.00  10.59 ? 240 PHE B CE2 1 
ATOM   769  C CZ  . PHE B 1 22  ? -9.257  -15.120 3.277   1.00  8.69  ? 240 PHE B CZ  1 
ATOM   770  N N   . GLN B 1 23  ? -6.042  -21.109 6.513   1.00  11.60 ? 241 GLN B N   1 
ATOM   771  C CA  . GLN B 1 23  ? -5.122  -21.996 7.138   1.00  12.48 ? 241 GLN B CA  1 
ATOM   772  C C   . GLN B 1 23  ? -3.879  -22.112 6.269   1.00  10.84 ? 241 GLN B C   1 
ATOM   773  O O   . GLN B 1 23  ? -3.985  -22.273 5.055   1.00  10.91 ? 241 GLN B O   1 
ATOM   774  C CB  . GLN B 1 23  ? -5.780  -23.373 7.253   1.00  13.55 ? 241 GLN B CB  1 
ATOM   775  C CG  . GLN B 1 23  ? -4.917  -24.390 7.942   1.00  17.70 ? 241 GLN B CG  1 
ATOM   776  C CD  . GLN B 1 23  ? -4.784  -24.104 9.404   1.00  21.96 ? 241 GLN B CD  1 
ATOM   777  O OE1 . GLN B 1 23  ? -3.681  -23.845 9.911   1.00  28.91 ? 241 GLN B OE1 1 
ATOM   778  N NE2 . GLN B 1 23  ? -5.904  -24.141 10.110  1.00  26.24 ? 241 GLN B NE2 1 
ATOM   779  N N   . ASP B 1 24  ? -2.719  -21.953 6.902   1.00  11.81 ? 242 ASP B N   1 
ATOM   780  C CA  . ASP B 1 24  ? -1.412  -22.072 6.252   1.00  12.89 ? 242 ASP B CA  1 
ATOM   781  C C   . ASP B 1 24  ? -1.060  -20.978 5.235   1.00  12.48 ? 242 ASP B C   1 
ATOM   782  O O   . ASP B 1 24  ? -0.115  -21.126 4.454   1.00  14.33 ? 242 ASP B O   1 
ATOM   783  C CB  . ASP B 1 24  ? -1.203  -23.461 5.679   1.00  14.63 ? 242 ASP B CB  1 
ATOM   784  C CG  . ASP B 1 24  ? -1.095  -24.532 6.779   1.00  17.51 ? 242 ASP B CG  1 
ATOM   785  O OD1 . ASP B 1 24  ? -1.050  -24.213 7.997   1.00  22.52 ? 242 ASP B OD1 1 
ATOM   786  O OD2 . ASP B 1 24  ? -1.096  -25.684 6.400   1.00  25.51 ? 242 ASP B OD2 1 
ATOM   787  N N   . CYS B 1 25  ? -1.798  -19.875 5.283   1.00  10.03 ? 243 CYS B N   1 
ATOM   788  C CA  . CYS B 1 25  ? -1.555  -18.749 4.379   1.00  8.59  ? 243 CYS B CA  1 
ATOM   789  C C   . CYS B 1 25  ? -1.026  -17.574 5.174   1.00  7.16  ? 243 CYS B C   1 
ATOM   790  O O   . CYS B 1 25  ? -1.456  -17.334 6.286   1.00  8.74  ? 243 CYS B O   1 
ATOM   791  C CB  . CYS B 1 25  ? -2.836  -18.291 3.703   1.00  8.25  ? 243 CYS B CB  1 
ATOM   792  S SG  . CYS B 1 25  ? -3.652  -19.552 2.670   1.00  10.74 ? 243 CYS B SG  1 
ATOM   793  N N   . ILE B 1 26  ? -0.076  -16.870 4.598   1.00  7.38  ? 244 ILE B N   1 
ATOM   794  C CA  . ILE B 1 26  ? 0.416   -15.594 5.109   1.00  7.10  ? 244 ILE B CA  1 
ATOM   795  C C   . ILE B 1 26  ? 0.117   -14.562 4.045   1.00  6.68  ? 244 ILE B C   1 
ATOM   796  O O   . ILE B 1 26  ? 0.753   -14.526 2.990   1.00  7.27  ? 244 ILE B O   1 
ATOM   797  C CB  . ILE B 1 26  ? 1.900   -15.609 5.444   1.00  7.52  ? 244 ILE B CB  1 
ATOM   798  C CG1 . ILE B 1 26  ? 2.210   -16.715 6.454   1.00  8.89  ? 244 ILE B CG1 1 
ATOM   799  C CG2 . ILE B 1 26  ? 2.345   -14.256 6.040   1.00  8.32  ? 244 ILE B CG2 1 
ATOM   800  C CD1 . ILE B 1 26  ? 3.680   -16.806 6.809   1.00  9.51  ? 244 ILE B CD1 1 
ATOM   801  N N   . LEU B 1 27  ? -0.866  -13.720 4.360   1.00  7.09  ? 245 LEU B N   1 
ATOM   802  C CA  . LEU B 1 27  ? -1.367  -12.728 3.420   1.00  7.75  ? 245 LEU B CA  1 
ATOM   803  C C   . LEU B 1 27  ? -0.619  -11.426 3.578   1.00  7.82  ? 245 LEU B C   1 
ATOM   804  O O   . LEU B 1 27  ? 0.118   -11.210 4.545   1.00  9.50  ? 245 LEU B O   1 
ATOM   805  C CB  . LEU B 1 27  ? -2.860  -12.507 3.629   1.00  8.20  ? 245 LEU B CB  1 
ATOM   806  C CG  . LEU B 1 27  ? -3.741  -13.737 3.588   1.00  10.59 ? 245 LEU B CG  1 
ATOM   807  C CD1 . LEU B 1 27  ? -5.231  -13.276 3.500   1.00  9.72  ? 245 LEU B CD1 1 
ATOM   808  C CD2 . LEU B 1 27  ? -3.399  -14.765 2.521   1.00  14.50 ? 245 LEU B CD2 1 
ATOM   809  N N   . SER B 1 28  ? -0.808  -10.550 2.606   1.00  7.11  ? 246 SER B N   1 
ATOM   810  C CA  . SER B 1 28  ? -0.296  -9.202  2.567   1.00  6.63  ? 246 SER B CA  1 
ATOM   811  C C   . SER B 1 28  ? -1.245  -8.458  1.641   1.00  5.88  ? 246 SER B C   1 
ATOM   812  O O   . SER B 1 28  ? -1.997  -9.094  0.894   1.00  6.74  ? 246 SER B O   1 
ATOM   813  C CB  . SER B 1 28  ? 1.143   -9.093  2.051   1.00  5.87  ? 246 SER B CB  1 
ATOM   814  O OG  . SER B 1 28  ? 1.286   -9.747  0.781   1.00  6.18  ? 246 SER B OG  1 
ATOM   815  N N   . PHE B 1 29  ? -1.233  -7.113  1.714   1.00  6.48  ? 247 PHE B N   1 
ATOM   816  C CA  . PHE B 1 29  ? -2.247  -6.279  1.054   1.00  6.87  ? 247 PHE B CA  1 
ATOM   817  C C   . PHE B 1 29  ? -1.656  -5.093  0.337   1.00  7.00  ? 247 PHE B C   1 
ATOM   818  O O   . PHE B 1 29  ? -0.749  -4.409  0.879   1.00  9.75  ? 247 PHE B O   1 
ATOM   819  C CB  . PHE B 1 29  ? -3.249  -5.822  2.108   1.00  7.75  ? 247 PHE B CB  1 
ATOM   820  C CG  . PHE B 1 29  ? -3.856  -6.979  2.856   1.00  6.47  ? 247 PHE B CG  1 
ATOM   821  C CD1 . PHE B 1 29  ? -4.938  -7.659  2.331   1.00  7.39  ? 247 PHE B CD1 1 
ATOM   822  C CD2 . PHE B 1 29  ? -3.316  -7.402  4.052   1.00  6.57  ? 247 PHE B CD2 1 
ATOM   823  C CE1 . PHE B 1 29  ? -5.471  -8.801  3.003   1.00  9.05  ? 247 PHE B CE1 1 
ATOM   824  C CE2 . PHE B 1 29  ? -3.846  -8.532  4.709   1.00  7.81  ? 247 PHE B CE2 1 
ATOM   825  C CZ  . PHE B 1 29  ? -4.924  -9.194  4.189   1.00  8.47  ? 247 PHE B CZ  1 
ATOM   826  N N   . LEU B 1 30  ? -2.157  -4.821  -0.869  1.00  6.73  ? 248 LEU B N   1 
ATOM   827  C CA  . LEU B 1 30  ? -1.721  -3.670  -1.675  1.00  7.27  ? 248 LEU B CA  1 
ATOM   828  C C   . LEU B 1 30  ? -2.931  -2.958  -2.292  1.00  7.34  ? 248 LEU B C   1 
ATOM   829  O O   . LEU B 1 30  ? -3.753  -3.593  -2.942  1.00  7.96  ? 248 LEU B O   1 
ATOM   830  C CB  . LEU B 1 30  ? -0.768  -4.126  -2.788  1.00  7.72  ? 248 LEU B CB  1 
ATOM   831  C CG  . LEU B 1 30  ? -0.407  -3.075  -3.861  1.00  9.02  ? 248 LEU B CG  1 
ATOM   832  C CD1 . LEU B 1 30  ? 0.337   -1.894  -3.268  1.00  11.29 ? 248 LEU B CD1 1 
ATOM   833  C CD2 . LEU B 1 30  ? 0.383   -3.742  -5.031  1.00  9.84  ? 248 LEU B CD2 1 
ATOM   834  N N   . GLY B 1 31  ? -3.050  -1.643  -2.073  1.00  8.70  ? 249 GLY B N   1 
ATOM   835  C CA  . GLY B 1 31  ? -4.137  -0.858  -2.656  1.00  10.49 ? 249 GLY B CA  1 
ATOM   836  C C   . GLY B 1 31  ? -5.289  -0.553  -1.723  1.00  11.59 ? 249 GLY B C   1 
ATOM   837  O O   . GLY B 1 31  ? -6.383  -0.199  -2.174  1.00  13.59 ? 249 GLY B O   1 
ATOM   838  N N   . PHE B 1 32  ? -5.042  -0.713  -0.424  1.00  10.78 ? 250 PHE B N   1 
ATOM   839  C CA  . PHE B 1 32  ? -6.053  -0.516  0.610   1.00  10.04 ? 250 PHE B CA  1 
ATOM   840  C C   . PHE B 1 32  ? -5.648  0.649   1.524   1.00  9.96  ? 250 PHE B C   1 
ATOM   841  O O   . PHE B 1 32  ? -4.483  0.843   1.846   1.00  11.32 ? 250 PHE B O   1 
ATOM   842  C CB  . PHE B 1 32  ? -6.240  -1.818  1.402   1.00  10.69 ? 250 PHE B CB  1 
ATOM   843  C CG  . PHE B 1 32  ? -6.714  -2.969  0.547   1.00  8.77  ? 250 PHE B CG  1 
ATOM   844  C CD1 . PHE B 1 32  ? -8.043  -3.117  0.214   1.00  8.84  ? 250 PHE B CD1 1 
ATOM   845  C CD2 . PHE B 1 32  ? -5.781  -3.879  -0.012  1.00  9.60  ? 250 PHE B CD2 1 
ATOM   846  C CE1 . PHE B 1 32  ? -8.467  -4.150  -0.628  1.00  10.18 ? 250 PHE B CE1 1 
ATOM   847  C CE2 . PHE B 1 32  ? -6.203  -4.912  -0.812  1.00  10.18 ? 250 PHE B CE2 1 
ATOM   848  C CZ  . PHE B 1 32  ? -7.540  -5.062  -1.107  1.00  10.22 ? 250 PHE B CZ  1 
ATOM   849  N N   . SER B 1 33  ? -6.638  1.368   2.033   1.00  10.41 ? 251 SER B N   1 
ATOM   850  C CA  . SER B 1 33  ? -6.350  2.329   3.086   1.00  10.17 ? 251 SER B CA  1 
ATOM   851  C C   . SER B 1 33  ? -5.928  1.609   4.344   1.00  10.73 ? 251 SER B C   1 
ATOM   852  O O   . SER B 1 33  ? -6.143  0.384   4.470   1.00  9.53  ? 251 SER B O   1 
ATOM   853  C CB  . SER B 1 33  ? -7.570  3.169   3.398   1.00  11.16 ? 251 SER B CB  1 
ATOM   854  O OG  . SER B 1 33  ? -8.602  2.346   3.943   1.00  11.23 ? 251 SER B OG  1 
ATOM   855  N N   . ASP B 1 34  ? -5.336  2.307   5.311   1.00  9.91  ? 252 ASP B N   1 
ATOM   856  C CA  . ASP B 1 34  ? -5.042  1.647   6.559   1.00  9.70  ? 252 ASP B CA  1 
ATOM   857  C C   . ASP B 1 34  ? -6.280  1.056   7.238   1.00  9.66  ? 252 ASP B C   1 
ATOM   858  O O   . ASP B 1 34  ? -6.206  -0.016  7.819   1.00  8.37  ? 252 ASP B O   1 
ATOM   859  C CB  . ASP B 1 34  ? -4.298  2.553   7.552   1.00  10.81 ? 252 ASP B CB  1 
ATOM   860  C CG  . ASP B 1 34  ? -3.650  1.746   8.674   1.00  11.89 ? 252 ASP B CG  1 
ATOM   861  O OD1 . ASP B 1 34  ? -2.658  1.033   8.375   1.00  14.28 ? 252 ASP B OD1 1 
ATOM   862  O OD2 . ASP B 1 34  ? -4.090  1.826   9.848   1.00  14.28 ? 252 ASP B OD2 1 
ATOM   863  N N   . GLU B 1 35  ? -7.389  1.784   7.189   1.00  9.88  ? 253 GLU B N   1 
ATOM   864  C CA  . GLU B 1 35  ? -8.619  1.317   7.815   1.00  11.21 ? 253 GLU B CA  1 
ATOM   865  C C   . GLU B 1 35  ? -9.026  -0.027  7.209   1.00  9.88  ? 253 GLU B C   1 
ATOM   866  O O   . GLU B 1 35  ? -9.389  -0.969  7.933   1.00  10.37 ? 253 GLU B O   1 
ATOM   867  C CB  . GLU B 1 35  ? -9.714  2.365   7.624   1.00  12.72 ? 253 GLU B CB  1 
ATOM   868  C CG  . GLU B 1 35  ? -11.058 1.937   8.110   1.00  17.71 ? 253 GLU B CG  1 
ATOM   869  C CD  . GLU B 1 35  ? -12.068 3.076   8.136   1.00  26.08 ? 253 GLU B CD  1 
ATOM   870  O OE1 . GLU B 1 35  ? -11.666 4.238   8.424   1.00  31.68 ? 253 GLU B OE1 1 
ATOM   871  O OE2 . GLU B 1 35  ? -13.267 2.804   7.892   1.00  31.94 ? 253 GLU B OE2 1 
ATOM   872  N N   . GLU B 1 36  ? -9.000  -0.093  5.871   1.00  9.83  ? 254 GLU B N   1 
ATOM   873  C CA  . GLU B 1 36  ? -9.353  -1.318  5.152   1.00  8.61  ? 254 GLU B CA  1 
ATOM   874  C C   . GLU B 1 36  ? -8.343  -2.428  5.461   1.00  8.94  ? 254 GLU B C   1 
ATOM   875  O O   . GLU B 1 36  ? -8.713  -3.584  5.697   1.00  8.58  ? 254 GLU B O   1 
ATOM   876  C CB  . GLU B 1 36  ? -9.336  -1.071  3.654   1.00  9.47  ? 254 GLU B CB  1 
ATOM   877  C CG  . GLU B 1 36  ? -10.455 -0.218  3.188   1.00  10.81 ? 254 GLU B CG  1 
ATOM   878  C CD  . GLU B 1 36  ? -10.343 0.226   1.733   1.00  14.22 ? 254 GLU B CD  1 
ATOM   879  O OE1 . GLU B 1 36  ? -9.239  0.425   1.182   1.00  13.61 ? 254 GLU B OE1 1 
ATOM   880  O OE2 . GLU B 1 36  ? -11.425 0.433   1.125   1.00  18.80 ? 254 GLU B OE2 1 
ATOM   881  N N   . LYS B 1 37  ? -7.063  -2.083  5.449   1.00  8.60  ? 255 LYS B N   1 
ATOM   882  C CA  . LYS B 1 37  ? -6.010  -3.062  5.700   1.00  9.28  ? 255 LYS B CA  1 
ATOM   883  C C   . LYS B 1 37  ? -6.155  -3.680  7.086   1.00  9.93  ? 255 LYS B C   1 
ATOM   884  O O   . LYS B 1 37  ? -6.038  -4.896  7.238   1.00  9.06  ? 255 LYS B O   1 
ATOM   885  C CB  . LYS B 1 37  ? -4.625  -2.450  5.492   1.00  10.41 ? 255 LYS B CB  1 
ATOM   886  C CG  . LYS B 1 37  ? -3.463  -3.393  5.773   1.00  12.87 ? 255 LYS B CG  1 
ATOM   887  C CD  . LYS B 1 37  ? -2.120  -2.627  5.606   1.00  16.20 ? 255 LYS B CD  1 
ATOM   888  C CE  . LYS B 1 37  ? -0.932  -3.384  6.164   1.00  16.85 ? 255 LYS B CE  1 
ATOM   889  N NZ  . LYS B 1 37  ? -0.746  -3.188  7.616   1.00  18.18 ? 255 LYS B NZ  1 
ATOM   890  N N   . THR B 1 38  ? -6.397  -2.866  8.123   1.00  10.26 ? 256 THR B N   1 
ATOM   891  C CA  . THR B 1 38  ? -6.491  -3.423  9.456   1.00  11.56 ? 256 THR B CA  1 
ATOM   892  C C   . THR B 1 38  ? -7.747  -4.282  9.573   1.00  9.88  ? 256 THR B C   1 
ATOM   893  O O   . THR B 1 38  ? -7.727  -5.281  10.273  1.00  10.01 ? 256 THR B O   1 
ATOM   894  C CB  . THR B 1 38  ? -6.423  -2.349  10.539  1.00  12.99 ? 256 THR B CB  1 
ATOM   895  O OG1 . THR B 1 38  ? -7.470  -1.446  10.346  1.00  15.00 ? 256 THR B OG1 1 
ATOM   896  C CG2 . THR B 1 38  ? -5.097  -1.575  10.450  1.00  15.35 ? 256 THR B CG2 1 
ATOM   897  N N   . ASN B 1 39  ? -8.826  -3.916  8.875   1.00  9.32  ? 257 ASN B N   1 
ATOM   898  C CA  A ASN B 1 39  ? -10.019 -4.739  8.870   0.50  8.97  ? 257 ASN B CA  1 
ATOM   899  C CA  B ASN B 1 39  ? -10.038 -4.746  8.837   0.50  9.27  ? 257 ASN B CA  1 
ATOM   900  C C   . ASN B 1 39  ? -9.704  -6.083  8.220   1.00  8.73  ? 257 ASN B C   1 
ATOM   901  O O   . ASN B 1 39  ? -10.117 -7.121  8.698   1.00  9.23  ? 257 ASN B O   1 
ATOM   902  C CB  A ASN B 1 39  ? -11.160 -4.033  8.123   0.50  8.78  ? 257 ASN B CB  1 
ATOM   903  C CB  B ASN B 1 39  ? -11.142 -4.112  7.969   0.50  9.46  ? 257 ASN B CB  1 
ATOM   904  C CG  A ASN B 1 39  ? -12.453 -4.800  8.193   0.50  10.26 ? 257 ASN B CG  1 
ATOM   905  C CG  B ASN B 1 39  ? -11.884 -3.027  8.655   0.50  11.62 ? 257 ASN B CG  1 
ATOM   906  O OD1 A ASN B 1 39  ? -12.973 -5.289  7.183   0.50  14.61 ? 257 ASN B OD1 1 
ATOM   907  O OD1 B ASN B 1 39  ? -11.883 -2.924  9.878   0.50  15.21 ? 257 ASN B OD1 1 
ATOM   908  N ND2 A ASN B 1 39  ? -12.987 -4.906  9.383   0.50  11.66 ? 257 ASN B ND2 1 
ATOM   909  N ND2 B ASN B 1 39  ? -12.542 -2.192  7.859   0.50  15.85 ? 257 ASN B ND2 1 
ATOM   910  N N   . MET B 1 40  ? -8.963  -6.067  7.115   1.00  8.25  ? 258 MET B N   1 
ATOM   911  C CA  . MET B 1 40  ? -8.633  -7.316  6.445   1.00  7.89  ? 258 MET B CA  1 
ATOM   912  C C   . MET B 1 40  ? -7.673  -8.187  7.250   1.00  7.72  ? 258 MET B C   1 
ATOM   913  O O   . MET B 1 40  ? -7.771  -9.415  7.199   1.00  7.99  ? 258 MET B O   1 
ATOM   914  C CB  . MET B 1 40  ? -8.138  -7.054  5.029   1.00  7.89  ? 258 MET B CB  1 
ATOM   915  C CG  . MET B 1 40  ? -9.227  -6.479  4.153   1.00  9.36  ? 258 MET B CG  1 
ATOM   916  S SD  . MET B 1 40  ? -8.613  -5.886  2.560   1.00  13.58 ? 258 MET B SD  1 
ATOM   917  C CE  . MET B 1 40  ? -8.664  -7.445  1.668   1.00  13.00 ? 258 MET B CE  1 
ATOM   918  N N   . GLU B 1 41  ? -6.736  -7.570  7.962   1.00  7.75  ? 259 GLU B N   1 
ATOM   919  C CA  . GLU B 1 41  ? -5.820  -8.286  8.838   1.00  8.49  ? 259 GLU B CA  1 
ATOM   920  C C   . GLU B 1 41  ? -6.587  -8.973  9.961   1.00  8.35  ? 259 GLU B C   1 
ATOM   921  O O   . GLU B 1 41  ? -6.330  -10.152 10.243  1.00  8.24  ? 259 GLU B O   1 
ATOM   922  C CB  . GLU B 1 41  ? -4.764  -7.308  9.395   1.00  8.55  ? 259 GLU B CB  1 
ATOM   923  C CG  . GLU B 1 41  ? -3.751  -6.907  8.376   1.00  10.81 ? 259 GLU B CG  1 
ATOM   924  C CD  . GLU B 1 41  ? -2.778  -5.822  8.879   1.00  14.42 ? 259 GLU B CD  1 
ATOM   925  O OE1 . GLU B 1 41  ? -3.019  -5.224  9.949   1.00  17.64 ? 259 GLU B OE1 1 
ATOM   926  O OE2 . GLU B 1 41  ? -1.772  -5.576  8.178   1.00  17.71 ? 259 GLU B OE2 1 
ATOM   927  N N   . GLU B 1 42  ? -7.520  -8.250  10.583  1.00  9.08  ? 260 GLU B N   1 
ATOM   928  C CA  . GLU B 1 42  ? -8.328  -8.835  11.644  1.00  9.84  ? 260 GLU B CA  1 
ATOM   929  C C   . GLU B 1 42  ? -9.111  -10.029 11.103  1.00  9.01  ? 260 GLU B C   1 
ATOM   930  O O   . GLU B 1 42  ? -9.128  -11.083 11.715  1.00  9.87  ? 260 GLU B O   1 
ATOM   931  C CB  . GLU B 1 42  ? -9.268  -7.811  12.197  1.00  10.51 ? 260 GLU B CB  1 
ATOM   932  C CG  . GLU B 1 42  ? -10.195 -8.346  13.289  1.00  13.07 ? 260 GLU B CG  1 
ATOM   933  C CD  . GLU B 1 42  ? -11.349 -7.404  13.648  1.00  15.23 ? 260 GLU B CD  1 
ATOM   934  O OE1 . GLU B 1 42  ? -11.650 -6.434  12.907  1.00  16.15 ? 260 GLU B OE1 1 
ATOM   935  O OE2 . GLU B 1 42  ? -11.948 -7.685  14.716  1.00  16.61 ? 260 GLU B OE2 1 
ATOM   936  N N   . MET B 1 43  ? -9.733  -9.858  9.924   1.00  8.71  ? 261 MET B N   1 
ATOM   937  C CA  . MET B 1 43  ? -10.487 -10.913 9.291   1.00  8.69  ? 261 MET B CA  1 
ATOM   938  C C   . MET B 1 43  ? -9.600  -12.108 8.897   1.00  8.77  ? 261 MET B C   1 
ATOM   939  O O   . MET B 1 43  ? -10.021 -13.271 8.991   1.00  8.85  ? 261 MET B O   1 
ATOM   940  C CB  . MET B 1 43  ? -11.231 -10.386 8.066   1.00  9.75  ? 261 MET B CB  1 
ATOM   941  C CG  . MET B 1 43  ? -12.123 -11.415 7.348   1.00  9.66  ? 261 MET B CG  1 
ATOM   942  S SD  . MET B 1 43  ? -13.421 -12.065 8.435   1.00  12.79 ? 261 MET B SD  1 
ATOM   943  C CE  . MET B 1 43  ? -14.577 -10.692 8.374   1.00  14.88 ? 261 MET B CE  1 
ATOM   944  N N   . THR B 1 44  ? -8.361  -11.853 8.485   1.00  8.52  ? 262 THR B N   1 
ATOM   945  C CA  . THR B 1 44  ? -7.437  -12.928 8.124   1.00  8.03  ? 262 THR B CA  1 
ATOM   946  C C   . THR B 1 44  ? -7.225  -13.842 9.317   1.00  9.10  ? 262 THR B C   1 
ATOM   947  O O   . THR B 1 44  ? -7.258  -15.046 9.173   1.00  9.01  ? 262 THR B O   1 
ATOM   948  C CB  . THR B 1 44  ? -6.100  -12.350 7.672   1.00  7.41  ? 262 THR B CB  1 
ATOM   949  O OG1 . THR B 1 44  ? -6.280  -11.588 6.487   1.00  7.38  ? 262 THR B OG1 1 
ATOM   950  C CG2 . THR B 1 44  ? -5.070  -13.461 7.386   1.00  8.99  ? 262 THR B CG2 1 
ATOM   951  N N   . GLU B 1 45  ? -7.000  -13.244 10.483  1.00  10.92 ? 263 GLU B N   1 
ATOM   952  C CA  . GLU B 1 45  ? -6.773  -14.022 11.702  1.00  12.03 ? 263 GLU B CA  1 
ATOM   953  C C   . GLU B 1 45  ? -8.043  -14.759 12.125  1.00  11.58 ? 263 GLU B C   1 
ATOM   954  O O   . GLU B 1 45  ? -7.957  -15.953 12.536  1.00  12.73 ? 263 GLU B O   1 
ATOM   955  C CB  . GLU B 1 45  ? -6.144  -13.165 12.811  1.00  13.15 ? 263 GLU B CB  1 
ATOM   956  C CG  . GLU B 1 45  ? -4.651  -12.922 12.455  1.00  17.36 ? 263 GLU B CG  1 
ATOM   957  C CD  . GLU B 1 45  ? -3.852  -12.230 13.536  1.00  23.46 ? 263 GLU B CD  1 
ATOM   958  O OE1 . GLU B 1 45  ? -2.574  -12.253 13.450  1.00  24.30 ? 263 GLU B OE1 1 
ATOM   959  O OE2 . GLU B 1 45  ? -4.485  -11.651 14.442  1.00  24.64 ? 263 GLU B OE2 1 
ATOM   960  N N   . MET B 1 46  ? -9.217  -14.133 11.961  1.00  11.79 ? 264 MET B N   1 
ATOM   961  C CA  . MET B 1 46  ? -10.485 -14.816 12.282  1.00  13.70 ? 264 MET B CA  1 
ATOM   962  C C   . MET B 1 46  ? -10.648 -16.058 11.405  1.00  14.11 ? 264 MET B C   1 
ATOM   963  O O   . MET B 1 46  ? -11.223 -17.074 11.828  1.00  14.52 ? 264 MET B O   1 
ATOM   964  C CB  . MET B 1 46  ? -11.687 -13.881 12.077  1.00  15.45 ? 264 MET B CB  1 
ATOM   965  C CG  . MET B 1 46  ? -13.041 -14.548 12.358  1.00  20.28 ? 264 MET B CG  1 
ATOM   966  S SD  . MET B 1 46  ? -14.423 -13.873 11.421  1.00  32.52 ? 264 MET B SD  1 
ATOM   967  C CE  . MET B 1 46  ? -15.760 -15.029 11.858  1.00  28.20 ? 264 MET B CE  1 
ATOM   968  N N   . GLN B 1 47  ? -10.146 -15.991 10.178  1.00  12.54 ? 265 GLN B N   1 
ATOM   969  C CA  . GLN B 1 47  ? -10.310 -17.074 9.208   1.00  12.58 ? 265 GLN B CA  1 
ATOM   970  C C   . GLN B 1 47  ? -9.074  -17.968 9.122   1.00  11.66 ? 265 GLN B C   1 
ATOM   971  O O   . GLN B 1 47  ? -8.896  -18.720 8.154   1.00  12.90 ? 265 GLN B O   1 
ATOM   972  C CB  . GLN B 1 47  ? -10.628 -16.488 7.867   1.00  13.13 ? 265 GLN B CB  1 
ATOM   973  C CG  . GLN B 1 47  ? -11.853 -15.625 7.870   1.00  14.97 ? 265 GLN B CG  1 
ATOM   974  C CD  . GLN B 1 47  ? -13.120 -16.408 8.097   1.00  19.70 ? 265 GLN B CD  1 
ATOM   975  O OE1 . GLN B 1 47  ? -13.159 -17.643 7.956   1.00  18.93 ? 265 GLN B OE1 1 
ATOM   976  N NE2 . GLN B 1 47  ? -14.172 -15.704 8.463   1.00  21.60 ? 265 GLN B NE2 1 
ATOM   977  N N   . GLY B 1 48  ? -8.250  -17.916 10.159  1.00  10.63 ? 266 GLY B N   1 
ATOM   978  C CA  . GLY B 1 48  ? -7.232  -18.913 10.399  1.00  10.81 ? 266 GLY B CA  1 
ATOM   979  C C   . GLY B 1 48  ? -5.886  -18.709 9.741   1.00  11.49 ? 266 GLY B C   1 
ATOM   980  O O   . GLY B 1 48  ? -5.022  -19.598 9.786   1.00  12.36 ? 266 GLY B O   1 
ATOM   981  N N   . GLY B 1 49  ? -5.685  -17.534 9.175   1.00  9.44  ? 267 GLY B N   1 
ATOM   982  C CA  . GLY B 1 49  ? -4.421  -17.170 8.548   1.00  8.95  ? 267 GLY B CA  1 
ATOM   983  C C   . GLY B 1 49  ? -3.578  -16.193 9.338   1.00  8.67  ? 267 GLY B C   1 
ATOM   984  O O   . GLY B 1 49  ? -3.897  -15.799 10.460  1.00  10.50 ? 267 GLY B O   1 
ATOM   985  N N   . LYS B 1 50  ? -2.448  -15.832 8.759   1.00  8.37  ? 268 LYS B N   1 
ATOM   986  C CA  . LYS B 1 50  ? -1.511  -14.871 9.295   1.00  8.99  ? 268 LYS B CA  1 
ATOM   987  C C   . LYS B 1 50  ? -1.279  -13.817 8.214   1.00  8.26  ? 268 LYS B C   1 
ATOM   988  O O   . LYS B 1 50  ? -1.732  -13.978 7.083   1.00  8.11  ? 268 LYS B O   1 
ATOM   989  C CB  . LYS B 1 50  ? -0.220  -15.557 9.684   1.00  9.94  ? 268 LYS B CB  1 
ATOM   990  C CG  . LYS B 1 50  ? -0.345  -16.601 10.805  1.00  11.80 ? 268 LYS B CG  1 
ATOM   991  C CD  . LYS B 1 50  ? -0.671  -15.924 12.108  1.00  13.88 ? 268 LYS B CD  1 
ATOM   992  N N   . TYR B 1 51  ? -0.597  -12.741 8.567   1.00  8.02  ? 269 TYR B N   1 
ATOM   993  C CA  . TYR B 1 51  ? -0.269  -11.649 7.628   1.00  8.28  ? 269 TYR B CA  1 
ATOM   994  C C   . TYR B 1 51  ? 1.100   -11.078 7.951   1.00  8.70  ? 269 TYR B C   1 
ATOM   995  O O   . TYR B 1 51  ? 1.580   -11.179 9.092   1.00  9.27  ? 269 TYR B O   1 
ATOM   996  C CB  . TYR B 1 51  ? -1.370  -10.553 7.622   1.00  8.43  ? 269 TYR B CB  1 
ATOM   997  C CG  . TYR B 1 51  ? -1.657  -9.977  8.952   1.00  7.96  ? 269 TYR B CG  1 
ATOM   998  C CD1 . TYR B 1 51  ? -0.867  -8.973  9.451   1.00  10.54 ? 269 TYR B CD1 1 
ATOM   999  C CD2 . TYR B 1 51  ? -2.701  -10.444 9.736   1.00  11.71 ? 269 TYR B CD2 1 
ATOM   1000 C CE1 . TYR B 1 51  ? -1.101  -8.441  10.715  1.00  13.57 ? 269 TYR B CE1 1 
ATOM   1001 C CE2 . TYR B 1 51  ? -2.950  -9.882  10.978  1.00  12.47 ? 269 TYR B CE2 1 
ATOM   1002 C CZ  . TYR B 1 51  ? -2.141  -8.900  11.445  1.00  14.86 ? 269 TYR B CZ  1 
ATOM   1003 O OH  . TYR B 1 51  ? -2.365  -8.344  12.692  1.00  19.83 ? 269 TYR B OH  1 
ATOM   1004 N N   . LEU B 1 52  ? 1.725   -10.478 6.949   1.00  7.51  ? 270 LEU B N   1 
ATOM   1005 C CA  . LEU B 1 52  ? 3.034   -9.851  7.058   1.00  7.99  ? 270 LEU B CA  1 
ATOM   1006 C C   . LEU B 1 52  ? 3.047   -8.648  6.135   1.00  8.10  ? 270 LEU B C   1 
ATOM   1007 O O   . LEU B 1 52  ? 2.162   -8.496  5.283   1.00  8.43  ? 270 LEU B O   1 
ATOM   1008 C CB  . LEU B 1 52  ? 4.153   -10.818 6.664   1.00  8.31  ? 270 LEU B CB  1 
ATOM   1009 C CG  . LEU B 1 52  ? 4.579   -11.847 7.688   1.00  8.68  ? 270 LEU B CG  1 
ATOM   1010 C CD1 . LEU B 1 52  ? 5.663   -12.748 7.109   1.00  9.34  ? 270 LEU B CD1 1 
ATOM   1011 C CD2 . LEU B 1 52  ? 5.038   -11.207 8.986   1.00  8.26  ? 270 LEU B CD2 1 
ATOM   1012 N N   . PRO B 1 53  ? 4.036   -7.757  6.305   1.00  8.74  ? 271 PRO B N   1 
ATOM   1013 C CA  . PRO B 1 53  ? 4.084   -6.573  5.489   1.00  8.81  ? 271 PRO B CA  1 
ATOM   1014 C C   . PRO B 1 53  ? 4.319   -6.814  4.014   1.00  8.50  ? 271 PRO B C   1 
ATOM   1015 O O   . PRO B 1 53  ? 4.917   -7.807  3.610   1.00  8.78  ? 271 PRO B O   1 
ATOM   1016 C CB  . PRO B 1 53  ? 5.275   -5.828  6.059   1.00  9.04  ? 271 PRO B CB  1 
ATOM   1017 C CG  . PRO B 1 53  ? 5.325   -6.249  7.497   1.00  9.08  ? 271 PRO B CG  1 
ATOM   1018 C CD  . PRO B 1 53  ? 5.027   -7.707  7.388   1.00  9.69  ? 271 PRO B CD  1 
ATOM   1019 N N   . LEU B 1 54  ? 3.841   -5.861  3.239   1.00  8.57  ? 272 LEU B N   1 
ATOM   1020 C CA  . LEU B 1 54  ? 3.927   -5.859  1.795   1.00  8.59  ? 272 LEU B CA  1 
ATOM   1021 C C   . LEU B 1 54  ? 5.344   -6.025  1.306   1.00  8.66  ? 272 LEU B C   1 
ATOM   1022 O O   . LEU B 1 54  ? 6.231   -5.224  1.640   1.00  8.92  ? 272 LEU B O   1 
ATOM   1023 C CB  . LEU B 1 54  ? 3.389   -4.533  1.278   1.00  7.83  ? 272 LEU B CB  1 
ATOM   1024 C CG  . LEU B 1 54  ? 3.379   -4.324  -0.244  1.00  8.35  ? 272 LEU B CG  1 
ATOM   1025 C CD1 . LEU B 1 54  ? 2.514   -5.417  -0.928  1.00  9.45  ? 272 LEU B CD1 1 
ATOM   1026 C CD2 . LEU B 1 54  ? 2.860   -2.906  -0.550  1.00  10.90 ? 272 LEU B CD2 1 
ATOM   1027 N N   . GLY B 1 55  ? 5.578   -7.083  0.546   1.00  8.29  ? 273 GLY B N   1 
ATOM   1028 C CA  . GLY B 1 55  ? 6.883   -7.403  0.004   1.00  8.53  ? 273 GLY B CA  1 
ATOM   1029 C C   . GLY B 1 55  ? 7.740   -8.338  0.842   1.00  8.77  ? 273 GLY B C   1 
ATOM   1030 O O   . GLY B 1 55  ? 8.839   -8.722  0.400   1.00  10.06 ? 273 GLY B O   1 
ATOM   1031 N N   . ASP B 1 56  ? 7.239   -8.737  2.002   1.00  9.13  ? 274 ASP B N   1 
ATOM   1032 C CA  . ASP B 1 56  ? 7.985   -9.697  2.832   1.00  9.34  ? 274 ASP B CA  1 
ATOM   1033 C C   . ASP B 1 56  ? 8.090   -11.047 2.102   1.00  9.25  ? 274 ASP B C   1 
ATOM   1034 O O   . ASP B 1 56  ? 7.085   -11.587 1.607   1.00  8.84  ? 274 ASP B O   1 
ATOM   1035 C CB  . ASP B 1 56  ? 7.299   -9.846  4.196   1.00  8.51  ? 274 ASP B CB  1 
ATOM   1036 C CG  . ASP B 1 56  ? 8.144   -10.579 5.233   1.00  10.26 ? 274 ASP B CG  1 
ATOM   1037 O OD1 . ASP B 1 56  ? 8.565   -11.697 4.987   1.00  9.61  ? 274 ASP B OD1 1 
ATOM   1038 O OD2 . ASP B 1 56  ? 8.340   -9.993  6.314   1.00  12.41 ? 274 ASP B OD2 1 
ATOM   1039 N N   . GLU B 1 57  ? 9.326   -11.573 2.012   1.00  10.03 ? 275 GLU B N   1 
ATOM   1040 C CA  . GLU B 1 57  ? 9.609   -12.818 1.290   1.00  11.38 ? 275 GLU B CA  1 
ATOM   1041 C C   . GLU B 1 57  ? 8.874   -14.019 1.843   1.00  10.27 ? 275 GLU B C   1 
ATOM   1042 O O   . GLU B 1 57  ? 8.686   -15.008 1.152   1.00  11.07 ? 275 GLU B O   1 
ATOM   1043 C CB  . GLU B 1 57  ? 11.146  -13.086 1.254   1.00  11.73 ? 275 GLU B CB  1 
ATOM   1044 C CG  . GLU B 1 57  ? 11.921  -12.143 0.362   1.00  18.19 ? 275 GLU B CG  1 
ATOM   1045 N N   . ARG B 1 58  ? 8.432   -13.929 3.088   1.00  9.74  ? 276 ARG B N   1 
ATOM   1046 C CA  . ARG B 1 58  ? 7.756   -15.035 3.740   1.00  8.97  ? 276 ARG B CA  1 
ATOM   1047 C C   . ARG B 1 58  ? 6.271   -15.134 3.416   1.00  9.05  ? 276 ARG B C   1 
ATOM   1048 O O   . ARG B 1 58  ? 5.627   -16.122 3.735   1.00  9.33  ? 276 ARG B O   1 
ATOM   1049 C CB  . ARG B 1 58  ? 7.958   -14.923 5.258   1.00  8.89  ? 276 ARG B CB  1 
ATOM   1050 C CG  . ARG B 1 58  ? 9.413   -15.029 5.688   1.00  9.73  ? 276 ARG B CG  1 
ATOM   1051 C CD  . ARG B 1 58  ? 9.616   -14.692 7.114   1.00  8.90  ? 276 ARG B CD  1 
ATOM   1052 N NE  . ARG B 1 58  ? 9.296   -13.290 7.363   1.00  10.10 ? 276 ARG B NE  1 
ATOM   1053 C CZ  . ARG B 1 58  ? 9.166   -12.739 8.556   1.00  12.77 ? 276 ARG B CZ  1 
ATOM   1054 N NH1 . ARG B 1 58  ? 9.346   -13.448 9.657   1.00  14.28 ? 276 ARG B NH1 1 
ATOM   1055 N NH2 . ARG B 1 58  ? 8.879   -11.461 8.644   1.00  15.01 ? 276 ARG B NH2 1 
ATOM   1056 N N   . CYS B 1 59  ? 5.694   -14.113 2.792   1.00  8.12  ? 277 CYS B N   1 
ATOM   1057 C CA  . CYS B 1 59  ? 4.300   -14.180 2.427   1.00  8.34  ? 277 CYS B CA  1 
ATOM   1058 C C   . CYS B 1 59  ? 4.013   -15.296 1.436   1.00  8.36  ? 277 CYS B C   1 
ATOM   1059 O O   . CYS B 1 59  ? 4.833   -15.596 0.557   1.00  9.29  ? 277 CYS B O   1 
ATOM   1060 C CB  . CYS B 1 59  ? 3.841   -12.873 1.775   1.00  7.03  ? 277 CYS B CB  1 
ATOM   1061 S SG  . CYS B 1 59  ? 3.838   -11.447 2.882   1.00  9.46  ? 277 CYS B SG  1 
ATOM   1062 N N   . THR B 1 60  ? 2.845   -15.909 1.582   1.00  7.92  ? 278 THR B N   1 
ATOM   1063 C CA  . THR B 1 60  ? 2.343   -16.834 0.580   1.00  8.17  ? 278 THR B CA  1 
ATOM   1064 C C   . THR B 1 60  ? 1.437   -16.161 -0.447  1.00  6.95  ? 278 THR B C   1 
ATOM   1065 O O   . THR B 1 60  ? 1.382   -16.596 -1.612  1.00  7.90  ? 278 THR B O   1 
ATOM   1066 C CB  . THR B 1 60  ? 1.584   -17.987 1.207   1.00  8.06  ? 278 THR B CB  1 
ATOM   1067 O OG1 . THR B 1 60  ? 0.414   -17.533 1.907   1.00  7.43  ? 278 THR B OG1 1 
ATOM   1068 C CG2 . THR B 1 60  ? 2.519   -18.770 2.164   1.00  9.46  ? 278 THR B CG2 1 
ATOM   1069 N N   . HIS B 1 61  ? 0.742   -15.094 -0.043  1.00  7.44  ? 279 HIS B N   1 
ATOM   1070 C CA  . HIS B 1 61  ? -0.239  -14.424 -0.876  1.00  7.07  ? 279 HIS B CA  1 
ATOM   1071 C C   . HIS B 1 61  ? -0.079  -12.916 -0.772  1.00  8.17  ? 279 HIS B C   1 
ATOM   1072 O O   . HIS B 1 61  ? 0.293   -12.405 0.300   1.00  8.87  ? 279 HIS B O   1 
ATOM   1073 C CB  . HIS B 1 61  ? -1.650  -14.760 -0.437  1.00  7.59  ? 279 HIS B CB  1 
ATOM   1074 C CG  . HIS B 1 61  ? -2.048  -16.186 -0.646  1.00  8.18  ? 279 HIS B CG  1 
ATOM   1075 N ND1 . HIS B 1 61  ? -1.577  -17.219 0.148   1.00  7.92  ? 279 HIS B ND1 1 
ATOM   1076 C CD2 . HIS B 1 61  ? -2.897  -16.751 -1.546  1.00  7.89  ? 279 HIS B CD2 1 
ATOM   1077 C CE1 . HIS B 1 61  ? -2.120  -18.357 -0.263  1.00  6.57  ? 279 HIS B CE1 1 
ATOM   1078 N NE2 . HIS B 1 61  ? -2.916  -18.103 -1.290  1.00  8.18  ? 279 HIS B NE2 1 
ATOM   1079 N N   . LEU B 1 62  ? -0.353  -12.238 -1.887  1.00  7.38  ? 280 LEU B N   1 
ATOM   1080 C CA  . LEU B 1 62  ? -0.521  -10.771 -1.928  1.00  6.92  ? 280 LEU B CA  1 
ATOM   1081 C C   . LEU B 1 62  ? -1.875  -10.525 -2.533  1.00  7.07  ? 280 LEU B C   1 
ATOM   1082 O O   . LEU B 1 62  ? -2.145  -10.959 -3.660  1.00  6.73  ? 280 LEU B O   1 
ATOM   1083 C CB  . LEU B 1 62  ? 0.571   -10.099 -2.725  1.00  6.20  ? 280 LEU B CB  1 
ATOM   1084 C CG  . LEU B 1 62  ? 0.291   -8.627  -3.022  1.00  5.37  ? 280 LEU B CG  1 
ATOM   1085 C CD1 . LEU B 1 62  ? 0.153   -7.796  -1.718  1.00  7.12  ? 280 LEU B CD1 1 
ATOM   1086 C CD2 . LEU B 1 62  ? 1.407   -8.048  -3.906  1.00  8.01  ? 280 LEU B CD2 1 
ATOM   1087 N N   . VAL B 1 63  ? -2.734  -9.890  -1.765  1.00  7.16  ? 281 VAL B N   1 
ATOM   1088 C CA  . VAL B 1 63  ? -4.090  -9.492  -2.170  1.00  6.83  ? 281 VAL B CA  1 
ATOM   1089 C C   . VAL B 1 63  ? -4.052  -8.049  -2.654  1.00  6.83  ? 281 VAL B C   1 
ATOM   1090 O O   . VAL B 1 63  ? -3.645  -7.147  -1.906  1.00  6.62  ? 281 VAL B O   1 
ATOM   1091 C CB  . VAL B 1 63  ? -5.084  -9.637  -0.996  1.00  7.18  ? 281 VAL B CB  1 
ATOM   1092 C CG1 . VAL B 1 63  ? -6.519  -9.233  -1.452  1.00  9.05  ? 281 VAL B CG1 1 
ATOM   1093 C CG2 . VAL B 1 63  ? -5.004  -11.047 -0.437  1.00  8.08  ? 281 VAL B CG2 1 
ATOM   1094 N N   . VAL B 1 64  ? -4.459  -7.839  -3.898  1.00  7.18  ? 282 VAL B N   1 
ATOM   1095 C CA  . VAL B 1 64  ? -4.361  -6.540  -4.590  1.00  8.35  ? 282 VAL B CA  1 
ATOM   1096 C C   . VAL B 1 64  ? -5.728  -5.948  -4.839  1.00  9.36  ? 282 VAL B C   1 
ATOM   1097 O O   . VAL B 1 64  ? -6.648  -6.645  -5.268  1.00  10.81 ? 282 VAL B O   1 
ATOM   1098 C CB  . VAL B 1 64  ? -3.599  -6.727  -5.928  1.00  8.24  ? 282 VAL B CB  1 
ATOM   1099 C CG1 . VAL B 1 64  ? -3.537  -5.423  -6.736  1.00  10.04 ? 282 VAL B CG1 1 
ATOM   1100 C CG2 . VAL B 1 64  ? -2.182  -7.263  -5.679  1.00  10.72 ? 282 VAL B CG2 1 
ATOM   1101 N N   . GLU B 1 65  ? -5.855  -4.650  -4.596  1.00  10.04 ? 283 GLU B N   1 
ATOM   1102 C CA  . GLU B 1 65  ? -7.043  -3.880  -4.959  1.00  11.85 ? 283 GLU B CA  1 
ATOM   1103 C C   . GLU B 1 65  ? -6.760  -3.429  -6.400  1.00  12.00 ? 283 GLU B C   1 
ATOM   1104 O O   . GLU B 1 65  ? -6.117  -2.401  -6.655  1.00  11.36 ? 283 GLU B O   1 
ATOM   1105 C CB  . GLU B 1 65  ? -7.235  -2.705  -4.011  1.00  12.85 ? 283 GLU B CB  1 
ATOM   1106 C CG  . GLU B 1 65  ? -8.680  -2.408  -3.682  1.00  15.60 ? 283 GLU B CG  1 
ATOM   1107 C CD  . GLU B 1 65  ? -9.602  -2.114  -4.836  1.00  18.15 ? 283 GLU B CD  1 
ATOM   1108 O OE1 . GLU B 1 65  ? -10.739 -1.674  -4.535  1.00  22.90 ? 283 GLU B OE1 1 
ATOM   1109 O OE2 . GLU B 1 65  ? -9.304  -2.325  -6.011  1.00  17.37 ? 283 GLU B OE2 1 
ATOM   1110 N N   . GLU B 1 66  ? -7.207  -4.227  -7.338  1.00  12.62 ? 284 GLU B N   1 
ATOM   1111 C CA  . GLU B 1 66  ? -6.838  -4.037  -8.723  1.00  13.77 ? 284 GLU B CA  1 
ATOM   1112 C C   . GLU B 1 66  ? -7.404  -2.751  -9.353  1.00  14.58 ? 284 GLU B C   1 
ATOM   1113 O O   . GLU B 1 66  ? -7.020  -2.383  -10.474 1.00  16.31 ? 284 GLU B O   1 
ATOM   1114 C CB  . GLU B 1 66  ? -7.247  -5.283  -9.525  1.00  14.58 ? 284 GLU B CB  1 
ATOM   1115 C CG  . GLU B 1 66  ? -8.753  -5.471  -9.728  1.00  17.10 ? 284 GLU B CG  1 
ATOM   1116 C CD  . GLU B 1 66  ? -9.524  -6.240  -8.622  1.00  19.85 ? 284 GLU B CD  1 
ATOM   1117 O OE1 . GLU B 1 66  ? -9.101  -6.358  -7.443  1.00  18.52 ? 284 GLU B OE1 1 
ATOM   1118 O OE2 . GLU B 1 66  ? -10.625 -6.757  -8.972  1.00  24.17 ? 284 GLU B OE2 1 
ATOM   1119 N N   . ASN B 1 67  ? -8.320  -2.078  -8.656  1.00  14.51 ? 285 ASN B N   1 
ATOM   1120 C CA  . ASN B 1 67  ? -8.819  -0.768  -9.102  1.00  15.33 ? 285 ASN B CA  1 
ATOM   1121 C C   . ASN B 1 67  ? -7.973  0.398   -8.597  1.00  14.67 ? 285 ASN B C   1 
ATOM   1122 O O   . ASN B 1 67  ? -8.134  1.540   -9.050  1.00  15.36 ? 285 ASN B O   1 
ATOM   1123 C CB  . ASN B 1 67  ? -10.296 -0.633  -8.697  1.00  16.37 ? 285 ASN B CB  1 
ATOM   1124 C CG  . ASN B 1 67  ? -11.166 -1.635  -9.431  1.00  18.93 ? 285 ASN B CG  1 
ATOM   1125 O OD1 . ASN B 1 67  ? -11.918 -2.399  -8.827  1.00  26.90 ? 285 ASN B OD1 1 
ATOM   1126 N ND2 . ASN B 1 67  ? -10.996 -1.695  -10.743 1.00  23.71 ? 285 ASN B ND2 1 
ATOM   1127 N N   . ILE B 1 68  ? -7.047  0.115   -7.690  1.00  13.12 ? 286 ILE B N   1 
ATOM   1128 C CA  . ILE B 1 68  ? -6.233  1.157   -7.087  1.00  12.33 ? 286 ILE B CA  1 
ATOM   1129 C C   . ILE B 1 68  ? -4.795  1.134   -7.650  1.00  12.36 ? 286 ILE B C   1 
ATOM   1130 O O   . ILE B 1 68  ? -4.169  2.177   -7.790  1.00  13.00 ? 286 ILE B O   1 
ATOM   1131 C CB  . ILE B 1 68  ? -6.193  1.014   -5.551  1.00  12.24 ? 286 ILE B CB  1 
ATOM   1132 C CG1 . ILE B 1 68  ? -7.603  1.197   -4.967  1.00  13.93 ? 286 ILE B CG1 1 
ATOM   1133 C CG2 . ILE B 1 68  ? -5.188  1.981   -4.922  1.00  12.66 ? 286 ILE B CG2 1 
ATOM   1134 C CD1 . ILE B 1 68  ? -8.259  2.575   -5.285  1.00  12.22 ? 286 ILE B CD1 1 
ATOM   1135 N N   . VAL B 1 69  ? -4.279  -0.062  -7.957  1.00  12.41 ? 287 VAL B N   1 
ATOM   1136 C CA  . VAL B 1 69  ? -2.898  -0.187  -8.450  1.00  11.87 ? 287 VAL B CA  1 
ATOM   1137 C C   . VAL B 1 69  ? -2.872  -0.927  -9.799  1.00  11.25 ? 287 VAL B C   1 
ATOM   1138 O O   . VAL B 1 69  ? -3.748  -1.725  -10.123 1.00  13.64 ? 287 VAL B O   1 
ATOM   1139 C CB  . VAL B 1 69  ? -1.958  -0.893  -7.469  1.00  11.80 ? 287 VAL B CB  1 
ATOM   1140 C CG1 . VAL B 1 69  ? -1.892  -0.139  -6.107  1.00  12.69 ? 287 VAL B CG1 1 
ATOM   1141 C CG2 . VAL B 1 69  ? -2.420  -2.334  -7.229  1.00  12.38 ? 287 VAL B CG2 1 
ATOM   1142 N N   . LYS B 1 70  ? -1.818  -0.654  -10.558 1.00  10.44 ? 288 LYS B N   1 
ATOM   1143 C CA  . LYS B 1 70  ? -1.630  -1.196  -11.888 1.00  11.24 ? 288 LYS B CA  1 
ATOM   1144 C C   . LYS B 1 70  ? -0.277  -1.881  -12.021 1.00  10.58 ? 288 LYS B C   1 
ATOM   1145 O O   . LYS B 1 70  ? 0.124   -2.251  -13.130 1.00  11.35 ? 288 LYS B O   1 
ATOM   1146 C CB  . LYS B 1 70  ? -1.738  -0.077  -12.910 1.00  11.81 ? 288 LYS B CB  1 
ATOM   1147 C CG  . LYS B 1 70  ? -0.719  1.041   -12.799 1.00  16.42 ? 288 LYS B CG  1 
ATOM   1148 C CD  . LYS B 1 70  ? -1.057  2.211   -13.800 1.00  22.97 ? 288 LYS B CD  1 
ATOM   1149 C CE  . LYS B 1 70  ? -0.215  3.479   -13.573 1.00  26.26 ? 288 LYS B CE  1 
ATOM   1150 N NZ  . LYS B 1 70  ? -0.979  4.699   -13.057 1.00  29.29 ? 288 LYS B NZ  1 
ATOM   1151 N N   . ASP B 1 71  ? 0.455   -2.032  -10.919 1.00  9.25  ? 289 ASP B N   1 
ATOM   1152 C CA  . ASP B 1 71  ? 1.800   -2.647  -10.923 1.00  9.12  ? 289 ASP B CA  1 
ATOM   1153 C C   . ASP B 1 71  ? 2.105   -2.929  -9.450  1.00  9.93  ? 289 ASP B C   1 
ATOM   1154 O O   . ASP B 1 71  ? 1.347   -2.528  -8.532  1.00  8.53  ? 289 ASP B O   1 
ATOM   1155 C CB  . ASP B 1 71  ? 2.777   -1.643  -11.553 1.00  9.91  ? 289 ASP B CB  1 
ATOM   1156 C CG  . ASP B 1 71  ? 4.101   -2.200  -12.011 1.00  10.93 ? 289 ASP B CG  1 
ATOM   1157 O OD1 . ASP B 1 71  ? 4.539   -3.291  -11.665 1.00  13.79 ? 289 ASP B OD1 1 
ATOM   1158 O OD2 . ASP B 1 71  ? 4.721   -1.382  -12.753 1.00  15.41 ? 289 ASP B OD2 1 
ATOM   1159 N N   . LEU B 1 72  ? 3.190   -3.634  -9.212  1.00  9.92  ? 290 LEU B N   1 
ATOM   1160 C CA  . LEU B 1 72  ? 3.635   -3.925  -7.847  1.00  8.97  ? 290 LEU B CA  1 
ATOM   1161 C C   . LEU B 1 72  ? 4.938   -3.214  -7.529  1.00  8.61  ? 290 LEU B C   1 
ATOM   1162 O O   . LEU B 1 72  ? 5.765   -2.991  -8.413  1.00  9.50  ? 290 LEU B O   1 
ATOM   1163 C CB  . LEU B 1 72  ? 3.853   -5.434  -7.654  1.00  9.39  ? 290 LEU B CB  1 
ATOM   1164 C CG  . LEU B 1 72  ? 2.722   -6.429  -7.999  1.00  11.60 ? 290 LEU B CG  1 
ATOM   1165 C CD1 . LEU B 1 72  ? 3.157   -7.836  -7.516  1.00  14.56 ? 290 LEU B CD1 1 
ATOM   1166 C CD2 . LEU B 1 72  ? 1.378   -6.091  -7.455  1.00  15.64 ? 290 LEU B CD2 1 
ATOM   1167 N N   . PRO B 1 73  ? 5.166   -2.859  -6.259  1.00  7.46  ? 291 PRO B N   1 
ATOM   1168 C CA  . PRO B 1 73  ? 6.364   -2.131  -5.888  1.00  7.79  ? 291 PRO B CA  1 
ATOM   1169 C C   . PRO B 1 73  ? 7.567   -2.988  -5.520  1.00  9.15  ? 291 PRO B C   1 
ATOM   1170 O O   . PRO B 1 73  ? 8.515   -2.511  -4.877  1.00  10.78 ? 291 PRO B O   1 
ATOM   1171 C CB  . PRO B 1 73  ? 5.902   -1.313  -4.674  1.00  8.43  ? 291 PRO B CB  1 
ATOM   1172 C CG  . PRO B 1 73  ? 4.911   -2.203  -4.002  1.00  9.03  ? 291 PRO B CG  1 
ATOM   1173 C CD  . PRO B 1 73  ? 4.208   -2.945  -5.123  1.00  8.22  ? 291 PRO B CD  1 
ATOM   1174 N N   . PHE B 1 74  ? 7.522   -4.251  -5.897  1.00  7.23  ? 292 PHE B N   1 
ATOM   1175 C CA  . PHE B 1 74  ? 8.625   -5.176  -5.658  1.00  8.00  ? 292 PHE B CA  1 
ATOM   1176 C C   . PHE B 1 74  ? 8.448   -6.347  -6.623  1.00  8.27  ? 292 PHE B C   1 
ATOM   1177 O O   . PHE B 1 74  ? 7.409   -6.523  -7.208  1.00  8.60  ? 292 PHE B O   1 
ATOM   1178 C CB  . PHE B 1 74  ? 8.654   -5.676  -4.204  1.00  8.33  ? 292 PHE B CB  1 
ATOM   1179 C CG  . PHE B 1 74  ? 7.475   -6.558  -3.834  1.00  6.89  ? 292 PHE B CG  1 
ATOM   1180 C CD1 . PHE B 1 74  ? 7.609   -7.969  -3.785  1.00  7.68  ? 292 PHE B CD1 1 
ATOM   1181 C CD2 . PHE B 1 74  ? 6.236   -6.020  -3.536  1.00  8.90  ? 292 PHE B CD2 1 
ATOM   1182 C CE1 . PHE B 1 74  ? 6.540   -8.768  -3.492  1.00  10.04 ? 292 PHE B CE1 1 
ATOM   1183 C CE2 . PHE B 1 74  ? 5.197   -6.811  -3.228  1.00  10.80 ? 292 PHE B CE2 1 
ATOM   1184 C CZ  . PHE B 1 74  ? 5.333   -8.200  -3.225  1.00  11.27 ? 292 PHE B CZ  1 
ATOM   1185 N N   . GLU B 1 75  ? 9.511   -7.146  -6.798  1.00  9.46  ? 293 GLU B N   1 
ATOM   1186 C CA  . GLU B 1 75  ? 9.465   -8.367  -7.613  1.00  10.08 ? 293 GLU B CA  1 
ATOM   1187 C C   . GLU B 1 75  ? 9.034   -9.559  -6.738  1.00  10.49 ? 293 GLU B C   1 
ATOM   1188 O O   . GLU B 1 75  ? 9.792   -9.922  -5.804  1.00  11.27 ? 293 GLU B O   1 
ATOM   1189 C CB  . GLU B 1 75  ? 10.832  -8.647  -8.240  1.00  11.79 ? 293 GLU B CB  1 
ATOM   1190 C CG  . GLU B 1 75  ? 10.768  -9.752  -9.228  1.00  13.73 ? 293 GLU B CG  1 
ATOM   1191 C CD  . GLU B 1 75  ? 12.141  -10.157 -9.802  1.00  16.77 ? 293 GLU B CD  1 
ATOM   1192 O OE1 . GLU B 1 75  ? 13.174  -9.693  -9.299  1.00  20.77 ? 293 GLU B OE1 1 
ATOM   1193 O OE2 . GLU B 1 75  ? 12.135  -10.951 -10.753 1.00  21.27 ? 293 GLU B OE2 1 
ATOM   1194 N N   . PRO B 1 76  ? 7.838   -10.124 -7.003  1.00  11.18 ? 294 PRO B N   1 
ATOM   1195 C CA  . PRO B 1 76  ? 7.414   -11.262 -6.169  1.00  12.22 ? 294 PRO B CA  1 
ATOM   1196 C C   . PRO B 1 76  ? 8.384   -12.423 -6.255  1.00  12.07 ? 294 PRO B C   1 
ATOM   1197 O O   . PRO B 1 76  ? 9.011   -12.653 -7.304  1.00  12.22 ? 294 PRO B O   1 
ATOM   1198 C CB  . PRO B 1 76  ? 6.096   -11.699 -6.777  1.00  13.61 ? 294 PRO B CB  1 
ATOM   1199 C CG  . PRO B 1 76  ? 5.608   -10.587 -7.591  1.00  14.97 ? 294 PRO B CG  1 
ATOM   1200 C CD  . PRO B 1 76  ? 6.819   -9.792  -8.010  1.00  12.30 ? 294 PRO B CD  1 
ATOM   1201 N N   . SER B 1 77  ? 8.491   -13.155 -5.160  1.00  11.50 ? 295 SER B N   1 
ATOM   1202 C CA  A SER B 1 77  ? 9.099   -14.477 -5.194  0.50  12.16 ? 295 SER B CA  1 
ATOM   1203 C CA  B SER B 1 77  ? 9.102   -14.469 -5.201  0.50  12.78 ? 295 SER B CA  1 
ATOM   1204 C C   . SER B 1 77  ? 8.394   -15.379 -6.193  1.00  12.87 ? 295 SER B C   1 
ATOM   1205 O O   . SER B 1 77  ? 7.218   -15.188 -6.501  1.00  12.54 ? 295 SER B O   1 
ATOM   1206 C CB  A SER B 1 77  ? 9.020   -15.133 -3.825  0.50  12.42 ? 295 SER B CB  1 
ATOM   1207 C CB  B SER B 1 77  ? 9.023   -15.115 -3.838  0.50  13.11 ? 295 SER B CB  1 
ATOM   1208 O OG  A SER B 1 77  ? 7.712   -15.603 -3.535  0.50  10.60 ? 295 SER B OG  1 
ATOM   1209 O OG  B SER B 1 77  ? 9.469   -16.455 -3.899  0.50  15.06 ? 295 SER B OG  1 
ATOM   1210 N N   . LYS B 1 78  ? 9.121   -16.393 -6.663  1.00  14.75 ? 296 LYS B N   1 
ATOM   1211 C CA  . LYS B 1 78  ? 8.565   -17.361 -7.583  1.00  15.81 ? 296 LYS B CA  1 
ATOM   1212 C C   . LYS B 1 78  ? 7.390   -18.090 -6.968  1.00  15.36 ? 296 LYS B C   1 
ATOM   1213 O O   . LYS B 1 78  ? 6.534   -18.543 -7.709  1.00  16.73 ? 296 LYS B O   1 
ATOM   1214 C CB  . LYS B 1 78  ? 9.636   -18.373 -8.043  1.00  16.25 ? 296 LYS B CB  1 
ATOM   1215 N N   . LYS B 1 79  ? 7.310   -18.158 -5.641  1.00  14.71 ? 297 LYS B N   1 
ATOM   1216 C CA  . LYS B 1 79  ? 6.249   -18.910 -4.958  1.00  14.14 ? 297 LYS B CA  1 
ATOM   1217 C C   . LYS B 1 79  ? 4.977   -18.096 -4.683  1.00  13.02 ? 297 LYS B C   1 
ATOM   1218 O O   . LYS B 1 79  ? 3.915   -18.649 -4.418  1.00  12.86 ? 297 LYS B O   1 
ATOM   1219 C CB  . LYS B 1 79  ? 6.764   -19.525 -3.643  1.00  16.53 ? 297 LYS B CB  1 
ATOM   1220 N N   . LEU B 1 80  ? 5.077   -16.779 -4.745  1.00  11.00 ? 298 LEU B N   1 
ATOM   1221 C CA  . LEU B 1 80  ? 3.994   -15.923 -4.298  1.00  9.32  ? 298 LEU B CA  1 
ATOM   1222 C C   . LEU B 1 80  ? 2.735   -16.002 -5.189  1.00  8.45  ? 298 LEU B C   1 
ATOM   1223 O O   . LEU B 1 80  ? 2.818   -15.847 -6.405  1.00  8.95  ? 298 LEU B O   1 
ATOM   1224 C CB  . LEU B 1 80  ? 4.453   -14.438 -4.232  1.00  8.34  ? 298 LEU B CB  1 
ATOM   1225 C CG  . LEU B 1 80  ? 3.526   -13.466 -3.498  1.00  8.49  ? 298 LEU B CG  1 
ATOM   1226 C CD1 . LEU B 1 80  ? 3.478   -13.685 -1.980  1.00  10.66 ? 298 LEU B CD1 1 
ATOM   1227 C CD2 . LEU B 1 80  ? 3.991   -12.052 -3.845  1.00  9.16  ? 298 LEU B CD2 1 
ATOM   1228 N N   . TYR B 1 81  ? 1.572   -16.136 -4.566  1.00  7.51  ? 299 TYR B N   1 
ATOM   1229 C CA  . TYR B 1 81  ? 0.310   -15.974 -5.241  1.00  7.33  ? 299 TYR B CA  1 
ATOM   1230 C C   . TYR B 1 81  ? -0.125  -14.511 -5.198  1.00  7.53  ? 299 TYR B C   1 
ATOM   1231 O O   . TYR B 1 81  ? -0.338  -13.963 -4.097  1.00  8.60  ? 299 TYR B O   1 
ATOM   1232 C CB  . TYR B 1 81  ? -0.768  -16.804 -4.570  1.00  7.91  ? 299 TYR B CB  1 
ATOM   1233 C CG  . TYR B 1 81  ? -0.571  -18.276 -4.546  1.00  10.00 ? 299 TYR B CG  1 
ATOM   1234 C CD1 . TYR B 1 81  ? -0.703  -18.998 -5.666  1.00  10.13 ? 299 TYR B CD1 1 
ATOM   1235 C CD2 . TYR B 1 81  ? -0.252  -18.935 -3.369  1.00  10.84 ? 299 TYR B CD2 1 
ATOM   1236 C CE1 . TYR B 1 81  ? -0.556  -20.385 -5.640  1.00  11.40 ? 299 TYR B CE1 1 
ATOM   1237 C CE2 . TYR B 1 81  ? -0.108  -20.314 -3.337  1.00  12.38 ? 299 TYR B CE2 1 
ATOM   1238 C CZ  . TYR B 1 81  ? -0.243  -21.013 -4.488  1.00  11.73 ? 299 TYR B CZ  1 
ATOM   1239 O OH  . TYR B 1 81  ? -0.097  -22.412 -4.436  1.00  17.05 ? 299 TYR B OH  1 
ATOM   1240 N N   . VAL B 1 82  ? -0.248  -13.857 -6.353  1.00  7.66  ? 300 VAL B N   1 
ATOM   1241 C CA  . VAL B 1 82  ? -0.697  -12.490 -6.418  1.00  7.24  ? 300 VAL B CA  1 
ATOM   1242 C C   . VAL B 1 82  ? -2.123  -12.523 -6.948  1.00  7.63  ? 300 VAL B C   1 
ATOM   1243 O O   . VAL B 1 82  ? -2.353  -12.911 -8.116  1.00  9.03  ? 300 VAL B O   1 
ATOM   1244 C CB  . VAL B 1 82  ? 0.201   -11.636 -7.319  1.00  7.71  ? 300 VAL B CB  1 
ATOM   1245 C CG1 . VAL B 1 82  ? -0.208  -10.194 -7.227  1.00  8.56  ? 300 VAL B CG1 1 
ATOM   1246 C CG2 . VAL B 1 82  ? 1.724   -11.815 -6.895  1.00  9.61  ? 300 VAL B CG2 1 
ATOM   1247 N N   . VAL B 1 83  ? -3.067  -12.154 -6.099  1.00  6.91  ? 301 VAL B N   1 
ATOM   1248 C CA  . VAL B 1 83  ? -4.491  -12.337 -6.377  1.00  6.48  ? 301 VAL B CA  1 
ATOM   1249 C C   . VAL B 1 83  ? -5.265  -11.025 -6.281  1.00  8.27  ? 301 VAL B C   1 
ATOM   1250 O O   . VAL B 1 83  ? -4.883  -10.079 -5.535  1.00  7.96  ? 301 VAL B O   1 
ATOM   1251 C CB  . VAL B 1 83  ? -5.125  -13.401 -5.438  1.00  6.09  ? 301 VAL B CB  1 
ATOM   1252 C CG1 . VAL B 1 83  ? -4.473  -14.773 -5.687  1.00  7.37  ? 301 VAL B CG1 1 
ATOM   1253 C CG2 . VAL B 1 83  ? -4.992  -12.998 -3.953  1.00  7.72  ? 301 VAL B CG2 1 
ATOM   1254 N N   . LYS B 1 84  ? -6.346  -10.954 -7.040  1.00  9.41  ? 302 LYS B N   1 
ATOM   1255 C CA  A LYS B 1 84  ? -7.237  -9.827  -6.894  0.50  9.34  ? 302 LYS B CA  1 
ATOM   1256 C CA  B LYS B 1 84  ? -7.332  -9.888  -6.924  0.50  9.54  ? 302 LYS B CA  1 
ATOM   1257 C C   . LYS B 1 84  ? -8.069  -9.968  -5.595  1.00  9.19  ? 302 LYS B C   1 
ATOM   1258 O O   . LYS B 1 84  ? -8.142  -11.016 -4.971  1.00  9.26  ? 302 LYS B O   1 
ATOM   1259 C CB  A LYS B 1 84  ? -8.111  -9.663  -8.131  0.50  10.40 ? 302 LYS B CB  1 
ATOM   1260 C CB  B LYS B 1 84  ? -8.361  -10.008 -8.045  0.50  10.51 ? 302 LYS B CB  1 
ATOM   1261 C CG  A LYS B 1 84  ? -8.937  -10.870 -8.456  0.50  10.42 ? 302 LYS B CG  1 
ATOM   1262 C CG  B LYS B 1 84  ? -7.792  -9.708  -9.398  0.50  11.99 ? 302 LYS B CG  1 
ATOM   1263 N N   . GLN B 1 85  ? -8.675  -8.860  -5.213  1.00  10.23 ? 303 GLN B N   1 
ATOM   1264 C CA  . GLN B 1 85  ? -9.383  -8.759  -3.947  1.00  10.95 ? 303 GLN B CA  1 
ATOM   1265 C C   . GLN B 1 85  ? -10.474 -9.795  -3.780  1.00  11.05 ? 303 GLN B C   1 
ATOM   1266 O O   . GLN B 1 85  ? -10.733 -10.278 -2.679  1.00  10.43 ? 303 GLN B O   1 
ATOM   1267 C CB  . GLN B 1 85  ? -9.960  -7.334  -3.786  1.00  13.26 ? 303 GLN B CB  1 
ATOM   1268 C CG  . GLN B 1 85  ? -10.505 -7.114  -2.454  1.00  14.73 ? 303 GLN B CG  1 
ATOM   1269 C CD  . GLN B 1 85  ? -11.203 -5.787  -2.226  1.00  16.51 ? 303 GLN B CD  1 
ATOM   1270 O OE1 . GLN B 1 85  ? -11.650 -5.550  -1.110  1.00  19.56 ? 303 GLN B OE1 1 
ATOM   1271 N NE2 . GLN B 1 85  ? -11.346 -4.943  -3.265  1.00  16.83 ? 303 GLN B NE2 1 
ATOM   1272 N N   . GLU B 1 86  ? -11.109 -10.174 -4.864  1.00  9.79  ? 304 GLU B N   1 
ATOM   1273 C CA  . GLU B 1 86  ? -12.210 -11.120 -4.747  1.00  11.89 ? 304 GLU B CA  1 
ATOM   1274 C C   . GLU B 1 86  ? -11.740 -12.468 -4.254  1.00  10.14 ? 304 GLU B C   1 
ATOM   1275 O O   . GLU B 1 86  ? -12.560 -13.235 -3.733  1.00  10.26 ? 304 GLU B O   1 
ATOM   1276 C CB  . GLU B 1 86  ? -12.964 -11.294 -6.068  1.00  14.07 ? 304 GLU B CB  1 
ATOM   1277 C CG  . GLU B 1 86  ? -14.166 -12.246 -5.978  1.00  18.15 ? 304 GLU B CG  1 
ATOM   1278 C CD  . GLU B 1 86  ? -15.251 -11.782 -5.039  1.00  24.99 ? 304 GLU B CD  1 
ATOM   1279 O OE1 . GLU B 1 86  ? -15.399 -10.555 -4.820  1.00  29.34 ? 304 GLU B OE1 1 
ATOM   1280 O OE2 . GLU B 1 86  ? -15.964 -12.662 -4.510  1.00  31.11 ? 304 GLU B OE2 1 
ATOM   1281 N N   . TRP B 1 87  ? -10.464 -12.793 -4.383  1.00  8.85  ? 305 TRP B N   1 
ATOM   1282 C CA  . TRP B 1 87  ? -9.986  -14.066 -3.786  1.00  8.94  ? 305 TRP B CA  1 
ATOM   1283 C C   . TRP B 1 87  ? -10.233 -14.096 -2.260  1.00  8.62  ? 305 TRP B C   1 
ATOM   1284 O O   . TRP B 1 87  ? -10.607 -15.106 -1.709  1.00  8.09  ? 305 TRP B O   1 
ATOM   1285 C CB  . TRP B 1 87  ? -8.486  -14.257 -4.070  1.00  9.17  ? 305 TRP B CB  1 
ATOM   1286 C CG  . TRP B 1 87  ? -7.908  -15.461 -3.415  1.00  7.76  ? 305 TRP B CG  1 
ATOM   1287 C CD1 . TRP B 1 87  ? -7.871  -16.762 -3.914  1.00  8.45  ? 305 TRP B CD1 1 
ATOM   1288 C CD2 . TRP B 1 87  ? -7.285  -15.519 -2.150  1.00  7.87  ? 305 TRP B CD2 1 
ATOM   1289 N NE1 . TRP B 1 87  ? -7.251  -17.605 -3.020  1.00  9.63  ? 305 TRP B NE1 1 
ATOM   1290 C CE2 . TRP B 1 87  ? -6.895  -16.878 -1.910  1.00  7.57  ? 305 TRP B CE2 1 
ATOM   1291 C CE3 . TRP B 1 87  ? -6.979  -14.547 -1.190  1.00  6.80  ? 305 TRP B CE3 1 
ATOM   1292 C CZ2 . TRP B 1 87  ? -6.244  -17.265 -0.778  1.00  8.07  ? 305 TRP B CZ2 1 
ATOM   1293 C CZ3 . TRP B 1 87  ? -6.365  -14.967 -0.023  1.00  8.26  ? 305 TRP B CZ3 1 
ATOM   1294 C CH2 . TRP B 1 87  ? -6.001  -16.302 0.171   1.00  7.62  ? 305 TRP B CH2 1 
ATOM   1295 N N   . PHE B 1 88  ? -10.039 -12.938 -1.641  1.00  8.51  ? 306 PHE B N   1 
ATOM   1296 C CA  . PHE B 1 88  ? -10.112 -12.800 -0.199  1.00  7.81  ? 306 PHE B CA  1 
ATOM   1297 C C   . PHE B 1 88  ? -11.562 -12.961 0.247   1.00  8.54  ? 306 PHE B C   1 
ATOM   1298 O O   . PHE B 1 88  ? -11.898 -13.862 1.024   1.00  8.31  ? 306 PHE B O   1 
ATOM   1299 C CB  . PHE B 1 88  ? -9.508  -11.445 0.219   1.00  7.75  ? 306 PHE B CB  1 
ATOM   1300 C CG  . PHE B 1 88  ? -9.480  -11.223 1.706   1.00  8.22  ? 306 PHE B CG  1 
ATOM   1301 C CD1 . PHE B 1 88  ? -8.448  -11.703 2.473   1.00  8.52  ? 306 PHE B CD1 1 
ATOM   1302 C CD2 . PHE B 1 88  ? -10.493 -10.538 2.329   1.00  9.15  ? 306 PHE B CD2 1 
ATOM   1303 C CE1 . PHE B 1 88  ? -8.412  -11.476 3.836   1.00  8.53  ? 306 PHE B CE1 1 
ATOM   1304 C CE2 . PHE B 1 88  ? -10.477 -10.337 3.673   1.00  8.97  ? 306 PHE B CE2 1 
ATOM   1305 C CZ  . PHE B 1 88  ? -9.455  -10.793 4.424   1.00  8.76  ? 306 PHE B CZ  1 
ATOM   1306 N N   . TRP B 1 89  ? -12.425 -12.103 -0.277  1.00  9.06  ? 307 TRP B N   1 
ATOM   1307 C CA  . TRP B 1 89  ? -13.810 -12.121 0.134   1.00  9.82  ? 307 TRP B CA  1 
ATOM   1308 C C   . TRP B 1 89  ? -14.512 -13.364 -0.392  1.00  10.89 ? 307 TRP B C   1 
ATOM   1309 O O   . TRP B 1 89  ? -15.445 -13.882 0.250   1.00  11.53 ? 307 TRP B O   1 
ATOM   1310 C CB  . TRP B 1 89  ? -14.511 -10.829 -0.309  1.00  10.06 ? 307 TRP B CB  1 
ATOM   1311 C CG  . TRP B 1 89  ? -13.865 -9.618  0.297   1.00  11.22 ? 307 TRP B CG  1 
ATOM   1312 C CD1 . TRP B 1 89  ? -13.097 -8.711  -0.350  1.00  13.65 ? 307 TRP B CD1 1 
ATOM   1313 C CD2 . TRP B 1 89  ? -13.879 -9.224  1.672   1.00  11.30 ? 307 TRP B CD2 1 
ATOM   1314 N NE1 . TRP B 1 89  ? -12.636 -7.765  0.519   1.00  16.00 ? 307 TRP B NE1 1 
ATOM   1315 C CE2 . TRP B 1 89  ? -13.091 -8.055  1.772   1.00  12.82 ? 307 TRP B CE2 1 
ATOM   1316 C CE3 . TRP B 1 89  ? -14.453 -9.748  2.832   1.00  13.03 ? 307 TRP B CE3 1 
ATOM   1317 C CZ2 . TRP B 1 89  ? -12.886 -7.381  2.992   1.00  13.19 ? 307 TRP B CZ2 1 
ATOM   1318 C CZ3 . TRP B 1 89  ? -14.238 -9.066  4.047   1.00  13.92 ? 307 TRP B CZ3 1 
ATOM   1319 C CH2 . TRP B 1 89  ? -13.466 -7.892  4.092   1.00  14.12 ? 307 TRP B CH2 1 
ATOM   1320 N N   . GLY B 1 90  ? -14.113 -13.814 -1.584  1.00  10.41 ? 308 GLY B N   1 
ATOM   1321 C CA  . GLY B 1 90  ? -14.637 -15.075 -2.167  1.00  10.83 ? 308 GLY B CA  1 
ATOM   1322 C C   . GLY B 1 90  ? -14.377 -16.276 -1.287  1.00  10.94 ? 308 GLY B C   1 
ATOM   1323 O O   . GLY B 1 90  ? -15.273 -17.091 -1.067  1.00  10.82 ? 308 GLY B O   1 
ATOM   1324 N N   . SER B 1 91  ? -13.172 -16.355 -0.727  1.00  10.79 ? 309 SER B N   1 
ATOM   1325 C CA  . SER B 1 91  ? -12.786 -17.421 0.172   1.00  10.40 ? 309 SER B CA  1 
ATOM   1326 C C   . SER B 1 91  ? -13.670 -17.433 1.433   1.00  10.43 ? 309 SER B C   1 
ATOM   1327 O O   . SER B 1 91  ? -14.097 -18.478 1.915   1.00  11.10 ? 309 SER B O   1 
ATOM   1328 C CB  . SER B 1 91  ? -11.312 -17.282 0.573   1.00  10.70 ? 309 SER B CB  1 
ATOM   1329 O OG  . SER B 1 91  ? -10.412 -17.561 -0.510  1.00  10.73 ? 309 SER B OG  1 
ATOM   1330 N N   . ILE B 1 92  ? -13.899 -16.253 1.981   1.00  10.84 ? 310 ILE B N   1 
ATOM   1331 C CA  . ILE B 1 92  ? -14.714 -16.137 3.173   1.00  11.85 ? 310 ILE B CA  1 
ATOM   1332 C C   . ILE B 1 92  ? -16.133 -16.580 2.881   1.00  11.98 ? 310 ILE B C   1 
ATOM   1333 O O   . ILE B 1 92  ? -16.703 -17.333 3.670   1.00  12.54 ? 310 ILE B O   1 
ATOM   1334 C CB  . ILE B 1 92  ? -14.661 -14.709 3.702   1.00  11.25 ? 310 ILE B CB  1 
ATOM   1335 C CG1 . ILE B 1 92  ? -13.260 -14.386 4.230   1.00  12.67 ? 310 ILE B CG1 1 
ATOM   1336 C CG2 . ILE B 1 92  ? -15.720 -14.495 4.799   1.00  13.54 ? 310 ILE B CG2 1 
ATOM   1337 C CD1 . ILE B 1 92  ? -13.023 -12.944 4.391   1.00  12.78 ? 310 ILE B CD1 1 
ATOM   1338 N N   . GLN B 1 93  ? -16.700 -16.135 1.755   1.00  12.33 ? 311 GLN B N   1 
ATOM   1339 C CA  . GLN B 1 93  ? -18.069 -16.525 1.369   1.00  14.29 ? 311 GLN B CA  1 
ATOM   1340 C C   . GLN B 1 93  ? -18.173 -18.047 1.159   1.00  14.75 ? 311 GLN B C   1 
ATOM   1341 O O   . GLN B 1 93  ? -19.119 -18.688 1.604   1.00  15.79 ? 311 GLN B O   1 
ATOM   1342 C CB  . GLN B 1 93  ? -18.506 -15.748 0.124   1.00  14.50 ? 311 GLN B CB  1 
ATOM   1343 C CG  . GLN B 1 93  ? -19.855 -16.190 -0.459  1.00  17.16 ? 311 GLN B CG  1 
ATOM   1344 C CD  . GLN B 1 93  ? -20.347 -15.306 -1.572  1.00  19.84 ? 311 GLN B CD  1 
ATOM   1345 O OE1 . GLN B 1 93  ? -19.830 -14.205 -1.804  1.00  23.55 ? 311 GLN B OE1 1 
ATOM   1346 N NE2 . GLN B 1 93  ? -21.354 -15.794 -2.297  1.00  22.60 ? 311 GLN B NE2 1 
ATOM   1347 N N   . MET B 1 94  ? -17.167 -18.625 0.518   1.00  14.59 ? 312 MET B N   1 
ATOM   1348 C CA  . MET B 1 94  ? -17.099 -20.049 0.168   1.00  16.13 ? 312 MET B CA  1 
ATOM   1349 C C   . MET B 1 94  ? -16.808 -20.913 1.398   1.00  15.44 ? 312 MET B C   1 
ATOM   1350 O O   . MET B 1 94  ? -16.991 -22.141 1.372   1.00  16.60 ? 312 MET B O   1 
ATOM   1351 C CB  . MET B 1 94  ? -15.935 -20.194 -0.859  1.00  17.63 ? 312 MET B CB  1 
ATOM   1352 C CG  . MET B 1 94  ? -16.007 -21.213 -1.916  1.00  22.92 ? 312 MET B CG  1 
ATOM   1353 S SD  . MET B 1 94  ? -14.378 -21.064 -2.785  1.00  25.74 ? 312 MET B SD  1 
ATOM   1354 C CE  . MET B 1 94  ? -14.662 -19.594 -3.764  1.00  22.57 ? 312 MET B CE  1 
ATOM   1355 N N   . ASP B 1 95  ? -16.296 -20.271 2.452   1.00  15.43 ? 313 ASP B N   1 
ATOM   1356 C CA  . ASP B 1 95  ? -15.756 -20.910 3.626   1.00  15.70 ? 313 ASP B CA  1 
ATOM   1357 C C   . ASP B 1 95  ? -14.705 -21.948 3.274   1.00  15.47 ? 313 ASP B C   1 
ATOM   1358 O O   . ASP B 1 95  ? -14.672 -23.042 3.823   1.00  16.71 ? 313 ASP B O   1 
ATOM   1359 C CB  . ASP B 1 95  ? -16.900 -21.544 4.443   1.00  16.17 ? 313 ASP B CB  1 
ATOM   1360 C CG  . ASP B 1 95  ? -16.519 -21.859 5.852   1.00  20.50 ? 313 ASP B CG  1 
ATOM   1361 O OD1 . ASP B 1 95  ? -15.528 -21.321 6.422   1.00  21.40 ? 313 ASP B OD1 1 
ATOM   1362 O OD2 . ASP B 1 95  ? -17.269 -22.682 6.436   1.00  25.99 ? 313 ASP B OD2 1 
ATOM   1363 N N   . ALA B 1 96  ? -13.821 -21.574 2.348   1.00  14.04 ? 314 ALA B N   1 
ATOM   1364 C CA  . ALA B 1 96  ? -12.785 -22.439 1.857   1.00  14.26 ? 314 ALA B CA  1 
ATOM   1365 C C   . ALA B 1 96  ? -11.805 -21.569 1.093   1.00  13.48 ? 314 ALA B C   1 
ATOM   1366 O O   . ALA B 1 96  ? -12.141 -20.480 0.637   1.00  13.67 ? 314 ALA B O   1 
ATOM   1367 C CB  . ALA B 1 96  ? -13.363 -23.521 0.925   1.00  13.83 ? 314 ALA B CB  1 
ATOM   1368 N N   . ARG B 1 97  ? -10.589 -22.038 0.951   1.00  12.84 ? 315 ARG B N   1 
ATOM   1369 C CA  . ARG B 1 97  ? -9.587  -21.282 0.212   1.00  13.06 ? 315 ARG B CA  1 
ATOM   1370 C C   . ARG B 1 97  ? -9.900  -21.286 -1.277  1.00  12.35 ? 315 ARG B C   1 
ATOM   1371 O O   . ARG B 1 97  ? -9.940  -22.336 -1.915  1.00  12.98 ? 315 ARG B O   1 
ATOM   1372 C CB  . ARG B 1 97  ? -8.220  -21.887 0.443   1.00  12.57 ? 315 ARG B CB  1 
ATOM   1373 C CG  . ARG B 1 97  ? -7.050  -21.113 -0.074  1.00  14.70 ? 315 ARG B CG  1 
ATOM   1374 C CD  . ARG B 1 97  ? -5.784  -21.935 0.335   1.00  18.74 ? 315 ARG B CD  1 
ATOM   1375 N NE  . ARG B 1 97  ? -4.655  -21.690 -0.523  1.00  20.58 ? 315 ARG B NE  1 
ATOM   1376 C CZ  . ARG B 1 97  ? -3.393  -22.069 -0.272  1.00  22.23 ? 315 ARG B CZ  1 
ATOM   1377 N NH1 . ARG B 1 97  ? -3.078  -22.805 0.809   1.00  25.23 ? 315 ARG B NH1 1 
ATOM   1378 N NH2 . ARG B 1 97  ? -2.428  -21.738 -1.137  1.00  23.60 ? 315 ARG B NH2 1 
ATOM   1379 N N   . ALA B 1 98  ? -10.128 -20.112 -1.826  1.00  11.76 ? 316 ALA B N   1 
ATOM   1380 C CA  . ALA B 1 98  ? -10.472 -19.954 -3.223  1.00  10.90 ? 316 ALA B CA  1 
ATOM   1381 C C   . ALA B 1 98  ? -9.239  -20.198 -4.094  1.00  11.06 ? 316 ALA B C   1 
ATOM   1382 O O   . ALA B 1 98  ? -8.121  -20.264 -3.612  1.00  10.79 ? 316 ALA B O   1 
ATOM   1383 C CB  . ALA B 1 98  ? -11.021 -18.548 -3.467  1.00  11.79 ? 316 ALA B CB  1 
ATOM   1384 N N   . GLY B 1 99  ? -9.499  -20.380 -5.386  1.00  10.74 ? 317 GLY B N   1 
ATOM   1385 C CA  . GLY B 1 99  ? -8.458  -20.649 -6.348  1.00  10.61 ? 317 GLY B CA  1 
ATOM   1386 C C   . GLY B 1 99  ? -7.650  -19.423 -6.646  1.00  9.01  ? 317 GLY B C   1 
ATOM   1387 O O   . GLY B 1 99  ? -8.151  -18.434 -7.145  1.00  10.47 ? 317 GLY B O   1 
ATOM   1388 N N   . GLU B 1 100 ? -6.344  -19.495 -6.399  1.00  9.18  ? 318 GLU B N   1 
ATOM   1389 C CA  . GLU B 1 100 ? -5.419  -18.415 -6.723  1.00  9.35  ? 318 GLU B CA  1 
ATOM   1390 C C   . GLU B 1 100 ? -5.181  -18.197 -8.219  1.00  10.32 ? 318 GLU B C   1 
ATOM   1391 O O   . GLU B 1 100 ? -4.753  -17.084 -8.618  1.00  13.65 ? 318 GLU B O   1 
ATOM   1392 C CB  . GLU B 1 100 ? -4.088  -18.621 -6.066  1.00  9.23  ? 318 GLU B CB  1 
ATOM   1393 C CG  . GLU B 1 100 ? -4.168  -18.629 -4.540  1.00  8.29  ? 318 GLU B CG  1 
ATOM   1394 C CD  . GLU B 1 100 ? -4.379  -19.995 -3.921  1.00  10.02 ? 318 GLU B CD  1 
ATOM   1395 O OE1 . GLU B 1 100 ? -4.653  -21.013 -4.654  1.00  11.40 ? 318 GLU B OE1 1 
ATOM   1396 O OE2 . GLU B 1 100 ? -4.305  -20.047 -2.679  1.00  10.95 ? 318 GLU B OE2 1 
ATOM   1397 N N   . THR B 1 101 ? -5.407  -19.201 -9.067  1.00  9.60  ? 319 THR B N   1 
ATOM   1398 C CA  . THR B 1 101 ? -5.263  -18.983 -10.493 1.00  9.62  ? 319 THR B CA  1 
ATOM   1399 C C   . THR B 1 101 ? -6.531  -18.325 -11.066 1.00  7.87  ? 319 THR B C   1 
ATOM   1400 O O   . THR B 1 101 ? -6.481  -17.406 -11.858 1.00  9.68  ? 319 THR B O   1 
ATOM   1401 C CB  . THR B 1 101 ? -4.973  -20.288 -11.213 1.00  9.76  ? 319 THR B CB  1 
ATOM   1402 O OG1 . THR B 1 101 ? -3.865  -20.918 -10.600 1.00  12.74 ? 319 THR B OG1 1 
ATOM   1403 C CG2 . THR B 1 101 ? -4.699  -20.039 -12.666 1.00  10.88 ? 319 THR B CG2 1 
ATOM   1404 N N   . MET B 1 102 ? -7.689  -18.779 -10.606 1.00  9.21  ? 320 MET B N   1 
ATOM   1405 C CA  . MET B 1 102 ? -8.952  -18.179 -10.986 1.00  9.50  ? 320 MET B CA  1 
ATOM   1406 C C   . MET B 1 102 ? -8.965  -16.666 -10.733 1.00  9.15  ? 320 MET B C   1 
ATOM   1407 O O   . MET B 1 102 ? -9.436  -15.931 -11.556 1.00  10.64 ? 320 MET B O   1 
ATOM   1408 C CB  . MET B 1 102 ? -10.095 -18.908 -10.246 1.00  11.59 ? 320 MET B CB  1 
ATOM   1409 C CG  . MET B 1 102 ? -11.389 -18.240 -10.190 1.00  14.13 ? 320 MET B CG  1 
ATOM   1410 S SD  . MET B 1 102 ? -12.625 -19.345 -9.462  1.00  19.03 ? 320 MET B SD  1 
ATOM   1411 C CE  . MET B 1 102 ? -11.628 -20.721 -8.842  1.00  17.66 ? 320 MET B CE  1 
ATOM   1412 N N   . TYR B 1 103 ? -8.421  -16.255 -9.596  1.00  9.49  ? 321 TYR B N   1 
ATOM   1413 C CA  . TYR B 1 103 ? -8.386  -14.870 -9.181  1.00  10.49 ? 321 TYR B CA  1 
ATOM   1414 C C   . TYR B 1 103 ? -6.992  -14.248 -9.341  1.00  10.68 ? 321 TYR B C   1 
ATOM   1415 O O   . TYR B 1 103 ? -6.651  -13.252 -8.669  1.00  10.61 ? 321 TYR B O   1 
ATOM   1416 C CB  . TYR B 1 103 ? -8.871  -14.796 -7.713  1.00  10.79 ? 321 TYR B CB  1 
ATOM   1417 C CG  . TYR B 1 103 ? -10.349 -15.070 -7.559  1.00  10.70 ? 321 TYR B CG  1 
ATOM   1418 C CD1 . TYR B 1 103 ? -11.275 -14.271 -8.191  1.00  13.39 ? 321 TYR B CD1 1 
ATOM   1419 C CD2 . TYR B 1 103 ? -10.816 -16.137 -6.811  1.00  12.79 ? 321 TYR B CD2 1 
ATOM   1420 C CE1 . TYR B 1 103 ? -12.618 -14.513 -8.074  1.00  16.95 ? 321 TYR B CE1 1 
ATOM   1421 C CE2 . TYR B 1 103 ? -12.165 -16.382 -6.679  1.00  14.56 ? 321 TYR B CE2 1 
ATOM   1422 C CZ  . TYR B 1 103 ? -13.055 -15.575 -7.306  1.00  17.59 ? 321 TYR B CZ  1 
ATOM   1423 O OH  . TYR B 1 103 ? -14.408 -15.858 -7.186  1.00  21.72 ? 321 TYR B OH  1 
ATOM   1424 N N   . LEU B 1 104 ? -6.222  -14.725 -10.317 1.00  9.55  ? 322 LEU B N   1 
ATOM   1425 C CA  . LEU B 1 104 ? -4.872  -14.204 -10.555 1.00  11.52 ? 322 LEU B CA  1 
ATOM   1426 C C   . LEU B 1 104 ? -4.911  -12.758 -10.916 1.00  11.10 ? 322 LEU B C   1 
ATOM   1427 O O   . LEU B 1 104 ? -5.705  -12.370 -11.752 1.00  10.74 ? 322 LEU B O   1 
ATOM   1428 C CB  . LEU B 1 104 ? -4.195  -15.066 -11.633 1.00  11.82 ? 322 LEU B CB  1 
ATOM   1429 C CG  . LEU B 1 104 ? -2.762  -14.737 -12.100 1.00  12.70 ? 322 LEU B CG  1 
ATOM   1430 C CD1 . LEU B 1 104 ? -1.690  -15.063 -11.036 1.00  14.11 ? 322 LEU B CD1 1 
ATOM   1431 C CD2 . LEU B 1 104 ? -2.420  -15.492 -13.431 1.00  13.48 ? 322 LEU B CD2 1 
ATOM   1432 N N   . TYR B 1 105 ? -4.067  -11.955 -10.268 1.00  10.98 ? 323 TYR B N   1 
ATOM   1433 C CA  . TYR B 1 105 ? -3.935  -10.561 -10.604 1.00  12.24 ? 323 TYR B CA  1 
ATOM   1434 C C   . TYR B 1 105 ? -3.531  -10.418 -12.071 1.00  13.34 ? 323 TYR B C   1 
ATOM   1435 O O   . TYR B 1 105 ? -2.713  -11.173 -12.569 1.00  13.98 ? 323 TYR B O   1 
ATOM   1436 C CB  . TYR B 1 105 ? -2.894  -9.892  -9.700  1.00  13.27 ? 323 TYR B CB  1 
ATOM   1437 C CG  . TYR B 1 105 ? -2.645  -8.440  -10.040 1.00  13.36 ? 323 TYR B CG  1 
ATOM   1438 C CD1 . TYR B 1 105 ? -3.708  -7.524  -10.118 1.00  16.59 ? 323 TYR B CD1 1 
ATOM   1439 C CD2 . TYR B 1 105 ? -1.354  -7.989  -10.299 1.00  16.54 ? 323 TYR B CD2 1 
ATOM   1440 C CE1 . TYR B 1 105 ? -3.492  -6.191  -10.467 1.00  18.96 ? 323 TYR B CE1 1 
ATOM   1441 C CE2 . TYR B 1 105 ? -1.130  -6.615  -10.634 1.00  16.00 ? 323 TYR B CE2 1 
ATOM   1442 C CZ  . TYR B 1 105 ? -2.215  -5.748  -10.711 1.00  19.27 ? 323 TYR B CZ  1 
ATOM   1443 O OH  . TYR B 1 105 ? -2.041  -4.399  -11.052 1.00  22.60 ? 323 TYR B OH  1 
ATOM   1444 N N   . GLU B 1 106 ? -4.107  -9.426  -12.736 1.00  15.36 ? 324 GLU B N   1 
ATOM   1445 C CA  . GLU B 1 106 ? -3.966  -9.224  -14.170 1.00  17.28 ? 324 GLU B CA  1 
ATOM   1446 C C   . GLU B 1 106 ? -2.520  -9.187  -14.679 1.00  17.02 ? 324 GLU B C   1 
ATOM   1447 O O   . GLU B 1 106 ? -2.228  -9.686  -15.769 1.00  17.92 ? 324 GLU B O   1 
ATOM   1448 C CB  . GLU B 1 106 ? -4.688  -7.918  -14.550 1.00  17.69 ? 324 GLU B CB  1 
ATOM   1449 C CG  . GLU B 1 106 ? -4.577  -7.529  -16.038 1.00  21.67 ? 324 GLU B CG  1 
ATOM   1450 C CD  . GLU B 1 106 ? -5.132  -6.144  -16.359 1.00  26.95 ? 324 GLU B CD  1 
ATOM   1451 O OE1 . GLU B 1 106 ? -5.802  -5.523  -15.483 1.00  30.79 ? 324 GLU B OE1 1 
ATOM   1452 O OE2 . GLU B 1 106 ? -4.907  -5.677  -17.510 1.00  29.71 ? 324 GLU B OE2 1 
ATOM   1453 N N   . LYS B 1 107 ? -1.621  -8.587  -13.916 1.00  16.41 ? 325 LYS B N   1 
ATOM   1454 C CA  . LYS B 1 107 ? -0.211  -8.486  -14.312 1.00  17.37 ? 325 LYS B CA  1 
ATOM   1455 C C   . LYS B 1 107 ? 0.724   -9.405  -13.534 1.00  17.01 ? 325 LYS B C   1 
ATOM   1456 O O   . LYS B 1 107 ? 1.922   -9.157  -13.450 1.00  16.94 ? 325 LYS B O   1 
ATOM   1457 C CB  . LYS B 1 107 ? 0.254   -7.038  -14.203 1.00  18.55 ? 325 LYS B CB  1 
ATOM   1458 C CG  . LYS B 1 107 ? -0.507  -6.110  -15.112 1.00  21.97 ? 325 LYS B CG  1 
ATOM   1459 C CD  . LYS B 1 107 ? 0.173   -4.770  -15.193 1.00  25.35 ? 325 LYS B CD  1 
ATOM   1460 C CE  . LYS B 1 107 ? -0.757  -3.718  -15.790 1.00  27.70 ? 325 LYS B CE  1 
ATOM   1461 N NZ  . LYS B 1 107 ? -0.087  -2.367  -15.787 1.00  28.44 ? 325 LYS B NZ  1 
ATOM   1462 N N   . ALA B 1 108 ? 0.205   -10.505 -13.005 1.00  16.00 ? 326 ALA B N   1 
ATOM   1463 C CA  . ALA B 1 108 ? 1.071   -11.537 -12.423 1.00  16.34 ? 326 ALA B CA  1 
ATOM   1464 C C   . ALA B 1 108 ? 0.990   -12.802 -13.236 1.00  16.18 ? 326 ALA B C   1 
ATOM   1465 O O   . ALA B 1 108 ? -0.023  -13.082 -13.875 1.00  17.32 ? 326 ALA B O   1 
ATOM   1466 C CB  . ALA B 1 108 ? 0.638   -11.850 -10.992 1.00  15.87 ? 326 ALA B CB  1 
ATOM   1467 N N   . ASN B 1 109 ? 2.060   -13.592 -13.179 1.00  16.60 ? 327 ASN B N   1 
ATOM   1468 C CA  . ASN B 1 109 ? 2.009   -14.967 -13.604 1.00  16.79 ? 327 ASN B CA  1 
ATOM   1469 C C   . ASN B 1 109 ? 1.808   -15.861 -12.392 1.00  16.19 ? 327 ASN B C   1 
ATOM   1470 O O   . ASN B 1 109 ? 1.994   -15.430 -11.246 1.00  14.97 ? 327 ASN B O   1 
ATOM   1471 C CB  . ASN B 1 109 ? 3.288   -15.331 -14.365 1.00  17.98 ? 327 ASN B CB  1 
ATOM   1472 C CG  . ASN B 1 109 ? 3.308   -14.744 -15.759 1.00  20.01 ? 327 ASN B CG  1 
ATOM   1473 O OD1 . ASN B 1 109 ? 2.273   -14.765 -16.462 1.00  22.90 ? 327 ASN B OD1 1 
ATOM   1474 N ND2 . ASN B 1 109 ? 4.465   -14.167 -16.174 1.00  22.21 ? 327 ASN B ND2 1 
ATOM   1475 N N   . THR B 1 110 ? 1.379   -17.098 -12.635 1.00  15.61 ? 328 THR B N   1 
ATOM   1476 C CA  . THR B 1 110 ? 1.186   -18.060 -11.526 1.00  15.30 ? 328 THR B CA  1 
ATOM   1477 C C   . THR B 1 110 ? 2.564   -18.468 -10.978 1.00  15.78 ? 328 THR B C   1 
ATOM   1478 O O   . THR B 1 110 ? 3.588   -18.354 -11.678 1.00  15.76 ? 328 THR B O   1 
ATOM   1479 C CB  . THR B 1 110 ? 0.475   -19.331 -11.976 1.00  15.62 ? 328 THR B CB  1 
ATOM   1480 O OG1 . THR B 1 110 ? 1.285   -19.973 -12.978 1.00  15.57 ? 328 THR B OG1 1 
ATOM   1481 C CG2 . THR B 1 110 ? -0.915  -19.001 -12.550 1.00  16.33 ? 328 THR B CG2 1 
ATOM   1482 N N   . PRO B 1 111 ? 2.611   -18.975 -9.743  1.00  16.58 ? 329 PRO B N   1 
ATOM   1483 C CA  . PRO B 1 111 ? 3.907   -19.430 -9.187  1.00  18.58 ? 329 PRO B CA  1 
ATOM   1484 C C   . PRO B 1 111 ? 4.620   -20.510 -9.998  1.00  21.14 ? 329 PRO B C   1 
ATOM   1485 O O   . PRO B 1 111 ? 3.975   -21.275 -10.736 1.00  20.94 ? 329 PRO B O   1 
ATOM   1486 C CB  . PRO B 1 111 ? 3.522   -20.011 -7.837  1.00  19.14 ? 329 PRO B CB  1 
ATOM   1487 C CG  . PRO B 1 111 ? 2.253   -19.322 -7.485  1.00  16.59 ? 329 PRO B CG  1 
ATOM   1488 C CD  . PRO B 1 111 ? 1.530   -19.068 -8.738  1.00  15.90 ? 329 PRO B CD  1 
ATOM   1489 N N   . GLU B 1 112 ? 5.947   -20.563 -9.840  1.00  23.50 ? 330 GLU B N   1 
ATOM   1490 C CA  . GLU B 1 112 ? 6.831   -21.406 -10.681 1.00  25.47 ? 330 GLU B CA  1 
ATOM   1491 C C   . GLU B 1 112 ? 7.676   -22.339 -9.820  1.00  26.76 ? 330 GLU B C   1 
ATOM   1492 O O   . GLU B 1 112 ? 7.253   -22.771 -8.743  1.00  29.58 ? 330 GLU B O   1 
ATOM   1493 C CB  . GLU B 1 112 ? 7.751   -20.511 -11.528 1.00  25.96 ? 330 GLU B CB  1 
ATOM   1494 C CG  . GLU B 1 112 ? 8.645   -21.249 -12.535 1.00  27.59 ? 330 GLU B CG  1 
HETATM 1495 X UNK . UNX C 2 .   ? 0.309   3.192   5.690   0.010 2.00  ? 3   UNX A UNK 1 
HETATM 1496 X UNK . UNX D 2 .   ? -9.006  0.026   -1.364  0.010 2.00  ? 1   UNX B UNK 1 
HETATM 1497 X UNK . UNX E 2 .   ? -11.027 -4.661  -6.152  0.010 2.00  ? 2   UNX B UNK 1 
HETATM 1498 O O   . HOH F 3 .   ? -3.256  9.480   3.377   1.00  8.66  ? 1   HOH A O   1 
HETATM 1499 O O   . HOH F 3 .   ? -3.829  9.244   14.154  1.00  13.59 ? 4   HOH A O   1 
HETATM 1500 O O   . HOH F 3 .   ? -5.068  11.159  4.557   1.00  8.84  ? 5   HOH A O   1 
HETATM 1501 O O   . HOH F 3 .   ? 1.531   6.029   5.081   1.00  13.51 ? 7   HOH A O   1 
HETATM 1502 O O   . HOH F 3 .   ? -6.225  14.891  5.636   1.00  12.02 ? 9   HOH A O   1 
HETATM 1503 O O   . HOH F 3 .   ? 4.566   17.665  11.717  1.00  14.50 ? 11  HOH A O   1 
HETATM 1504 O O   . HOH F 3 .   ? 15.976  14.501  -5.492  1.00  20.25 ? 15  HOH A O   1 
HETATM 1505 O O   . HOH F 3 .   ? -7.063  10.740  12.403  1.00  12.83 ? 18  HOH A O   1 
HETATM 1506 O O   . HOH F 3 .   ? -7.211  4.808   6.671   1.00  13.88 ? 20  HOH A O   1 
HETATM 1507 O O   . HOH F 3 .   ? 6.199   10.648  12.937  1.00  17.01 ? 25  HOH A O   1 
HETATM 1508 O O   . HOH F 3 .   ? -7.278  12.973  3.899   1.00  11.41 ? 26  HOH A O   1 
HETATM 1509 O O   . HOH F 3 .   ? 0.414   11.694  -11.763 1.00  25.56 ? 28  HOH A O   1 
HETATM 1510 O O   . HOH F 3 .   ? -7.328  17.205  -1.202  1.00  22.67 ? 36  HOH A O   1 
HETATM 1511 O O   . HOH F 3 .   ? -2.347  19.804  3.824   1.00  20.31 ? 37  HOH A O   1 
HETATM 1512 O O   . HOH F 3 .   ? 3.675   0.201   2.102   1.00  21.35 ? 44  HOH A O   1 
HETATM 1513 O O   . HOH F 3 .   ? 9.117   -5.532  5.655   1.00  34.05 ? 45  HOH A O   1 
HETATM 1514 O O   . HOH F 3 .   ? 7.582   1.514   -5.369  1.00  17.18 ? 46  HOH A O   1 
HETATM 1515 O O   . HOH F 3 .   ? 15.836  7.033   5.551   1.00  17.91 ? 48  HOH A O   1 
HETATM 1516 O O   . HOH F 3 .   ? 3.191   2.770   0.737   1.00  17.29 ? 50  HOH A O   1 
HETATM 1517 O O   . HOH F 3 .   ? 7.410   7.926   -8.972  1.00  20.75 ? 64  HOH A O   1 
HETATM 1518 O O   . HOH F 3 .   ? 7.582   11.796  -9.349  1.00  17.12 ? 65  HOH A O   1 
HETATM 1519 O O   A HOH F 3 .   ? -8.909  9.489   9.889   0.50  14.68 ? 83  HOH A O   1 
HETATM 1520 O O   B HOH F 3 .   ? -8.787  8.947   12.040  0.50  8.00  ? 83  HOH A O   1 
HETATM 1521 O O   . HOH F 3 .   ? -7.048  5.466   9.224   1.00  24.77 ? 84  HOH A O   1 
HETATM 1522 O O   . HOH F 3 .   ? -4.831  6.123   10.905  1.00  25.88 ? 85  HOH A O   1 
HETATM 1523 O O   . HOH F 3 .   ? 10.649  19.670  12.857  1.00  19.81 ? 86  HOH A O   1 
HETATM 1524 O O   . HOH F 3 .   ? 1.439   2.773   8.080   1.00  22.63 ? 88  HOH A O   1 
HETATM 1525 O O   . HOH F 3 .   ? 3.252   6.690   6.739   1.00  24.05 ? 89  HOH A O   1 
HETATM 1526 O O   . HOH F 3 .   ? 2.592   4.960   9.053   1.00  26.07 ? 90  HOH A O   1 
HETATM 1527 O O   . HOH F 3 .   ? 8.766   3.620   10.362  1.00  29.38 ? 91  HOH A O   1 
HETATM 1528 O O   . HOH F 3 .   ? 14.791  9.273   11.254  1.00  26.38 ? 92  HOH A O   1 
HETATM 1529 O O   . HOH F 3 .   ? 14.803  11.452  13.311  1.00  28.02 ? 93  HOH A O   1 
HETATM 1530 O O   . HOH F 3 .   ? 10.268  15.094  13.146  1.00  22.38 ? 94  HOH A O   1 
HETATM 1531 O O   . HOH F 3 .   ? 0.420   19.813  -10.079 1.00  23.93 ? 98  HOH A O   1 
HETATM 1532 O O   . HOH F 3 .   ? 13.850  0.004   4.848   1.00  22.83 ? 102 HOH A O   1 
HETATM 1533 O O   . HOH F 3 .   ? 17.856  6.788   3.906   1.00  25.96 ? 103 HOH A O   1 
HETATM 1534 O O   . HOH F 3 .   ? 13.658  25.555  12.551  1.00  30.53 ? 105 HOH A O   1 
HETATM 1535 O O   . HOH F 3 .   ? 14.729  27.816  6.360   1.00  34.49 ? 106 HOH A O   1 
HETATM 1536 O O   . HOH F 3 .   ? 1.733   22.264  6.952   1.00  29.19 ? 107 HOH A O   1 
HETATM 1537 O O   . HOH F 3 .   ? 1.844   0.745   -1.157  1.00  21.75 ? 108 HOH A O   1 
HETATM 1538 O O   . HOH F 3 .   ? 3.665   -1.421  4.283   1.00  26.44 ? 109 HOH A O   1 
HETATM 1539 O O   . HOH F 3 .   ? 17.623  19.007  5.665   1.00  30.23 ? 110 HOH A O   1 
HETATM 1540 O O   . HOH F 3 .   ? 9.278   3.519   -6.201  1.00  24.03 ? 111 HOH A O   1 
HETATM 1541 O O   . HOH F 3 .   ? 1.459   24.449  -2.679  1.00  28.10 ? 112 HOH A O   1 
HETATM 1542 O O   . HOH F 3 .   ? 1.465   17.607  -11.318 1.00  26.05 ? 113 HOH A O   1 
HETATM 1543 O O   . HOH F 3 .   ? 0.956   3.025   3.100   1.00  26.61 ? 119 HOH A O   1 
HETATM 1544 O O   . HOH F 3 .   ? -4.040  17.119  -4.031  1.00  11.55 ? 331 HOH A O   1 
HETATM 1545 O O   . HOH G 3 .   ? 1.824   -6.658  8.526   1.00  13.84 ? 6   HOH B O   1 
HETATM 1546 O O   . HOH G 3 .   ? -11.630 -8.561  -7.310  1.00  13.66 ? 8   HOH B O   1 
HETATM 1547 O O   . HOH G 3 .   ? 5.745   -10.809 -0.568  1.00  8.92  ? 10  HOH B O   1 
HETATM 1548 O O   . HOH G 3 .   ? 6.982   -14.683 -1.014  1.00  10.49 ? 12  HOH B O   1 
HETATM 1549 O O   . HOH G 3 .   ? 0.427   -6.320  4.025   1.00  12.40 ? 13  HOH B O   1 
HETATM 1550 O O   . HOH G 3 .   ? 2.092   -3.946  7.342   1.00  17.33 ? 14  HOH B O   1 
HETATM 1551 O O   . HOH G 3 .   ? 2.341   -9.866  11.205  1.00  23.59 ? 16  HOH B O   1 
HETATM 1552 O O   . HOH G 3 .   ? 2.083   -3.693  4.459   1.00  14.75 ? 17  HOH B O   1 
HETATM 1553 O O   . HOH G 3 .   ? 3.709   -8.995  -0.404  1.00  8.39  ? 19  HOH B O   1 
HETATM 1554 O O   . HOH G 3 .   ? -21.704 -11.989 -2.899  1.00  33.26 ? 21  HOH B O   1 
HETATM 1555 O O   . HOH G 3 .   ? 10.416  -16.130 10.136  1.00  13.58 ? 22  HOH B O   1 
HETATM 1556 O O   . HOH G 3 .   ? -0.540  -12.255 11.566  1.00  12.65 ? 23  HOH B O   1 
HETATM 1557 O O   . HOH G 3 .   ? -8.027  -13.744 -12.763 1.00  15.73 ? 24  HOH B O   1 
HETATM 1558 O O   . HOH G 3 .   ? 9.037   -4.829  1.741   1.00  15.76 ? 27  HOH B O   1 
HETATM 1559 O O   . HOH G 3 .   ? 0.845   -15.508 -8.609  1.00  14.47 ? 29  HOH B O   1 
HETATM 1560 O O   . HOH G 3 .   ? -6.513  1.142   11.166  1.00  17.90 ? 30  HOH B O   1 
HETATM 1561 O O   . HOH G 3 .   ? -6.643  -8.128  -11.755 1.00  17.31 ? 31  HOH B O   1 
HETATM 1562 O O   . HOH G 3 .   ? -10.274 -7.868  17.109  1.00  21.99 ? 32  HOH B O   1 
HETATM 1563 O O   . HOH G 3 .   ? -6.272  -16.974 -14.466 1.00  22.13 ? 33  HOH B O   1 
HETATM 1564 O O   . HOH G 3 .   ? 12.053  -6.541  -5.456  1.00  23.30 ? 34  HOH B O   1 
HETATM 1565 O O   . HOH G 3 .   ? -10.909 3.621   3.491   1.00  24.38 ? 35  HOH B O   1 
HETATM 1566 O O   . HOH G 3 .   ? -20.454 -19.718 4.132   1.00  18.09 ? 38  HOH B O   1 
HETATM 1567 O O   . HOH G 3 .   ? 3.017   -18.886 -1.962  1.00  17.89 ? 39  HOH B O   1 
HETATM 1568 O O   . HOH G 3 .   ? -2.818  -2.037  1.550   1.00  17.67 ? 40  HOH B O   1 
HETATM 1569 O O   . HOH G 3 .   ? -12.132 -20.120 -6.216  1.00  19.96 ? 41  HOH B O   1 
HETATM 1570 O O   . HOH G 3 .   ? -6.120  -22.426 3.353   1.00  16.40 ? 42  HOH B O   1 
HETATM 1571 O O   . HOH G 3 .   ? -2.517  0.323   3.589   1.00  22.34 ? 43  HOH B O   1 
HETATM 1572 O O   . HOH G 3 .   ? -6.256  1.013   13.953  1.00  13.37 ? 47  HOH B O   1 
HETATM 1573 O O   . HOH G 3 .   ? -9.334  -11.526 14.467  1.00  20.29 ? 49  HOH B O   1 
HETATM 1574 O O   . HOH G 3 .   ? -23.110 -19.523 3.067   1.00  19.41 ? 51  HOH B O   1 
HETATM 1575 O O   . HOH G 3 .   ? -20.121 -22.602 4.900   1.00  22.14 ? 52  HOH B O   1 
HETATM 1576 O O   . HOH G 3 .   ? -16.456 -18.274 6.153   1.00  24.57 ? 53  HOH B O   1 
HETATM 1577 O O   . HOH G 3 .   ? -10.526 -19.921 11.639  1.00  29.57 ? 54  HOH B O   1 
HETATM 1578 O O   . HOH G 3 .   ? -10.593 1.468   -2.938  1.00  30.08 ? 55  HOH B O   1 
HETATM 1579 O O   . HOH G 3 .   ? -11.355 -1.577  -1.667  1.00  23.99 ? 56  HOH B O   1 
HETATM 1580 O O   . HOH G 3 .   ? -4.662  -3.495  -12.121 1.00  27.04 ? 57  HOH B O   1 
HETATM 1581 O O   . HOH G 3 .   ? -1.197  -23.615 -6.788  1.00  20.57 ? 58  HOH B O   1 
HETATM 1582 O O   . HOH G 3 .   ? -1.825  -20.182 -9.005  1.00  22.19 ? 59  HOH B O   1 
HETATM 1583 O O   . HOH G 3 .   ? -1.719  -17.186 -8.399  1.00  21.28 ? 60  HOH B O   1 
HETATM 1584 O O   . HOH G 3 .   ? 4.958   -15.287 -8.141  1.00  21.48 ? 61  HOH B O   1 
HETATM 1585 O O   . HOH G 3 .   ? -2.103  -12.474 -15.502 1.00  22.81 ? 62  HOH B O   1 
HETATM 1586 O O   . HOH G 3 .   ? -4.731  -12.688 -14.661 1.00  22.77 ? 63  HOH B O   1 
HETATM 1587 O O   . HOH G 3 .   ? 3.719   -21.512 -4.916  1.00  22.60 ? 66  HOH B O   1 
HETATM 1588 O O   . HOH G 3 .   ? 3.602   -20.645 -13.128 1.00  19.22 ? 67  HOH B O   1 
HETATM 1589 O O   . HOH G 3 .   ? 5.755   -21.456 -14.538 1.00  26.58 ? 68  HOH B O   1 
HETATM 1590 O O   . HOH G 3 .   ? 9.505   -10.862 -1.571  1.00  19.61 ? 69  HOH B O   1 
HETATM 1591 O O   . HOH G 3 .   ? 11.735  -10.074 2.869   1.00  23.97 ? 70  HOH B O   1 
HETATM 1592 O O   . HOH G 3 .   ? 11.548  -11.658 5.381   1.00  27.30 ? 71  HOH B O   1 
HETATM 1593 O O   . HOH G 3 .   ? 6.753   -18.514 4.432   1.00  18.59 ? 72  HOH B O   1 
HETATM 1594 O O   . HOH G 3 .   ? 9.345   -18.654 5.576   1.00  22.94 ? 73  HOH B O   1 
HETATM 1595 O O   . HOH G 3 .   ? 6.028   -18.185 0.296   1.00  30.54 ? 74  HOH B O   1 
HETATM 1596 O O   . HOH G 3 .   ? 11.782  -13.369 -7.791  1.00  31.77 ? 75  HOH B O   1 
HETATM 1597 O O   . HOH G 3 .   ? 11.995  -16.648 -5.699  1.00  26.80 ? 76  HOH B O   1 
HETATM 1598 O O   . HOH G 3 .   ? 5.901   -16.842 -10.875 1.00  34.93 ? 77  HOH B O   1 
HETATM 1599 O O   . HOH G 3 .   ? 4.490   -12.828 -12.053 1.00  35.40 ? 78  HOH B O   1 
HETATM 1600 O O   . HOH G 3 .   ? 11.123  -2.665  -4.122  1.00  23.64 ? 79  HOH B O   1 
HETATM 1601 O O   . HOH G 3 .   ? -10.088 -4.159  12.469  1.00  25.64 ? 80  HOH B O   1 
HETATM 1602 O O   . HOH G 3 .   ? -7.948  -3.470  14.362  1.00  26.41 ? 81  HOH B O   1 
HETATM 1603 O O   . HOH G 3 .   ? -8.306  3.330   10.865  1.00  21.79 ? 82  HOH B O   1 
HETATM 1604 O O   . HOH G 3 .   ? -1.485  0.987   5.963   1.00  22.06 ? 87  HOH B O   1 
HETATM 1605 O O   . HOH G 3 .   ? -7.949  -24.141 4.112   1.00  28.91 ? 95  HOH B O   1 
HETATM 1606 O O   . HOH G 3 .   ? -5.523  -21.732 11.244  1.00  24.86 ? 96  HOH B O   1 
HETATM 1607 O O   . HOH G 3 .   ? -5.003  -17.153 12.535  1.00  21.93 ? 97  HOH B O   1 
HETATM 1608 O O   . HOH G 3 .   ? -1.474  -1.073  9.335   1.00  26.98 ? 99  HOH B O   1 
HETATM 1609 O O   . HOH G 3 .   ? -0.043  -4.825  10.399  1.00  27.04 ? 100 HOH B O   1 
HETATM 1610 O O   . HOH G 3 .   ? -3.924  -5.087  12.322  1.00  29.41 ? 101 HOH B O   1 
HETATM 1611 O O   . HOH G 3 .   ? -0.469  -7.135  6.435   1.00  21.73 ? 104 HOH B O   1 
HETATM 1612 O O   . HOH G 3 .   ? -10.010 -24.655 2.051   1.00  25.97 ? 114 HOH B O   1 
HETATM 1613 O O   . HOH G 3 .   ? -12.833 -3.987  4.515   1.00  25.15 ? 115 HOH B O   1 
HETATM 1614 O O   . HOH G 3 .   ? -11.150 -3.894  2.150   1.00  24.02 ? 116 HOH B O   1 
HETATM 1615 O O   . HOH G 3 .   ? -12.387 -3.454  -0.141  1.00  28.95 ? 117 HOH B O   1 
HETATM 1616 O O   . HOH G 3 .   ? -6.735  -22.679 -3.691  1.00  24.79 ? 118 HOH B O   1 
HETATM 1617 O O   . HOH G 3 .   ? 7.393   -12.314 -2.479  1.00  9.48  ? 331 HOH B O   1 
# 
loop_
_pdbx_poly_seq_scheme.asym_id 
_pdbx_poly_seq_scheme.entity_id 
_pdbx_poly_seq_scheme.seq_id 
_pdbx_poly_seq_scheme.mon_id 
_pdbx_poly_seq_scheme.ndb_seq_num 
_pdbx_poly_seq_scheme.pdb_seq_num 
_pdbx_poly_seq_scheme.auth_seq_num 
_pdbx_poly_seq_scheme.pdb_mon_id 
_pdbx_poly_seq_scheme.auth_mon_id 
_pdbx_poly_seq_scheme.pdb_strand_id 
_pdbx_poly_seq_scheme.pdb_ins_code 
_pdbx_poly_seq_scheme.hetero 
A 1 1   MET 1   219 ?   ?   ?   A . n 
A 1 2   HIS 2   220 ?   ?   ?   A . n 
A 1 3   HIS 3   221 ?   ?   ?   A . n 
A 1 4   HIS 4   222 ?   ?   ?   A . n 
A 1 5   HIS 5   223 ?   ?   ?   A . n 
A 1 6   HIS 6   224 ?   ?   ?   A . n 
A 1 7   HIS 7   225 ?   ?   ?   A . n 
A 1 8   SER 8   226 ?   ?   ?   A . n 
A 1 9   SER 9   227 ?   ?   ?   A . n 
A 1 10  GLY 10  228 ?   ?   ?   A . n 
A 1 11  ARG 11  229 ?   ?   ?   A . n 
A 1 12  GLU 12  230 ?   ?   ?   A . n 
A 1 13  ASN 13  231 ?   ?   ?   A . n 
A 1 14  LEU 14  232 ?   ?   ?   A . n 
A 1 15  TYR 15  233 ?   ?   ?   A . n 
A 1 16  PHE 16  234 ?   ?   ?   A . n 
A 1 17  GLN 17  235 ?   ?   ?   A . n 
A 1 18  GLY 18  236 236 GLY GLY A . n 
A 1 19  VAL 19  237 237 VAL VAL A . n 
A 1 20  PRO 20  238 238 PRO PRO A . n 
A 1 21  PRO 21  239 239 PRO PRO A . n 
A 1 22  PHE 22  240 240 PHE PHE A . n 
A 1 23  GLN 23  241 241 GLN GLN A . n 
A 1 24  ASP 24  242 242 ASP ASP A . n 
A 1 25  CYS 25  243 243 CYS CYS A . n 
A 1 26  ILE 26  244 244 ILE ILE A . n 
A 1 27  LEU 27  245 245 LEU LEU A . n 
A 1 28  SER 28  246 246 SER SER A . n 
A 1 29  PHE 29  247 247 PHE PHE A . n 
A 1 30  LEU 30  248 248 LEU LEU A . n 
A 1 31  GLY 31  249 249 GLY GLY A . n 
A 1 32  PHE 32  250 250 PHE PHE A . n 
A 1 33  SER 33  251 251 SER SER A . n 
A 1 34  ASP 34  252 252 ASP ASP A . n 
A 1 35  GLU 35  253 253 GLU GLU A . n 
A 1 36  GLU 36  254 254 GLU GLU A . n 
A 1 37  LYS 37  255 255 LYS LYS A . n 
A 1 38  THR 38  256 256 THR THR A . n 
A 1 39  ASN 39  257 257 ASN ASN A . n 
A 1 40  MET 40  258 258 MET MET A . n 
A 1 41  GLU 41  259 259 GLU GLU A . n 
A 1 42  GLU 42  260 260 GLU GLU A . n 
A 1 43  MET 43  261 261 MET MET A . n 
A 1 44  THR 44  262 262 THR THR A . n 
A 1 45  GLU 45  263 263 GLU GLU A . n 
A 1 46  MET 46  264 264 MET MET A . n 
A 1 47  GLN 47  265 265 GLN GLN A . n 
A 1 48  GLY 48  266 266 GLY GLY A . n 
A 1 49  GLY 49  267 267 GLY GLY A . n 
A 1 50  LYS 50  268 268 LYS LYS A . n 
A 1 51  TYR 51  269 269 TYR TYR A . n 
A 1 52  LEU 52  270 270 LEU LEU A . n 
A 1 53  PRO 53  271 271 PRO PRO A . n 
A 1 54  LEU 54  272 272 LEU LEU A . n 
A 1 55  GLY 55  273 273 GLY GLY A . n 
A 1 56  ASP 56  274 274 ASP ASP A . n 
A 1 57  GLU 57  275 275 GLU GLU A . n 
A 1 58  ARG 58  276 276 ARG ARG A . n 
A 1 59  CYS 59  277 277 CYS CYS A . n 
A 1 60  THR 60  278 278 THR THR A . n 
A 1 61  HIS 61  279 279 HIS HIS A . n 
A 1 62  LEU 62  280 280 LEU LEU A . n 
A 1 63  VAL 63  281 281 VAL VAL A . n 
A 1 64  VAL 64  282 282 VAL VAL A . n 
A 1 65  GLU 65  283 283 GLU GLU A . n 
A 1 66  GLU 66  284 284 GLU GLU A . n 
A 1 67  ASN 67  285 285 ASN ASN A . n 
A 1 68  ILE 68  286 286 ILE ILE A . n 
A 1 69  VAL 69  287 287 VAL VAL A . n 
A 1 70  LYS 70  288 288 LYS LYS A . n 
A 1 71  ASP 71  289 289 ASP ASP A . n 
A 1 72  LEU 72  290 290 LEU LEU A . n 
A 1 73  PRO 73  291 291 PRO PRO A . n 
A 1 74  PHE 74  292 292 PHE PHE A . n 
A 1 75  GLU 75  293 293 GLU GLU A . n 
A 1 76  PRO 76  294 294 PRO PRO A . n 
A 1 77  SER 77  295 295 SER SER A . n 
A 1 78  LYS 78  296 296 LYS LYS A . n 
A 1 79  LYS 79  297 297 LYS LYS A . n 
A 1 80  LEU 80  298 298 LEU LEU A . n 
A 1 81  TYR 81  299 299 TYR TYR A . n 
A 1 82  VAL 82  300 300 VAL VAL A . n 
A 1 83  VAL 83  301 301 VAL VAL A . n 
A 1 84  LYS 84  302 302 LYS LYS A . n 
A 1 85  GLN 85  303 303 GLN GLN A . n 
A 1 86  GLU 86  304 304 GLU GLU A . n 
A 1 87  TRP 87  305 305 TRP TRP A . n 
A 1 88  PHE 88  306 306 PHE PHE A . n 
A 1 89  TRP 89  307 307 TRP TRP A . n 
A 1 90  GLY 90  308 308 GLY GLY A . n 
A 1 91  SER 91  309 309 SER SER A . n 
A 1 92  ILE 92  310 310 ILE ILE A . n 
A 1 93  GLN 93  311 311 GLN GLN A . n 
A 1 94  MET 94  312 312 MET MET A . n 
A 1 95  ASP 95  313 313 ASP ASP A . n 
A 1 96  ALA 96  314 314 ALA ALA A . n 
A 1 97  ARG 97  315 315 ARG ARG A . n 
A 1 98  ALA 98  316 316 ALA ALA A . n 
A 1 99  GLY 99  317 317 GLY GLY A . n 
A 1 100 GLU 100 318 318 GLU GLU A . n 
A 1 101 THR 101 319 319 THR THR A . n 
A 1 102 MET 102 320 320 MET MET A . n 
A 1 103 TYR 103 321 321 TYR TYR A . n 
A 1 104 LEU 104 322 322 LEU LEU A . n 
A 1 105 TYR 105 323 323 TYR TYR A . n 
A 1 106 GLU 106 324 324 GLU GLU A . n 
A 1 107 LYS 107 325 325 LYS LYS A . n 
A 1 108 ALA 108 326 ?   ?   ?   A . n 
A 1 109 ASN 109 327 ?   ?   ?   A . n 
A 1 110 THR 110 328 ?   ?   ?   A . n 
A 1 111 PRO 111 329 ?   ?   ?   A . n 
A 1 112 GLU 112 330 ?   ?   ?   A . n 
B 1 1   MET 1   219 ?   ?   ?   B . n 
B 1 2   HIS 2   220 ?   ?   ?   B . n 
B 1 3   HIS 3   221 ?   ?   ?   B . n 
B 1 4   HIS 4   222 ?   ?   ?   B . n 
B 1 5   HIS 5   223 ?   ?   ?   B . n 
B 1 6   HIS 6   224 ?   ?   ?   B . n 
B 1 7   HIS 7   225 ?   ?   ?   B . n 
B 1 8   SER 8   226 ?   ?   ?   B . n 
B 1 9   SER 9   227 ?   ?   ?   B . n 
B 1 10  GLY 10  228 ?   ?   ?   B . n 
B 1 11  ARG 11  229 ?   ?   ?   B . n 
B 1 12  GLU 12  230 ?   ?   ?   B . n 
B 1 13  ASN 13  231 ?   ?   ?   B . n 
B 1 14  LEU 14  232 ?   ?   ?   B . n 
B 1 15  TYR 15  233 ?   ?   ?   B . n 
B 1 16  PHE 16  234 ?   ?   ?   B . n 
B 1 17  GLN 17  235 ?   ?   ?   B . n 
B 1 18  GLY 18  236 236 GLY GLY B . n 
B 1 19  VAL 19  237 237 VAL VAL B . n 
B 1 20  PRO 20  238 238 PRO PRO B . n 
B 1 21  PRO 21  239 239 PRO PRO B . n 
B 1 22  PHE 22  240 240 PHE PHE B . n 
B 1 23  GLN 23  241 241 GLN GLN B . n 
B 1 24  ASP 24  242 242 ASP ASP B . n 
B 1 25  CYS 25  243 243 CYS CYS B . n 
B 1 26  ILE 26  244 244 ILE ILE B . n 
B 1 27  LEU 27  245 245 LEU LEU B . n 
B 1 28  SER 28  246 246 SER SER B . n 
B 1 29  PHE 29  247 247 PHE PHE B . n 
B 1 30  LEU 30  248 248 LEU LEU B . n 
B 1 31  GLY 31  249 249 GLY GLY B . n 
B 1 32  PHE 32  250 250 PHE PHE B . n 
B 1 33  SER 33  251 251 SER SER B . n 
B 1 34  ASP 34  252 252 ASP ASP B . n 
B 1 35  GLU 35  253 253 GLU GLU B . n 
B 1 36  GLU 36  254 254 GLU GLU B . n 
B 1 37  LYS 37  255 255 LYS LYS B . n 
B 1 38  THR 38  256 256 THR THR B . n 
B 1 39  ASN 39  257 257 ASN ASN B . n 
B 1 40  MET 40  258 258 MET MET B . n 
B 1 41  GLU 41  259 259 GLU GLU B . n 
B 1 42  GLU 42  260 260 GLU GLU B . n 
B 1 43  MET 43  261 261 MET MET B . n 
B 1 44  THR 44  262 262 THR THR B . n 
B 1 45  GLU 45  263 263 GLU GLU B . n 
B 1 46  MET 46  264 264 MET MET B . n 
B 1 47  GLN 47  265 265 GLN GLN B . n 
B 1 48  GLY 48  266 266 GLY GLY B . n 
B 1 49  GLY 49  267 267 GLY GLY B . n 
B 1 50  LYS 50  268 268 LYS LYS B . n 
B 1 51  TYR 51  269 269 TYR TYR B . n 
B 1 52  LEU 52  270 270 LEU LEU B . n 
B 1 53  PRO 53  271 271 PRO PRO B . n 
B 1 54  LEU 54  272 272 LEU LEU B . n 
B 1 55  GLY 55  273 273 GLY GLY B . n 
B 1 56  ASP 56  274 274 ASP ASP B . n 
B 1 57  GLU 57  275 275 GLU GLU B . n 
B 1 58  ARG 58  276 276 ARG ARG B . n 
B 1 59  CYS 59  277 277 CYS CYS B . n 
B 1 60  THR 60  278 278 THR THR B . n 
B 1 61  HIS 61  279 279 HIS HIS B . n 
B 1 62  LEU 62  280 280 LEU LEU B . n 
B 1 63  VAL 63  281 281 VAL VAL B . n 
B 1 64  VAL 64  282 282 VAL VAL B . n 
B 1 65  GLU 65  283 283 GLU GLU B . n 
B 1 66  GLU 66  284 284 GLU GLU B . n 
B 1 67  ASN 67  285 285 ASN ASN B . n 
B 1 68  ILE 68  286 286 ILE ILE B . n 
B 1 69  VAL 69  287 287 VAL VAL B . n 
B 1 70  LYS 70  288 288 LYS LYS B . n 
B 1 71  ASP 71  289 289 ASP ASP B . n 
B 1 72  LEU 72  290 290 LEU LEU B . n 
B 1 73  PRO 73  291 291 PRO PRO B . n 
B 1 74  PHE 74  292 292 PHE PHE B . n 
B 1 75  GLU 75  293 293 GLU GLU B . n 
B 1 76  PRO 76  294 294 PRO PRO B . n 
B 1 77  SER 77  295 295 SER SER B . n 
B 1 78  LYS 78  296 296 LYS LYS B . n 
B 1 79  LYS 79  297 297 LYS LYS B . n 
B 1 80  LEU 80  298 298 LEU LEU B . n 
B 1 81  TYR 81  299 299 TYR TYR B . n 
B 1 82  VAL 82  300 300 VAL VAL B . n 
B 1 83  VAL 83  301 301 VAL VAL B . n 
B 1 84  LYS 84  302 302 LYS LYS B . n 
B 1 85  GLN 85  303 303 GLN GLN B . n 
B 1 86  GLU 86  304 304 GLU GLU B . n 
B 1 87  TRP 87  305 305 TRP TRP B . n 
B 1 88  PHE 88  306 306 PHE PHE B . n 
B 1 89  TRP 89  307 307 TRP TRP B . n 
B 1 90  GLY 90  308 308 GLY GLY B . n 
B 1 91  SER 91  309 309 SER SER B . n 
B 1 92  ILE 92  310 310 ILE ILE B . n 
B 1 93  GLN 93  311 311 GLN GLN B . n 
B 1 94  MET 94  312 312 MET MET B . n 
B 1 95  ASP 95  313 313 ASP ASP B . n 
B 1 96  ALA 96  314 314 ALA ALA B . n 
B 1 97  ARG 97  315 315 ARG ARG B . n 
B 1 98  ALA 98  316 316 ALA ALA B . n 
B 1 99  GLY 99  317 317 GLY GLY B . n 
B 1 100 GLU 100 318 318 GLU GLU B . n 
B 1 101 THR 101 319 319 THR THR B . n 
B 1 102 MET 102 320 320 MET MET B . n 
B 1 103 TYR 103 321 321 TYR TYR B . n 
B 1 104 LEU 104 322 322 LEU LEU B . n 
B 1 105 TYR 105 323 323 TYR TYR B . n 
B 1 106 GLU 106 324 324 GLU GLU B . n 
B 1 107 LYS 107 325 325 LYS LYS B . n 
B 1 108 ALA 108 326 326 ALA ALA B . n 
B 1 109 ASN 109 327 327 ASN ASN B . n 
B 1 110 THR 110 328 328 THR THR B . n 
B 1 111 PRO 111 329 329 PRO PRO B . n 
B 1 112 GLU 112 330 330 GLU GLU B . n 
# 
_pdbx_SG_project.id                    1 
_pdbx_SG_project.project_name          ? 
_pdbx_SG_project.full_name_of_center   'Structural Genomics Consortium' 
_pdbx_SG_project.initial_of_center     SGC 
# 
loop_
_pdbx_nonpoly_scheme.asym_id 
_pdbx_nonpoly_scheme.entity_id 
_pdbx_nonpoly_scheme.mon_id 
_pdbx_nonpoly_scheme.ndb_seq_num 
_pdbx_nonpoly_scheme.pdb_seq_num 
_pdbx_nonpoly_scheme.auth_seq_num 
_pdbx_nonpoly_scheme.pdb_mon_id 
_pdbx_nonpoly_scheme.auth_mon_id 
_pdbx_nonpoly_scheme.pdb_strand_id 
_pdbx_nonpoly_scheme.pdb_ins_code 
C 2 UNX 1  3   3   UNX UNX A . 
D 2 UNX 1  1   1   UNX UNX B . 
E 2 UNX 1  2   2   UNX UNX B . 
F 3 HOH 1  1   1   HOH HOH A . 
F 3 HOH 2  4   4   HOH HOH A . 
F 3 HOH 3  5   5   HOH HOH A . 
F 3 HOH 4  7   7   HOH HOH A . 
F 3 HOH 5  9   9   HOH HOH A . 
F 3 HOH 6  11  11  HOH HOH A . 
F 3 HOH 7  15  15  HOH HOH A . 
F 3 HOH 8  18  18  HOH HOH A . 
F 3 HOH 9  20  20  HOH HOH A . 
F 3 HOH 10 25  25  HOH HOH A . 
F 3 HOH 11 26  26  HOH HOH A . 
F 3 HOH 12 28  28  HOH HOH A . 
F 3 HOH 13 36  36  HOH HOH A . 
F 3 HOH 14 37  37  HOH HOH A . 
F 3 HOH 15 44  44  HOH HOH A . 
F 3 HOH 16 45  45  HOH HOH A . 
F 3 HOH 17 46  46  HOH HOH A . 
F 3 HOH 18 48  48  HOH HOH A . 
F 3 HOH 19 50  50  HOH HOH A . 
F 3 HOH 20 64  64  HOH HOH A . 
F 3 HOH 21 65  65  HOH HOH A . 
F 3 HOH 22 83  83  HOH HOH A . 
F 3 HOH 23 84  84  HOH HOH A . 
F 3 HOH 24 85  85  HOH HOH A . 
F 3 HOH 25 86  86  HOH HOH A . 
F 3 HOH 26 88  88  HOH HOH A . 
F 3 HOH 27 89  89  HOH HOH A . 
F 3 HOH 28 90  90  HOH HOH A . 
F 3 HOH 29 91  91  HOH HOH A . 
F 3 HOH 30 92  92  HOH HOH A . 
F 3 HOH 31 93  93  HOH HOH A . 
F 3 HOH 32 94  94  HOH HOH A . 
F 3 HOH 33 98  98  HOH HOH A . 
F 3 HOH 34 102 102 HOH HOH A . 
F 3 HOH 35 103 103 HOH HOH A . 
F 3 HOH 36 105 105 HOH HOH A . 
F 3 HOH 37 106 106 HOH HOH A . 
F 3 HOH 38 107 107 HOH HOH A . 
F 3 HOH 39 108 108 HOH HOH A . 
F 3 HOH 40 109 109 HOH HOH A . 
F 3 HOH 41 110 110 HOH HOH A . 
F 3 HOH 42 111 111 HOH HOH A . 
F 3 HOH 43 112 112 HOH HOH A . 
F 3 HOH 44 113 113 HOH HOH A . 
F 3 HOH 45 119 119 HOH HOH A . 
F 3 HOH 46 331 3   HOH HOH A . 
G 3 HOH 1  6   6   HOH HOH B . 
G 3 HOH 2  8   8   HOH HOH B . 
G 3 HOH 3  10  10  HOH HOH B . 
G 3 HOH 4  12  12  HOH HOH B . 
G 3 HOH 5  13  13  HOH HOH B . 
G 3 HOH 6  14  14  HOH HOH B . 
G 3 HOH 7  16  16  HOH HOH B . 
G 3 HOH 8  17  17  HOH HOH B . 
G 3 HOH 9  19  19  HOH HOH B . 
G 3 HOH 10 21  21  HOH HOH B . 
G 3 HOH 11 22  22  HOH HOH B . 
G 3 HOH 12 23  23  HOH HOH B . 
G 3 HOH 13 24  24  HOH HOH B . 
G 3 HOH 14 27  27  HOH HOH B . 
G 3 HOH 15 29  29  HOH HOH B . 
G 3 HOH 16 30  30  HOH HOH B . 
G 3 HOH 17 31  31  HOH HOH B . 
G 3 HOH 18 32  32  HOH HOH B . 
G 3 HOH 19 33  33  HOH HOH B . 
G 3 HOH 20 34  34  HOH HOH B . 
G 3 HOH 21 35  35  HOH HOH B . 
G 3 HOH 22 38  38  HOH HOH B . 
G 3 HOH 23 39  39  HOH HOH B . 
G 3 HOH 24 40  40  HOH HOH B . 
G 3 HOH 25 41  41  HOH HOH B . 
G 3 HOH 26 42  42  HOH HOH B . 
G 3 HOH 27 43  43  HOH HOH B . 
G 3 HOH 28 47  47  HOH HOH B . 
G 3 HOH 29 49  49  HOH HOH B . 
G 3 HOH 30 51  51  HOH HOH B . 
G 3 HOH 31 52  52  HOH HOH B . 
G 3 HOH 32 53  53  HOH HOH B . 
G 3 HOH 33 54  54  HOH HOH B . 
G 3 HOH 34 55  55  HOH HOH B . 
G 3 HOH 35 56  56  HOH HOH B . 
G 3 HOH 36 57  57  HOH HOH B . 
G 3 HOH 37 58  58  HOH HOH B . 
G 3 HOH 38 59  59  HOH HOH B . 
G 3 HOH 39 60  60  HOH HOH B . 
G 3 HOH 40 61  61  HOH HOH B . 
G 3 HOH 41 62  62  HOH HOH B . 
G 3 HOH 42 63  63  HOH HOH B . 
G 3 HOH 43 66  66  HOH HOH B . 
G 3 HOH 44 67  67  HOH HOH B . 
G 3 HOH 45 68  68  HOH HOH B . 
G 3 HOH 46 69  69  HOH HOH B . 
G 3 HOH 47 70  70  HOH HOH B . 
G 3 HOH 48 71  71  HOH HOH B . 
G 3 HOH 49 72  72  HOH HOH B . 
G 3 HOH 50 73  73  HOH HOH B . 
G 3 HOH 51 74  74  HOH HOH B . 
G 3 HOH 52 75  75  HOH HOH B . 
G 3 HOH 53 76  76  HOH HOH B . 
G 3 HOH 54 77  77  HOH HOH B . 
G 3 HOH 55 78  78  HOH HOH B . 
G 3 HOH 56 79  79  HOH HOH B . 
G 3 HOH 57 80  80  HOH HOH B . 
G 3 HOH 58 81  81  HOH HOH B . 
G 3 HOH 59 82  82  HOH HOH B . 
G 3 HOH 60 87  87  HOH HOH B . 
G 3 HOH 61 95  95  HOH HOH B . 
G 3 HOH 62 96  96  HOH HOH B . 
G 3 HOH 63 97  97  HOH HOH B . 
G 3 HOH 64 99  99  HOH HOH B . 
G 3 HOH 65 100 100 HOH HOH B . 
G 3 HOH 66 101 101 HOH HOH B . 
G 3 HOH 67 104 104 HOH HOH B . 
G 3 HOH 68 114 114 HOH HOH B . 
G 3 HOH 69 115 115 HOH HOH B . 
G 3 HOH 70 116 116 HOH HOH B . 
G 3 HOH 71 117 117 HOH HOH B . 
G 3 HOH 72 118 118 HOH HOH B . 
G 3 HOH 73 331 2   HOH HOH B . 
# 
_pdbx_struct_assembly.id                   1 
_pdbx_struct_assembly.details              software_defined_assembly 
_pdbx_struct_assembly.method_details       PISA 
_pdbx_struct_assembly.oligomeric_details   dimeric 
_pdbx_struct_assembly.oligomeric_count     2 
# 
_pdbx_struct_assembly_gen.assembly_id       1 
_pdbx_struct_assembly_gen.oper_expression   1 
_pdbx_struct_assembly_gen.asym_id_list      A,B,C,D,E,F,G 
# 
loop_
_pdbx_struct_assembly_prop.biol_id 
_pdbx_struct_assembly_prop.type 
_pdbx_struct_assembly_prop.value 
_pdbx_struct_assembly_prop.details 
1 'ABSA (A^2)' 1280 ? 
1 MORE         -8   ? 
1 'SSA (A^2)'  9680 ? 
# 
_pdbx_struct_oper_list.id                   1 
_pdbx_struct_oper_list.type                 'identity operation' 
_pdbx_struct_oper_list.name                 1_555 
_pdbx_struct_oper_list.symmetry_operation   x,y,z 
_pdbx_struct_oper_list.matrix[1][1]         1.0000000000 
_pdbx_struct_oper_list.matrix[1][2]         0.0000000000 
_pdbx_struct_oper_list.matrix[1][3]         0.0000000000 
_pdbx_struct_oper_list.vector[1]            0.0000000000 
_pdbx_struct_oper_list.matrix[2][1]         0.0000000000 
_pdbx_struct_oper_list.matrix[2][2]         1.0000000000 
_pdbx_struct_oper_list.matrix[2][3]         0.0000000000 
_pdbx_struct_oper_list.vector[2]            0.0000000000 
_pdbx_struct_oper_list.matrix[3][1]         0.0000000000 
_pdbx_struct_oper_list.matrix[3][2]         0.0000000000 
_pdbx_struct_oper_list.matrix[3][3]         1.0000000000 
_pdbx_struct_oper_list.vector[3]            0.0000000000 
# 
loop_
_pdbx_audit_revision_history.ordinal 
_pdbx_audit_revision_history.data_content_type 
_pdbx_audit_revision_history.major_revision 
_pdbx_audit_revision_history.minor_revision 
_pdbx_audit_revision_history.revision_date 
1 'Structure model' 1 0 2010-01-12 
2 'Structure model' 1 1 2011-07-13 
3 'Structure model' 1 2 2014-12-17 
4 'Structure model' 1 3 2016-10-26 
5 'Structure model' 1 4 2017-11-01 
6 'Structure model' 1 5 2023-09-06 
# 
_pdbx_audit_revision_details.ordinal             1 
_pdbx_audit_revision_details.revision_ordinal    1 
_pdbx_audit_revision_details.data_content_type   'Structure model' 
_pdbx_audit_revision_details.provider            repository 
_pdbx_audit_revision_details.type                'Initial release' 
_pdbx_audit_revision_details.description         ? 
_pdbx_audit_revision_details.details             ? 
# 
loop_
_pdbx_audit_revision_group.ordinal 
_pdbx_audit_revision_group.revision_ordinal 
_pdbx_audit_revision_group.data_content_type 
_pdbx_audit_revision_group.group 
1 2 'Structure model' 'Version format compliance' 
2 3 'Structure model' 'Data collection'           
3 3 'Structure model' 'Version format compliance' 
4 4 'Structure model' Other                       
5 5 'Structure model' 'Refinement description'    
6 6 'Structure model' 'Data collection'           
7 6 'Structure model' 'Database references'       
8 6 'Structure model' 'Refinement description'    
# 
loop_
_pdbx_audit_revision_category.ordinal 
_pdbx_audit_revision_category.revision_ordinal 
_pdbx_audit_revision_category.data_content_type 
_pdbx_audit_revision_category.category 
1 5 'Structure model' software                      
2 6 'Structure model' chem_comp_atom                
3 6 'Structure model' chem_comp_bond                
4 6 'Structure model' database_2                    
5 6 'Structure model' pdbx_initial_refinement_model 
6 6 'Structure model' struct_ref_seq_dif            
# 
loop_
_pdbx_audit_revision_item.ordinal 
_pdbx_audit_revision_item.revision_ordinal 
_pdbx_audit_revision_item.data_content_type 
_pdbx_audit_revision_item.item 
1 6 'Structure model' '_database_2.pdbx_DOI'                
2 6 'Structure model' '_database_2.pdbx_database_accession' 
3 6 'Structure model' '_struct_ref_seq_dif.details'         
# 
_phasing.method   MR 
# 
loop_
_software.name 
_software.version 
_software.date 
_software.type 
_software.contact_author 
_software.contact_author_email 
_software.classification 
_software.location 
_software.language 
_software.citation_id 
_software.pdbx_ordinal 
DENZO       .        ?                    package 'Zbyszek Otwinowski' zbyszek@mix.swmed.edu       'data reduction'  
http://www.lnls.br/infra/linhasluz/denzo-hkl.htm ?          ? 1 
SCALEPACK   .        ?                    package 'Zbyszek Otwinowski' zbyszek@mix.swmed.edu       'data scaling'    
http://www.lnls.br/infra/linhasluz/denzo-hkl.htm ?          ? 2 
PHASER      .        ?                    other   'R. J. Read'         cimr-phaser@lists.cam.ac.uk phasing           
http://www-structmed.cimr.cam.ac.uk/phaser/      ?          ? 3 
REFMAC      5.5.0102 ?                    program 'Murshudov, G.N.'    ccp4@dl.ac.uk               refinement        
http://www.ccp4.ac.uk/main.html                  Fortran_77 ? 4 
PDB_EXTRACT 3.005    'September 10, 2007' package PDB                  sw-help@rcsb.rutgers.edu    'data extraction' 
http://pdb.rutgers.edu/software/                 C++        ? 5 
HKL-3000    .        ?                    ?       ?                    ?                           'data reduction'  ? ?          
? 6 
HKL-3000    .        ?                    ?       ?                    ?                           'data scaling'    ? ?          
? 7 
# 
loop_
_pdbx_validate_rmsd_angle.id 
_pdbx_validate_rmsd_angle.PDB_model_num 
_pdbx_validate_rmsd_angle.auth_atom_id_1 
_pdbx_validate_rmsd_angle.auth_asym_id_1 
_pdbx_validate_rmsd_angle.auth_comp_id_1 
_pdbx_validate_rmsd_angle.auth_seq_id_1 
_pdbx_validate_rmsd_angle.PDB_ins_code_1 
_pdbx_validate_rmsd_angle.label_alt_id_1 
_pdbx_validate_rmsd_angle.auth_atom_id_2 
_pdbx_validate_rmsd_angle.auth_asym_id_2 
_pdbx_validate_rmsd_angle.auth_comp_id_2 
_pdbx_validate_rmsd_angle.auth_seq_id_2 
_pdbx_validate_rmsd_angle.PDB_ins_code_2 
_pdbx_validate_rmsd_angle.label_alt_id_2 
_pdbx_validate_rmsd_angle.auth_atom_id_3 
_pdbx_validate_rmsd_angle.auth_asym_id_3 
_pdbx_validate_rmsd_angle.auth_comp_id_3 
_pdbx_validate_rmsd_angle.auth_seq_id_3 
_pdbx_validate_rmsd_angle.PDB_ins_code_3 
_pdbx_validate_rmsd_angle.label_alt_id_3 
_pdbx_validate_rmsd_angle.angle_value 
_pdbx_validate_rmsd_angle.angle_target_value 
_pdbx_validate_rmsd_angle.angle_deviation 
_pdbx_validate_rmsd_angle.angle_standard_deviation 
_pdbx_validate_rmsd_angle.linker_flag 
1 1 CB B ASP 289 ? ? CG B ASP 289 ? ? OD1 B ASP 289 ? ? 123.85 118.30 5.55  0.90 N 
2 1 CB B ASP 289 ? ? CG B ASP 289 ? ? OD2 B ASP 289 ? ? 111.63 118.30 -6.67 0.90 N 
# 
loop_
_pdbx_unobs_or_zero_occ_atoms.id 
_pdbx_unobs_or_zero_occ_atoms.PDB_model_num 
_pdbx_unobs_or_zero_occ_atoms.polymer_flag 
_pdbx_unobs_or_zero_occ_atoms.occupancy_flag 
_pdbx_unobs_or_zero_occ_atoms.auth_asym_id 
_pdbx_unobs_or_zero_occ_atoms.auth_comp_id 
_pdbx_unobs_or_zero_occ_atoms.auth_seq_id 
_pdbx_unobs_or_zero_occ_atoms.PDB_ins_code 
_pdbx_unobs_or_zero_occ_atoms.auth_atom_id 
_pdbx_unobs_or_zero_occ_atoms.label_alt_id 
_pdbx_unobs_or_zero_occ_atoms.label_asym_id 
_pdbx_unobs_or_zero_occ_atoms.label_comp_id 
_pdbx_unobs_or_zero_occ_atoms.label_seq_id 
_pdbx_unobs_or_zero_occ_atoms.label_atom_id 
1  1 Y 1 A GLU 253 ? CG  ? A GLU 35  CG  
2  1 Y 1 A GLU 253 ? CD  ? A GLU 35  CD  
3  1 Y 1 A GLU 253 ? OE1 ? A GLU 35  OE1 
4  1 Y 1 A GLU 253 ? OE2 ? A GLU 35  OE2 
5  1 Y 1 A GLU 275 ? CD  ? A GLU 57  CD  
6  1 Y 1 A GLU 275 ? OE1 ? A GLU 57  OE1 
7  1 Y 1 A GLU 275 ? OE2 ? A GLU 57  OE2 
8  1 Y 1 A GLU 293 ? CD  ? A GLU 75  CD  
9  1 Y 1 A GLU 293 ? OE1 ? A GLU 75  OE1 
10 1 Y 1 A GLU 293 ? OE2 ? A GLU 75  OE2 
11 1 Y 1 A LYS 296 ? CG  ? A LYS 78  CG  
12 1 Y 1 A LYS 296 ? CD  ? A LYS 78  CD  
13 1 Y 1 A LYS 296 ? CE  ? A LYS 78  CE  
14 1 Y 1 A LYS 296 ? NZ  ? A LYS 78  NZ  
15 1 Y 1 A LYS 297 ? CE  ? A LYS 79  CE  
16 1 Y 1 A LYS 297 ? NZ  ? A LYS 79  NZ  
17 1 Y 1 A LYS 325 ? CG  ? A LYS 107 CG  
18 1 Y 1 A LYS 325 ? CD  ? A LYS 107 CD  
19 1 Y 1 A LYS 325 ? CE  ? A LYS 107 CE  
20 1 Y 1 A LYS 325 ? NZ  ? A LYS 107 NZ  
21 1 Y 1 B LYS 268 ? CE  ? B LYS 50  CE  
22 1 Y 1 B LYS 268 ? NZ  ? B LYS 50  NZ  
23 1 Y 1 B GLU 275 ? CD  ? B GLU 57  CD  
24 1 Y 1 B GLU 275 ? OE1 ? B GLU 57  OE1 
25 1 Y 1 B GLU 275 ? OE2 ? B GLU 57  OE2 
26 1 Y 1 B LYS 296 ? CG  ? B LYS 78  CG  
27 1 Y 1 B LYS 296 ? CD  ? B LYS 78  CD  
28 1 Y 1 B LYS 296 ? CE  ? B LYS 78  CE  
29 1 Y 1 B LYS 296 ? NZ  ? B LYS 78  NZ  
30 1 Y 1 B LYS 297 ? CG  ? B LYS 79  CG  
31 1 Y 1 B LYS 297 ? CD  ? B LYS 79  CD  
32 1 Y 1 B LYS 297 ? CE  ? B LYS 79  CE  
33 1 Y 1 B LYS 297 ? NZ  ? B LYS 79  NZ  
34 1 Y 1 B LYS 302 ? CD  ? B LYS 84  CD  
35 1 Y 1 B LYS 302 ? CE  ? B LYS 84  CE  
36 1 Y 1 B LYS 302 ? NZ  ? B LYS 84  NZ  
37 1 Y 1 B GLU 330 ? CD  ? B GLU 112 CD  
38 1 Y 1 B GLU 330 ? OE1 ? B GLU 112 OE1 
39 1 Y 1 B GLU 330 ? OE2 ? B GLU 112 OE2 
# 
loop_
_pdbx_unobs_or_zero_occ_residues.id 
_pdbx_unobs_or_zero_occ_residues.PDB_model_num 
_pdbx_unobs_or_zero_occ_residues.polymer_flag 
_pdbx_unobs_or_zero_occ_residues.occupancy_flag 
_pdbx_unobs_or_zero_occ_residues.auth_asym_id 
_pdbx_unobs_or_zero_occ_residues.auth_comp_id 
_pdbx_unobs_or_zero_occ_residues.auth_seq_id 
_pdbx_unobs_or_zero_occ_residues.PDB_ins_code 
_pdbx_unobs_or_zero_occ_residues.label_asym_id 
_pdbx_unobs_or_zero_occ_residues.label_comp_id 
_pdbx_unobs_or_zero_occ_residues.label_seq_id 
1  1 Y 1 A MET 219 ? A MET 1   
2  1 Y 1 A HIS 220 ? A HIS 2   
3  1 Y 1 A HIS 221 ? A HIS 3   
4  1 Y 1 A HIS 222 ? A HIS 4   
5  1 Y 1 A HIS 223 ? A HIS 5   
6  1 Y 1 A HIS 224 ? A HIS 6   
7  1 Y 1 A HIS 225 ? A HIS 7   
8  1 Y 1 A SER 226 ? A SER 8   
9  1 Y 1 A SER 227 ? A SER 9   
10 1 Y 1 A GLY 228 ? A GLY 10  
11 1 Y 1 A ARG 229 ? A ARG 11  
12 1 Y 1 A GLU 230 ? A GLU 12  
13 1 Y 1 A ASN 231 ? A ASN 13  
14 1 Y 1 A LEU 232 ? A LEU 14  
15 1 Y 1 A TYR 233 ? A TYR 15  
16 1 Y 1 A PHE 234 ? A PHE 16  
17 1 Y 1 A GLN 235 ? A GLN 17  
18 1 Y 1 A ALA 326 ? A ALA 108 
19 1 Y 1 A ASN 327 ? A ASN 109 
20 1 Y 1 A THR 328 ? A THR 110 
21 1 Y 1 A PRO 329 ? A PRO 111 
22 1 Y 1 A GLU 330 ? A GLU 112 
23 1 Y 1 B MET 219 ? B MET 1   
24 1 Y 1 B HIS 220 ? B HIS 2   
25 1 Y 1 B HIS 221 ? B HIS 3   
26 1 Y 1 B HIS 222 ? B HIS 4   
27 1 Y 1 B HIS 223 ? B HIS 5   
28 1 Y 1 B HIS 224 ? B HIS 6   
29 1 Y 1 B HIS 225 ? B HIS 7   
30 1 Y 1 B SER 226 ? B SER 8   
31 1 Y 1 B SER 227 ? B SER 9   
32 1 Y 1 B GLY 228 ? B GLY 10  
33 1 Y 1 B ARG 229 ? B ARG 11  
34 1 Y 1 B GLU 230 ? B GLU 12  
35 1 Y 1 B ASN 231 ? B ASN 13  
36 1 Y 1 B LEU 232 ? B LEU 14  
37 1 Y 1 B TYR 233 ? B TYR 15  
38 1 Y 1 B PHE 234 ? B PHE 16  
39 1 Y 1 B GLN 235 ? B GLN 17  
# 
loop_
_chem_comp_atom.comp_id 
_chem_comp_atom.atom_id 
_chem_comp_atom.type_symbol 
_chem_comp_atom.pdbx_aromatic_flag 
_chem_comp_atom.pdbx_stereo_config 
_chem_comp_atom.pdbx_ordinal 
ALA N    N N N 1   
ALA CA   C N S 2   
ALA C    C N N 3   
ALA O    O N N 4   
ALA CB   C N N 5   
ALA OXT  O N N 6   
ALA H    H N N 7   
ALA H2   H N N 8   
ALA HA   H N N 9   
ALA HB1  H N N 10  
ALA HB2  H N N 11  
ALA HB3  H N N 12  
ALA HXT  H N N 13  
ARG N    N N N 14  
ARG CA   C N S 15  
ARG C    C N N 16  
ARG O    O N N 17  
ARG CB   C N N 18  
ARG CG   C N N 19  
ARG CD   C N N 20  
ARG NE   N N N 21  
ARG CZ   C N N 22  
ARG NH1  N N N 23  
ARG NH2  N N N 24  
ARG OXT  O N N 25  
ARG H    H N N 26  
ARG H2   H N N 27  
ARG HA   H N N 28  
ARG HB2  H N N 29  
ARG HB3  H N N 30  
ARG HG2  H N N 31  
ARG HG3  H N N 32  
ARG HD2  H N N 33  
ARG HD3  H N N 34  
ARG HE   H N N 35  
ARG HH11 H N N 36  
ARG HH12 H N N 37  
ARG HH21 H N N 38  
ARG HH22 H N N 39  
ARG HXT  H N N 40  
ASN N    N N N 41  
ASN CA   C N S 42  
ASN C    C N N 43  
ASN O    O N N 44  
ASN CB   C N N 45  
ASN CG   C N N 46  
ASN OD1  O N N 47  
ASN ND2  N N N 48  
ASN OXT  O N N 49  
ASN H    H N N 50  
ASN H2   H N N 51  
ASN HA   H N N 52  
ASN HB2  H N N 53  
ASN HB3  H N N 54  
ASN HD21 H N N 55  
ASN HD22 H N N 56  
ASN HXT  H N N 57  
ASP N    N N N 58  
ASP CA   C N S 59  
ASP C    C N N 60  
ASP O    O N N 61  
ASP CB   C N N 62  
ASP CG   C N N 63  
ASP OD1  O N N 64  
ASP OD2  O N N 65  
ASP OXT  O N N 66  
ASP H    H N N 67  
ASP H2   H N N 68  
ASP HA   H N N 69  
ASP HB2  H N N 70  
ASP HB3  H N N 71  
ASP HD2  H N N 72  
ASP HXT  H N N 73  
CYS N    N N N 74  
CYS CA   C N R 75  
CYS C    C N N 76  
CYS O    O N N 77  
CYS CB   C N N 78  
CYS SG   S N N 79  
CYS OXT  O N N 80  
CYS H    H N N 81  
CYS H2   H N N 82  
CYS HA   H N N 83  
CYS HB2  H N N 84  
CYS HB3  H N N 85  
CYS HG   H N N 86  
CYS HXT  H N N 87  
GLN N    N N N 88  
GLN CA   C N S 89  
GLN C    C N N 90  
GLN O    O N N 91  
GLN CB   C N N 92  
GLN CG   C N N 93  
GLN CD   C N N 94  
GLN OE1  O N N 95  
GLN NE2  N N N 96  
GLN OXT  O N N 97  
GLN H    H N N 98  
GLN H2   H N N 99  
GLN HA   H N N 100 
GLN HB2  H N N 101 
GLN HB3  H N N 102 
GLN HG2  H N N 103 
GLN HG3  H N N 104 
GLN HE21 H N N 105 
GLN HE22 H N N 106 
GLN HXT  H N N 107 
GLU N    N N N 108 
GLU CA   C N S 109 
GLU C    C N N 110 
GLU O    O N N 111 
GLU CB   C N N 112 
GLU CG   C N N 113 
GLU CD   C N N 114 
GLU OE1  O N N 115 
GLU OE2  O N N 116 
GLU OXT  O N N 117 
GLU H    H N N 118 
GLU H2   H N N 119 
GLU HA   H N N 120 
GLU HB2  H N N 121 
GLU HB3  H N N 122 
GLU HG2  H N N 123 
GLU HG3  H N N 124 
GLU HE2  H N N 125 
GLU HXT  H N N 126 
GLY N    N N N 127 
GLY CA   C N N 128 
GLY C    C N N 129 
GLY O    O N N 130 
GLY OXT  O N N 131 
GLY H    H N N 132 
GLY H2   H N N 133 
GLY HA2  H N N 134 
GLY HA3  H N N 135 
GLY HXT  H N N 136 
HIS N    N N N 137 
HIS CA   C N S 138 
HIS C    C N N 139 
HIS O    O N N 140 
HIS CB   C N N 141 
HIS CG   C Y N 142 
HIS ND1  N Y N 143 
HIS CD2  C Y N 144 
HIS CE1  C Y N 145 
HIS NE2  N Y N 146 
HIS OXT  O N N 147 
HIS H    H N N 148 
HIS H2   H N N 149 
HIS HA   H N N 150 
HIS HB2  H N N 151 
HIS HB3  H N N 152 
HIS HD1  H N N 153 
HIS HD2  H N N 154 
HIS HE1  H N N 155 
HIS HE2  H N N 156 
HIS HXT  H N N 157 
HOH O    O N N 158 
HOH H1   H N N 159 
HOH H2   H N N 160 
ILE N    N N N 161 
ILE CA   C N S 162 
ILE C    C N N 163 
ILE O    O N N 164 
ILE CB   C N S 165 
ILE CG1  C N N 166 
ILE CG2  C N N 167 
ILE CD1  C N N 168 
ILE OXT  O N N 169 
ILE H    H N N 170 
ILE H2   H N N 171 
ILE HA   H N N 172 
ILE HB   H N N 173 
ILE HG12 H N N 174 
ILE HG13 H N N 175 
ILE HG21 H N N 176 
ILE HG22 H N N 177 
ILE HG23 H N N 178 
ILE HD11 H N N 179 
ILE HD12 H N N 180 
ILE HD13 H N N 181 
ILE HXT  H N N 182 
LEU N    N N N 183 
LEU CA   C N S 184 
LEU C    C N N 185 
LEU O    O N N 186 
LEU CB   C N N 187 
LEU CG   C N N 188 
LEU CD1  C N N 189 
LEU CD2  C N N 190 
LEU OXT  O N N 191 
LEU H    H N N 192 
LEU H2   H N N 193 
LEU HA   H N N 194 
LEU HB2  H N N 195 
LEU HB3  H N N 196 
LEU HG   H N N 197 
LEU HD11 H N N 198 
LEU HD12 H N N 199 
LEU HD13 H N N 200 
LEU HD21 H N N 201 
LEU HD22 H N N 202 
LEU HD23 H N N 203 
LEU HXT  H N N 204 
LYS N    N N N 205 
LYS CA   C N S 206 
LYS C    C N N 207 
LYS O    O N N 208 
LYS CB   C N N 209 
LYS CG   C N N 210 
LYS CD   C N N 211 
LYS CE   C N N 212 
LYS NZ   N N N 213 
LYS OXT  O N N 214 
LYS H    H N N 215 
LYS H2   H N N 216 
LYS HA   H N N 217 
LYS HB2  H N N 218 
LYS HB3  H N N 219 
LYS HG2  H N N 220 
LYS HG3  H N N 221 
LYS HD2  H N N 222 
LYS HD3  H N N 223 
LYS HE2  H N N 224 
LYS HE3  H N N 225 
LYS HZ1  H N N 226 
LYS HZ2  H N N 227 
LYS HZ3  H N N 228 
LYS HXT  H N N 229 
MET N    N N N 230 
MET CA   C N S 231 
MET C    C N N 232 
MET O    O N N 233 
MET CB   C N N 234 
MET CG   C N N 235 
MET SD   S N N 236 
MET CE   C N N 237 
MET OXT  O N N 238 
MET H    H N N 239 
MET H2   H N N 240 
MET HA   H N N 241 
MET HB2  H N N 242 
MET HB3  H N N 243 
MET HG2  H N N 244 
MET HG3  H N N 245 
MET HE1  H N N 246 
MET HE2  H N N 247 
MET HE3  H N N 248 
MET HXT  H N N 249 
PHE N    N N N 250 
PHE CA   C N S 251 
PHE C    C N N 252 
PHE O    O N N 253 
PHE CB   C N N 254 
PHE CG   C Y N 255 
PHE CD1  C Y N 256 
PHE CD2  C Y N 257 
PHE CE1  C Y N 258 
PHE CE2  C Y N 259 
PHE CZ   C Y N 260 
PHE OXT  O N N 261 
PHE H    H N N 262 
PHE H2   H N N 263 
PHE HA   H N N 264 
PHE HB2  H N N 265 
PHE HB3  H N N 266 
PHE HD1  H N N 267 
PHE HD2  H N N 268 
PHE HE1  H N N 269 
PHE HE2  H N N 270 
PHE HZ   H N N 271 
PHE HXT  H N N 272 
PRO N    N N N 273 
PRO CA   C N S 274 
PRO C    C N N 275 
PRO O    O N N 276 
PRO CB   C N N 277 
PRO CG   C N N 278 
PRO CD   C N N 279 
PRO OXT  O N N 280 
PRO H    H N N 281 
PRO HA   H N N 282 
PRO HB2  H N N 283 
PRO HB3  H N N 284 
PRO HG2  H N N 285 
PRO HG3  H N N 286 
PRO HD2  H N N 287 
PRO HD3  H N N 288 
PRO HXT  H N N 289 
SER N    N N N 290 
SER CA   C N S 291 
SER C    C N N 292 
SER O    O N N 293 
SER CB   C N N 294 
SER OG   O N N 295 
SER OXT  O N N 296 
SER H    H N N 297 
SER H2   H N N 298 
SER HA   H N N 299 
SER HB2  H N N 300 
SER HB3  H N N 301 
SER HG   H N N 302 
SER HXT  H N N 303 
THR N    N N N 304 
THR CA   C N S 305 
THR C    C N N 306 
THR O    O N N 307 
THR CB   C N R 308 
THR OG1  O N N 309 
THR CG2  C N N 310 
THR OXT  O N N 311 
THR H    H N N 312 
THR H2   H N N 313 
THR HA   H N N 314 
THR HB   H N N 315 
THR HG1  H N N 316 
THR HG21 H N N 317 
THR HG22 H N N 318 
THR HG23 H N N 319 
THR HXT  H N N 320 
TRP N    N N N 321 
TRP CA   C N S 322 
TRP C    C N N 323 
TRP O    O N N 324 
TRP CB   C N N 325 
TRP CG   C Y N 326 
TRP CD1  C Y N 327 
TRP CD2  C Y N 328 
TRP NE1  N Y N 329 
TRP CE2  C Y N 330 
TRP CE3  C Y N 331 
TRP CZ2  C Y N 332 
TRP CZ3  C Y N 333 
TRP CH2  C Y N 334 
TRP OXT  O N N 335 
TRP H    H N N 336 
TRP H2   H N N 337 
TRP HA   H N N 338 
TRP HB2  H N N 339 
TRP HB3  H N N 340 
TRP HD1  H N N 341 
TRP HE1  H N N 342 
TRP HE3  H N N 343 
TRP HZ2  H N N 344 
TRP HZ3  H N N 345 
TRP HH2  H N N 346 
TRP HXT  H N N 347 
TYR N    N N N 348 
TYR CA   C N S 349 
TYR C    C N N 350 
TYR O    O N N 351 
TYR CB   C N N 352 
TYR CG   C Y N 353 
TYR CD1  C Y N 354 
TYR CD2  C Y N 355 
TYR CE1  C Y N 356 
TYR CE2  C Y N 357 
TYR CZ   C Y N 358 
TYR OH   O N N 359 
TYR OXT  O N N 360 
TYR H    H N N 361 
TYR H2   H N N 362 
TYR HA   H N N 363 
TYR HB2  H N N 364 
TYR HB3  H N N 365 
TYR HD1  H N N 366 
TYR HD2  H N N 367 
TYR HE1  H N N 368 
TYR HE2  H N N 369 
TYR HH   H N N 370 
TYR HXT  H N N 371 
VAL N    N N N 372 
VAL CA   C N S 373 
VAL C    C N N 374 
VAL O    O N N 375 
VAL CB   C N N 376 
VAL CG1  C N N 377 
VAL CG2  C N N 378 
VAL OXT  O N N 379 
VAL H    H N N 380 
VAL H2   H N N 381 
VAL HA   H N N 382 
VAL HB   H N N 383 
VAL HG11 H N N 384 
VAL HG12 H N N 385 
VAL HG13 H N N 386 
VAL HG21 H N N 387 
VAL HG22 H N N 388 
VAL HG23 H N N 389 
VAL HXT  H N N 390 
# 
loop_
_chem_comp_bond.comp_id 
_chem_comp_bond.atom_id_1 
_chem_comp_bond.atom_id_2 
_chem_comp_bond.value_order 
_chem_comp_bond.pdbx_aromatic_flag 
_chem_comp_bond.pdbx_stereo_config 
_chem_comp_bond.pdbx_ordinal 
ALA N   CA   sing N N 1   
ALA N   H    sing N N 2   
ALA N   H2   sing N N 3   
ALA CA  C    sing N N 4   
ALA CA  CB   sing N N 5   
ALA CA  HA   sing N N 6   
ALA C   O    doub N N 7   
ALA C   OXT  sing N N 8   
ALA CB  HB1  sing N N 9   
ALA CB  HB2  sing N N 10  
ALA CB  HB3  sing N N 11  
ALA OXT HXT  sing N N 12  
ARG N   CA   sing N N 13  
ARG N   H    sing N N 14  
ARG N   H2   sing N N 15  
ARG CA  C    sing N N 16  
ARG CA  CB   sing N N 17  
ARG CA  HA   sing N N 18  
ARG C   O    doub N N 19  
ARG C   OXT  sing N N 20  
ARG CB  CG   sing N N 21  
ARG CB  HB2  sing N N 22  
ARG CB  HB3  sing N N 23  
ARG CG  CD   sing N N 24  
ARG CG  HG2  sing N N 25  
ARG CG  HG3  sing N N 26  
ARG CD  NE   sing N N 27  
ARG CD  HD2  sing N N 28  
ARG CD  HD3  sing N N 29  
ARG NE  CZ   sing N N 30  
ARG NE  HE   sing N N 31  
ARG CZ  NH1  sing N N 32  
ARG CZ  NH2  doub N N 33  
ARG NH1 HH11 sing N N 34  
ARG NH1 HH12 sing N N 35  
ARG NH2 HH21 sing N N 36  
ARG NH2 HH22 sing N N 37  
ARG OXT HXT  sing N N 38  
ASN N   CA   sing N N 39  
ASN N   H    sing N N 40  
ASN N   H2   sing N N 41  
ASN CA  C    sing N N 42  
ASN CA  CB   sing N N 43  
ASN CA  HA   sing N N 44  
ASN C   O    doub N N 45  
ASN C   OXT  sing N N 46  
ASN CB  CG   sing N N 47  
ASN CB  HB2  sing N N 48  
ASN CB  HB3  sing N N 49  
ASN CG  OD1  doub N N 50  
ASN CG  ND2  sing N N 51  
ASN ND2 HD21 sing N N 52  
ASN ND2 HD22 sing N N 53  
ASN OXT HXT  sing N N 54  
ASP N   CA   sing N N 55  
ASP N   H    sing N N 56  
ASP N   H2   sing N N 57  
ASP CA  C    sing N N 58  
ASP CA  CB   sing N N 59  
ASP CA  HA   sing N N 60  
ASP C   O    doub N N 61  
ASP C   OXT  sing N N 62  
ASP CB  CG   sing N N 63  
ASP CB  HB2  sing N N 64  
ASP CB  HB3  sing N N 65  
ASP CG  OD1  doub N N 66  
ASP CG  OD2  sing N N 67  
ASP OD2 HD2  sing N N 68  
ASP OXT HXT  sing N N 69  
CYS N   CA   sing N N 70  
CYS N   H    sing N N 71  
CYS N   H2   sing N N 72  
CYS CA  C    sing N N 73  
CYS CA  CB   sing N N 74  
CYS CA  HA   sing N N 75  
CYS C   O    doub N N 76  
CYS C   OXT  sing N N 77  
CYS CB  SG   sing N N 78  
CYS CB  HB2  sing N N 79  
CYS CB  HB3  sing N N 80  
CYS SG  HG   sing N N 81  
CYS OXT HXT  sing N N 82  
GLN N   CA   sing N N 83  
GLN N   H    sing N N 84  
GLN N   H2   sing N N 85  
GLN CA  C    sing N N 86  
GLN CA  CB   sing N N 87  
GLN CA  HA   sing N N 88  
GLN C   O    doub N N 89  
GLN C   OXT  sing N N 90  
GLN CB  CG   sing N N 91  
GLN CB  HB2  sing N N 92  
GLN CB  HB3  sing N N 93  
GLN CG  CD   sing N N 94  
GLN CG  HG2  sing N N 95  
GLN CG  HG3  sing N N 96  
GLN CD  OE1  doub N N 97  
GLN CD  NE2  sing N N 98  
GLN NE2 HE21 sing N N 99  
GLN NE2 HE22 sing N N 100 
GLN OXT HXT  sing N N 101 
GLU N   CA   sing N N 102 
GLU N   H    sing N N 103 
GLU N   H2   sing N N 104 
GLU CA  C    sing N N 105 
GLU CA  CB   sing N N 106 
GLU CA  HA   sing N N 107 
GLU C   O    doub N N 108 
GLU C   OXT  sing N N 109 
GLU CB  CG   sing N N 110 
GLU CB  HB2  sing N N 111 
GLU CB  HB3  sing N N 112 
GLU CG  CD   sing N N 113 
GLU CG  HG2  sing N N 114 
GLU CG  HG3  sing N N 115 
GLU CD  OE1  doub N N 116 
GLU CD  OE2  sing N N 117 
GLU OE2 HE2  sing N N 118 
GLU OXT HXT  sing N N 119 
GLY N   CA   sing N N 120 
GLY N   H    sing N N 121 
GLY N   H2   sing N N 122 
GLY CA  C    sing N N 123 
GLY CA  HA2  sing N N 124 
GLY CA  HA3  sing N N 125 
GLY C   O    doub N N 126 
GLY C   OXT  sing N N 127 
GLY OXT HXT  sing N N 128 
HIS N   CA   sing N N 129 
HIS N   H    sing N N 130 
HIS N   H2   sing N N 131 
HIS CA  C    sing N N 132 
HIS CA  CB   sing N N 133 
HIS CA  HA   sing N N 134 
HIS C   O    doub N N 135 
HIS C   OXT  sing N N 136 
HIS CB  CG   sing N N 137 
HIS CB  HB2  sing N N 138 
HIS CB  HB3  sing N N 139 
HIS CG  ND1  sing Y N 140 
HIS CG  CD2  doub Y N 141 
HIS ND1 CE1  doub Y N 142 
HIS ND1 HD1  sing N N 143 
HIS CD2 NE2  sing Y N 144 
HIS CD2 HD2  sing N N 145 
HIS CE1 NE2  sing Y N 146 
HIS CE1 HE1  sing N N 147 
HIS NE2 HE2  sing N N 148 
HIS OXT HXT  sing N N 149 
HOH O   H1   sing N N 150 
HOH O   H2   sing N N 151 
ILE N   CA   sing N N 152 
ILE N   H    sing N N 153 
ILE N   H2   sing N N 154 
ILE CA  C    sing N N 155 
ILE CA  CB   sing N N 156 
ILE CA  HA   sing N N 157 
ILE C   O    doub N N 158 
ILE C   OXT  sing N N 159 
ILE CB  CG1  sing N N 160 
ILE CB  CG2  sing N N 161 
ILE CB  HB   sing N N 162 
ILE CG1 CD1  sing N N 163 
ILE CG1 HG12 sing N N 164 
ILE CG1 HG13 sing N N 165 
ILE CG2 HG21 sing N N 166 
ILE CG2 HG22 sing N N 167 
ILE CG2 HG23 sing N N 168 
ILE CD1 HD11 sing N N 169 
ILE CD1 HD12 sing N N 170 
ILE CD1 HD13 sing N N 171 
ILE OXT HXT  sing N N 172 
LEU N   CA   sing N N 173 
LEU N   H    sing N N 174 
LEU N   H2   sing N N 175 
LEU CA  C    sing N N 176 
LEU CA  CB   sing N N 177 
LEU CA  HA   sing N N 178 
LEU C   O    doub N N 179 
LEU C   OXT  sing N N 180 
LEU CB  CG   sing N N 181 
LEU CB  HB2  sing N N 182 
LEU CB  HB3  sing N N 183 
LEU CG  CD1  sing N N 184 
LEU CG  CD2  sing N N 185 
LEU CG  HG   sing N N 186 
LEU CD1 HD11 sing N N 187 
LEU CD1 HD12 sing N N 188 
LEU CD1 HD13 sing N N 189 
LEU CD2 HD21 sing N N 190 
LEU CD2 HD22 sing N N 191 
LEU CD2 HD23 sing N N 192 
LEU OXT HXT  sing N N 193 
LYS N   CA   sing N N 194 
LYS N   H    sing N N 195 
LYS N   H2   sing N N 196 
LYS CA  C    sing N N 197 
LYS CA  CB   sing N N 198 
LYS CA  HA   sing N N 199 
LYS C   O    doub N N 200 
LYS C   OXT  sing N N 201 
LYS CB  CG   sing N N 202 
LYS CB  HB2  sing N N 203 
LYS CB  HB3  sing N N 204 
LYS CG  CD   sing N N 205 
LYS CG  HG2  sing N N 206 
LYS CG  HG3  sing N N 207 
LYS CD  CE   sing N N 208 
LYS CD  HD2  sing N N 209 
LYS CD  HD3  sing N N 210 
LYS CE  NZ   sing N N 211 
LYS CE  HE2  sing N N 212 
LYS CE  HE3  sing N N 213 
LYS NZ  HZ1  sing N N 214 
LYS NZ  HZ2  sing N N 215 
LYS NZ  HZ3  sing N N 216 
LYS OXT HXT  sing N N 217 
MET N   CA   sing N N 218 
MET N   H    sing N N 219 
MET N   H2   sing N N 220 
MET CA  C    sing N N 221 
MET CA  CB   sing N N 222 
MET CA  HA   sing N N 223 
MET C   O    doub N N 224 
MET C   OXT  sing N N 225 
MET CB  CG   sing N N 226 
MET CB  HB2  sing N N 227 
MET CB  HB3  sing N N 228 
MET CG  SD   sing N N 229 
MET CG  HG2  sing N N 230 
MET CG  HG3  sing N N 231 
MET SD  CE   sing N N 232 
MET CE  HE1  sing N N 233 
MET CE  HE2  sing N N 234 
MET CE  HE3  sing N N 235 
MET OXT HXT  sing N N 236 
PHE N   CA   sing N N 237 
PHE N   H    sing N N 238 
PHE N   H2   sing N N 239 
PHE CA  C    sing N N 240 
PHE CA  CB   sing N N 241 
PHE CA  HA   sing N N 242 
PHE C   O    doub N N 243 
PHE C   OXT  sing N N 244 
PHE CB  CG   sing N N 245 
PHE CB  HB2  sing N N 246 
PHE CB  HB3  sing N N 247 
PHE CG  CD1  doub Y N 248 
PHE CG  CD2  sing Y N 249 
PHE CD1 CE1  sing Y N 250 
PHE CD1 HD1  sing N N 251 
PHE CD2 CE2  doub Y N 252 
PHE CD2 HD2  sing N N 253 
PHE CE1 CZ   doub Y N 254 
PHE CE1 HE1  sing N N 255 
PHE CE2 CZ   sing Y N 256 
PHE CE2 HE2  sing N N 257 
PHE CZ  HZ   sing N N 258 
PHE OXT HXT  sing N N 259 
PRO N   CA   sing N N 260 
PRO N   CD   sing N N 261 
PRO N   H    sing N N 262 
PRO CA  C    sing N N 263 
PRO CA  CB   sing N N 264 
PRO CA  HA   sing N N 265 
PRO C   O    doub N N 266 
PRO C   OXT  sing N N 267 
PRO CB  CG   sing N N 268 
PRO CB  HB2  sing N N 269 
PRO CB  HB3  sing N N 270 
PRO CG  CD   sing N N 271 
PRO CG  HG2  sing N N 272 
PRO CG  HG3  sing N N 273 
PRO CD  HD2  sing N N 274 
PRO CD  HD3  sing N N 275 
PRO OXT HXT  sing N N 276 
SER N   CA   sing N N 277 
SER N   H    sing N N 278 
SER N   H2   sing N N 279 
SER CA  C    sing N N 280 
SER CA  CB   sing N N 281 
SER CA  HA   sing N N 282 
SER C   O    doub N N 283 
SER C   OXT  sing N N 284 
SER CB  OG   sing N N 285 
SER CB  HB2  sing N N 286 
SER CB  HB3  sing N N 287 
SER OG  HG   sing N N 288 
SER OXT HXT  sing N N 289 
THR N   CA   sing N N 290 
THR N   H    sing N N 291 
THR N   H2   sing N N 292 
THR CA  C    sing N N 293 
THR CA  CB   sing N N 294 
THR CA  HA   sing N N 295 
THR C   O    doub N N 296 
THR C   OXT  sing N N 297 
THR CB  OG1  sing N N 298 
THR CB  CG2  sing N N 299 
THR CB  HB   sing N N 300 
THR OG1 HG1  sing N N 301 
THR CG2 HG21 sing N N 302 
THR CG2 HG22 sing N N 303 
THR CG2 HG23 sing N N 304 
THR OXT HXT  sing N N 305 
TRP N   CA   sing N N 306 
TRP N   H    sing N N 307 
TRP N   H2   sing N N 308 
TRP CA  C    sing N N 309 
TRP CA  CB   sing N N 310 
TRP CA  HA   sing N N 311 
TRP C   O    doub N N 312 
TRP C   OXT  sing N N 313 
TRP CB  CG   sing N N 314 
TRP CB  HB2  sing N N 315 
TRP CB  HB3  sing N N 316 
TRP CG  CD1  doub Y N 317 
TRP CG  CD2  sing Y N 318 
TRP CD1 NE1  sing Y N 319 
TRP CD1 HD1  sing N N 320 
TRP CD2 CE2  doub Y N 321 
TRP CD2 CE3  sing Y N 322 
TRP NE1 CE2  sing Y N 323 
TRP NE1 HE1  sing N N 324 
TRP CE2 CZ2  sing Y N 325 
TRP CE3 CZ3  doub Y N 326 
TRP CE3 HE3  sing N N 327 
TRP CZ2 CH2  doub Y N 328 
TRP CZ2 HZ2  sing N N 329 
TRP CZ3 CH2  sing Y N 330 
TRP CZ3 HZ3  sing N N 331 
TRP CH2 HH2  sing N N 332 
TRP OXT HXT  sing N N 333 
TYR N   CA   sing N N 334 
TYR N   H    sing N N 335 
TYR N   H2   sing N N 336 
TYR CA  C    sing N N 337 
TYR CA  CB   sing N N 338 
TYR CA  HA   sing N N 339 
TYR C   O    doub N N 340 
TYR C   OXT  sing N N 341 
TYR CB  CG   sing N N 342 
TYR CB  HB2  sing N N 343 
TYR CB  HB3  sing N N 344 
TYR CG  CD1  doub Y N 345 
TYR CG  CD2  sing Y N 346 
TYR CD1 CE1  sing Y N 347 
TYR CD1 HD1  sing N N 348 
TYR CD2 CE2  doub Y N 349 
TYR CD2 HD2  sing N N 350 
TYR CE1 CZ   doub Y N 351 
TYR CE1 HE1  sing N N 352 
TYR CE2 CZ   sing Y N 353 
TYR CE2 HE2  sing N N 354 
TYR CZ  OH   sing N N 355 
TYR OH  HH   sing N N 356 
TYR OXT HXT  sing N N 357 
VAL N   CA   sing N N 358 
VAL N   H    sing N N 359 
VAL N   H2   sing N N 360 
VAL CA  C    sing N N 361 
VAL CA  CB   sing N N 362 
VAL CA  HA   sing N N 363 
VAL C   O    doub N N 364 
VAL C   OXT  sing N N 365 
VAL CB  CG1  sing N N 366 
VAL CB  CG2  sing N N 367 
VAL CB  HB   sing N N 368 
VAL CG1 HG11 sing N N 369 
VAL CG1 HG12 sing N N 370 
VAL CG1 HG13 sing N N 371 
VAL CG2 HG21 sing N N 372 
VAL CG2 HG22 sing N N 373 
VAL CG2 HG23 sing N N 374 
VAL OXT HXT  sing N N 375 
# 
loop_
_pdbx_entity_nonpoly.entity_id 
_pdbx_entity_nonpoly.name 
_pdbx_entity_nonpoly.comp_id 
2 'UNKNOWN ATOM OR ION' UNX 
3 water                 HOH 
# 
_pdbx_initial_refinement_model.id               1 
_pdbx_initial_refinement_model.entity_id_list   ? 
_pdbx_initial_refinement_model.type             'experimental model' 
_pdbx_initial_refinement_model.source_name      PDB 
_pdbx_initial_refinement_model.accession_code   2COU 
_pdbx_initial_refinement_model.details          'pdb entry 2COU' 
# 
